data_5WYF
#
_entry.id   5WYF
#
_cell.length_a   59.514
_cell.length_b   85.277
_cell.length_c   186.566
_cell.angle_alpha   90.000
_cell.angle_beta   96.930
_cell.angle_gamma   90.000
#
_symmetry.space_group_name_H-M   'P 1 21 1'
#
loop_
_entity.id
_entity.type
_entity.pdbx_description
1 polymer 'Isoleucine 2-epimerase'
2 non-polymer N-[O-PHOSPHONO-PYRIDOXYL]-ISOLEUCINE
3 non-polymer 'CADMIUM ION'
4 water water
#
_entity_poly.entity_id   1
_entity_poly.type   'polypeptide(L)'
_entity_poly.pdbx_seq_one_letter_code
;GSGGIEGRHMELMGKLDKASKLIDEENKYYARSARINYYNLVIDHAHGATLVDVDGNKYIDLLASASAINVGHTHEKVVK
AIADQAQKLIHYTPAYFHHVPGMELSEKLAKIAPGNSPKMVSFGNSGSDANDAIIKFARAYTGRQYIVSYMGSYHGSTYG
SQTLSGSSLNMTRKIGPMLPSVVHVPYPDSYRTYPGETEHDVSLRYFNEFKKPFESFLPADETACVLIEPIQGDGGIIKA
PEEYMQLVYKFCHEHGILFAIDEVNQGLGRTGKMWAIQQFKDIEPDLMSVGKSLASGMPLSAVIGKKEVMQSLDAPAHLF
TTAGNPVCSAASLATLDVIEYEGLVEKSATDGAYAKQRFLEMQQRHPMIGDVRMWGLNGGIELVKDPKTKEPDSDAATKV
IYYAFAHGVVIITLAGNILRFQPPLVIPREQLDQALQVLDDAFTAVENGEVTIPKDTGKIGW
;
_entity_poly.pdbx_strand_id   A,B,C,D
#
loop_
_chem_comp.id
_chem_comp.type
_chem_comp.name
_chem_comp.formula
CD non-polymer 'CADMIUM ION' 'Cd 2'
ILP non-polymer N-[O-PHOSPHONO-PYRIDOXYL]-ISOLEUCINE 'C14 H23 N2 O7 P'
#
# COMPACT_ATOMS: atom_id res chain seq x y z
N MET A 13 10.39 34.27 -36.94
CA MET A 13 11.87 34.57 -37.01
C MET A 13 12.12 36.04 -36.73
N GLY A 14 12.71 36.28 -35.57
CA GLY A 14 12.70 37.62 -34.99
C GLY A 14 11.30 38.04 -34.61
N LYS A 15 10.40 37.09 -34.40
CA LYS A 15 8.99 37.42 -34.09
C LYS A 15 8.53 36.90 -32.73
N LEU A 16 9.44 36.23 -32.03
CA LEU A 16 9.16 35.54 -30.77
C LEU A 16 10.11 36.02 -29.69
N ASP A 17 10.58 37.28 -29.79
CA ASP A 17 11.60 37.74 -28.85
C ASP A 17 11.08 37.96 -27.46
N LYS A 18 9.95 38.68 -27.31
CA LYS A 18 9.35 38.89 -25.98
C LYS A 18 8.98 37.54 -25.30
N ALA A 19 8.37 36.65 -26.06
CA ALA A 19 8.02 35.34 -25.55
C ALA A 19 9.26 34.60 -25.05
N SER A 20 10.33 34.58 -25.83
CA SER A 20 11.54 33.84 -25.44
C SER A 20 12.19 34.34 -24.11
N LYS A 21 12.24 35.66 -23.98
CA LYS A 21 12.73 36.30 -22.78
C LYS A 21 11.86 36.01 -21.53
N LEU A 22 10.55 36.22 -21.62
CA LEU A 22 9.64 35.91 -20.49
C LEU A 22 9.71 34.43 -20.07
N ILE A 23 9.81 33.51 -21.02
CA ILE A 23 9.94 32.09 -20.75
C ILE A 23 11.27 31.80 -19.99
N ASP A 24 12.39 32.31 -20.52
CA ASP A 24 13.71 32.19 -19.85
C ASP A 24 13.66 32.70 -18.41
N GLU A 25 12.89 33.77 -18.12
CA GLU A 25 12.70 34.24 -16.71
C GLU A 25 11.80 33.29 -15.87
N GLU A 26 10.66 32.90 -16.43
CA GLU A 26 9.72 31.95 -15.80
C GLU A 26 10.46 30.68 -15.37
N ASN A 27 11.26 30.10 -16.25
CA ASN A 27 12.02 28.87 -15.92
C ASN A 27 12.98 28.94 -14.67
N LYS A 28 13.40 30.14 -14.24
CA LYS A 28 14.10 30.37 -12.94
C LYS A 28 13.26 30.13 -11.69
N TYR A 29 11.94 30.30 -11.84
CA TYR A 29 11.00 30.32 -10.72
C TYR A 29 9.90 29.24 -10.72
N TYR A 30 9.57 28.71 -11.90
CA TYR A 30 8.45 27.78 -12.05
C TYR A 30 8.97 26.38 -12.36
N ALA A 31 8.64 25.40 -11.51
CA ALA A 31 9.25 24.08 -11.55
C ALA A 31 9.12 23.45 -12.93
N ARG A 32 10.18 22.79 -13.42
CA ARG A 32 10.10 22.21 -14.75
C ARG A 32 9.04 21.09 -14.87
N SER A 33 8.73 20.39 -13.77
CA SER A 33 7.75 19.29 -13.78
C SER A 33 6.29 19.73 -14.02
N ALA A 34 6.06 21.04 -14.03
CA ALA A 34 4.73 21.61 -14.12
C ALA A 34 4.28 21.91 -15.53
N ARG A 35 5.13 21.62 -16.52
CA ARG A 35 4.80 21.93 -17.89
C ARG A 35 5.42 20.94 -18.85
N ILE A 36 4.61 20.43 -19.78
CA ILE A 36 5.12 19.73 -20.95
C ILE A 36 5.39 20.79 -22.06
N ASN A 37 6.66 21.04 -22.34
CA ASN A 37 7.07 22.06 -23.33
C ASN A 37 6.99 21.66 -24.78
N TYR A 38 6.55 22.61 -25.62
CA TYR A 38 6.47 22.40 -27.06
C TYR A 38 7.19 23.50 -27.85
N TYR A 39 6.74 24.73 -27.67
CA TYR A 39 7.32 25.92 -28.33
C TYR A 39 7.10 27.19 -27.51
N ASN A 40 7.74 28.28 -27.92
CA ASN A 40 7.71 29.54 -27.16
C ASN A 40 6.45 30.36 -27.48
N LEU A 41 5.33 29.90 -26.91
CA LEU A 41 4.03 30.55 -27.12
C LEU A 41 3.58 31.07 -25.77
N VAL A 42 3.58 32.38 -25.67
CA VAL A 42 3.07 33.07 -24.52
C VAL A 42 1.82 33.82 -24.97
N ILE A 43 0.67 33.40 -24.45
CA ILE A 43 -0.60 33.97 -24.89
C ILE A 43 -0.88 35.24 -24.13
N ASP A 44 -1.26 36.28 -24.88
CA ASP A 44 -1.62 37.60 -24.34
C ASP A 44 -3.13 37.73 -24.22
N HIS A 45 -3.82 37.43 -25.32
CA HIS A 45 -5.26 37.44 -25.32
C HIS A 45 -5.79 36.59 -26.43
N ALA A 46 -7.08 36.30 -26.31
CA ALA A 46 -7.69 35.35 -27.23
C ALA A 46 -9.16 35.54 -27.33
N HIS A 47 -9.72 35.06 -28.44
CA HIS A 47 -11.11 35.09 -28.65
C HIS A 47 -11.46 34.10 -29.70
N GLY A 48 -12.51 33.31 -29.44
CA GLY A 48 -12.91 32.30 -30.40
C GLY A 48 -11.82 31.23 -30.50
N ALA A 49 -11.43 30.90 -31.73
CA ALA A 49 -10.28 30.07 -31.97
C ALA A 49 -9.02 30.89 -32.24
N THR A 50 -9.02 32.17 -31.94
CA THR A 50 -7.85 33.01 -32.31
C THR A 50 -7.06 33.33 -31.08
N LEU A 51 -5.76 32.97 -31.11
CA LEU A 51 -4.84 33.39 -30.04
C LEU A 51 -3.90 34.47 -30.55
N VAL A 52 -3.60 35.42 -29.66
CA VAL A 52 -2.67 36.48 -29.96
C VAL A 52 -1.63 36.44 -28.87
N ASP A 53 -0.36 36.30 -29.29
CA ASP A 53 0.76 36.19 -28.35
C ASP A 53 1.22 37.57 -27.92
N VAL A 54 2.14 37.63 -26.97
CA VAL A 54 2.63 38.90 -26.42
C VAL A 54 3.47 39.65 -27.48
N ASP A 55 4.01 38.92 -28.47
CA ASP A 55 4.72 39.52 -29.61
C ASP A 55 3.78 40.03 -30.74
N GLY A 56 2.46 39.93 -30.54
CA GLY A 56 1.46 40.44 -31.52
C GLY A 56 1.14 39.43 -32.63
N ASN A 57 1.72 38.23 -32.58
CA ASN A 57 1.42 37.19 -33.61
C ASN A 57 0.11 36.48 -33.35
N LYS A 58 -0.51 35.98 -34.41
CA LYS A 58 -1.86 35.44 -34.35
C LYS A 58 -1.88 33.98 -34.77
N TYR A 59 -2.69 33.15 -34.09
CA TYR A 59 -2.70 31.75 -34.43
C TYR A 59 -4.10 31.19 -34.30
N ILE A 60 -4.32 30.15 -35.07
CA ILE A 60 -5.49 29.35 -34.98
C ILE A 60 -5.20 28.22 -33.95
N ASP A 61 -6.12 28.11 -33.00
CA ASP A 61 -6.00 27.23 -31.86
C ASP A 61 -6.52 25.85 -32.21
N LEU A 62 -5.63 24.85 -32.30
CA LEU A 62 -6.07 23.45 -32.51
C LEU A 62 -5.89 22.52 -31.28
N LEU A 63 -5.73 23.15 -30.12
CA LEU A 63 -5.57 22.46 -28.84
C LEU A 63 -6.68 22.81 -27.82
N ALA A 64 -7.23 24.02 -27.90
CA ALA A 64 -8.28 24.49 -27.03
C ALA A 64 -7.89 24.29 -25.59
N SER A 65 -6.64 24.58 -25.26
CA SER A 65 -6.13 24.42 -23.90
C SER A 65 -6.39 23.01 -23.36
N ALA A 66 -6.04 21.99 -24.15
CA ALA A 66 -6.26 20.58 -23.83
C ALA A 66 -7.73 20.26 -23.58
N SER A 67 -8.55 20.71 -24.51
CA SER A 67 -10.01 20.55 -24.52
C SER A 67 -10.79 21.23 -23.41
N ALA A 68 -10.25 22.32 -22.90
CA ALA A 68 -10.91 23.17 -21.90
C ALA A 68 -11.70 24.38 -22.49
N ILE A 69 -11.63 24.57 -23.81
CA ILE A 69 -12.11 25.76 -24.47
C ILE A 69 -13.05 25.38 -25.62
N ASN A 70 -13.99 24.47 -25.30
CA ASN A 70 -14.97 24.00 -26.24
C ASN A 70 -15.85 25.13 -26.82
N VAL A 71 -16.16 26.13 -26.00
CA VAL A 71 -16.98 27.25 -26.46
C VAL A 71 -16.15 28.44 -27.00
N GLY A 72 -14.85 28.21 -27.20
CA GLY A 72 -13.93 29.23 -27.66
C GLY A 72 -13.50 30.20 -26.59
N HIS A 73 -12.39 30.86 -26.83
CA HIS A 73 -11.82 31.81 -25.88
C HIS A 73 -12.65 33.06 -25.66
N THR A 74 -12.71 33.48 -24.41
CA THR A 74 -13.42 34.69 -24.01
C THR A 74 -14.83 34.82 -24.58
N HIS A 75 -15.66 33.79 -24.45
CA HIS A 75 -17.03 33.89 -24.94
C HIS A 75 -17.63 35.02 -24.12
N GLU A 76 -18.34 35.90 -24.78
CA GLU A 76 -18.75 37.10 -24.06
C GLU A 76 -19.80 36.78 -23.00
N LYS A 77 -20.59 35.74 -23.21
CA LYS A 77 -21.53 35.26 -22.17
C LYS A 77 -20.79 34.76 -20.94
N VAL A 78 -19.64 34.13 -21.15
CA VAL A 78 -18.87 33.55 -20.06
C VAL A 78 -18.13 34.65 -19.33
N VAL A 79 -17.52 35.55 -20.10
CA VAL A 79 -16.88 36.78 -19.53
C VAL A 79 -17.89 37.57 -18.68
N LYS A 80 -19.04 37.79 -19.28
CA LYS A 80 -20.11 38.50 -18.62
C LYS A 80 -20.46 37.84 -17.29
N ALA A 81 -20.59 36.51 -17.31
CA ALA A 81 -21.01 35.78 -16.13
C ALA A 81 -19.94 35.90 -15.02
N ILE A 82 -18.68 35.78 -15.41
CA ILE A 82 -17.57 35.92 -14.47
C ILE A 82 -17.61 37.29 -13.81
N ALA A 83 -17.72 38.33 -14.61
CA ALA A 83 -17.62 39.73 -14.10
C ALA A 83 -18.79 40.07 -13.20
N ASP A 84 -19.98 39.75 -13.64
CA ASP A 84 -21.17 40.04 -12.81
C ASP A 84 -21.16 39.22 -11.54
N GLN A 85 -20.73 37.94 -11.60
CA GLN A 85 -20.74 37.13 -10.40
C GLN A 85 -19.71 37.64 -9.38
N ALA A 86 -18.56 38.05 -9.89
CA ALA A 86 -17.48 38.53 -9.07
C ALA A 86 -17.87 39.76 -8.30
N GLN A 87 -18.74 40.55 -8.90
CA GLN A 87 -19.23 41.76 -8.24
C GLN A 87 -20.10 41.44 -7.02
N LYS A 88 -20.84 40.34 -7.06
CA LYS A 88 -21.66 39.96 -5.93
C LYS A 88 -20.94 39.13 -4.87
N LEU A 89 -20.26 38.07 -5.32
CA LEU A 89 -19.54 37.18 -4.43
C LEU A 89 -18.41 36.44 -5.14
N ILE A 90 -17.15 36.74 -4.81
CA ILE A 90 -16.03 36.04 -5.43
C ILE A 90 -16.02 34.56 -5.00
N HIS A 91 -16.25 34.35 -3.70
CA HIS A 91 -16.37 33.02 -3.10
C HIS A 91 -17.07 32.92 -1.75
N TYR A 92 -17.85 31.87 -1.59
CA TYR A 92 -18.13 31.30 -0.28
C TYR A 92 -18.19 29.81 -0.51
N THR A 93 -17.43 29.06 0.28
CA THR A 93 -17.25 27.63 0.03
C THR A 93 -18.59 26.87 0.21
N PRO A 94 -18.98 26.06 -0.81
CA PRO A 94 -20.15 25.23 -0.56
C PRO A 94 -19.87 24.06 0.40
N ALA A 95 -18.61 23.92 0.86
CA ALA A 95 -18.25 22.90 1.86
C ALA A 95 -18.81 23.17 3.28
N TYR A 96 -19.29 24.41 3.45
CA TYR A 96 -19.93 24.83 4.68
C TYR A 96 -21.33 25.41 4.41
N PHE A 97 -21.41 26.32 3.44
CA PHE A 97 -22.64 27.03 3.07
C PHE A 97 -23.04 26.92 1.60
N HIS A 98 -24.08 27.65 1.19
CA HIS A 98 -24.59 27.60 -0.18
C HIS A 98 -24.73 28.92 -0.97
N HIS A 99 -24.75 28.80 -2.29
CA HIS A 99 -24.92 29.90 -3.25
C HIS A 99 -25.69 29.39 -4.46
N VAL A 100 -26.34 30.32 -5.15
CA VAL A 100 -27.27 29.97 -6.21
C VAL A 100 -26.60 29.45 -7.47
N PRO A 101 -25.54 30.10 -7.94
CA PRO A 101 -24.94 29.45 -9.13
C PRO A 101 -24.55 27.95 -8.94
N GLY A 102 -24.03 27.60 -7.78
CA GLY A 102 -23.63 26.20 -7.48
C GLY A 102 -24.81 25.24 -7.38
N MET A 103 -25.92 25.71 -6.81
CA MET A 103 -27.17 24.94 -6.66
C MET A 103 -27.83 24.67 -7.98
N GLU A 104 -27.97 25.73 -8.77
CA GLU A 104 -28.48 25.59 -10.14
C GLU A 104 -27.55 24.67 -10.97
N LEU A 105 -26.23 24.83 -10.84
CA LEU A 105 -25.31 24.01 -11.67
C LEU A 105 -25.29 22.51 -11.29
N SER A 106 -25.28 22.21 -10.00
CA SER A 106 -25.24 20.82 -9.54
C SER A 106 -26.44 20.04 -10.01
N GLU A 107 -27.58 20.70 -9.91
CA GLU A 107 -28.81 20.16 -10.38
C GLU A 107 -28.82 19.91 -11.89
N LYS A 108 -28.39 20.91 -12.66
CA LYS A 108 -28.35 20.80 -14.09
C LYS A 108 -27.41 19.68 -14.55
N LEU A 109 -26.23 19.62 -13.97
CA LEU A 109 -25.30 18.53 -14.23
C LEU A 109 -25.90 17.14 -13.88
N ALA A 110 -26.57 17.02 -12.74
CA ALA A 110 -27.25 15.75 -12.45
C ALA A 110 -28.25 15.34 -13.57
N LYS A 111 -28.92 16.31 -14.21
CA LYS A 111 -29.88 16.02 -15.27
C LYS A 111 -29.32 15.78 -16.68
N ILE A 112 -28.32 16.57 -17.09
CA ILE A 112 -27.73 16.44 -18.43
C ILE A 112 -26.69 15.32 -18.56
N ALA A 113 -26.24 14.76 -17.44
CA ALA A 113 -25.39 13.56 -17.46
C ALA A 113 -26.09 12.47 -18.27
N PRO A 114 -25.33 11.53 -18.88
CA PRO A 114 -25.88 10.50 -19.72
C PRO A 114 -26.80 9.51 -18.96
N GLY A 115 -27.85 9.10 -19.66
CA GLY A 115 -28.83 8.13 -19.12
C GLY A 115 -29.90 8.73 -18.22
N ASN A 116 -30.78 7.88 -17.72
CA ASN A 116 -32.00 8.35 -17.04
C ASN A 116 -32.12 8.07 -15.57
N SER A 117 -31.18 7.30 -15.01
CA SER A 117 -31.19 7.02 -13.61
C SER A 117 -30.91 8.33 -12.86
N PRO A 118 -31.62 8.58 -11.76
CA PRO A 118 -31.30 9.82 -11.01
C PRO A 118 -29.85 9.88 -10.55
N LYS A 119 -29.27 11.06 -10.63
CA LYS A 119 -27.87 11.28 -10.24
C LYS A 119 -27.69 12.36 -9.18
N MET A 120 -26.57 12.32 -8.47
CA MET A 120 -26.07 13.40 -7.66
C MET A 120 -24.65 13.80 -8.08
N VAL A 121 -24.24 14.95 -7.58
CA VAL A 121 -23.04 15.63 -7.98
C VAL A 121 -22.21 15.97 -6.75
N SER A 122 -20.90 15.90 -6.91
CA SER A 122 -20.01 16.51 -5.98
C SER A 122 -18.97 17.31 -6.75
N PHE A 123 -18.78 18.58 -6.38
CA PHE A 123 -17.84 19.42 -7.08
C PHE A 123 -16.40 19.24 -6.60
N GLY A 124 -15.49 19.34 -7.55
CA GLY A 124 -14.10 19.69 -7.25
C GLY A 124 -13.53 20.91 -8.03
N ASN A 125 -12.22 20.97 -8.07
CA ASN A 125 -11.50 21.99 -8.84
C ASN A 125 -10.86 21.49 -10.13
N SER A 126 -10.61 20.18 -10.19
CA SER A 126 -9.81 19.55 -11.27
C SER A 126 -10.37 18.19 -11.61
N GLY A 127 -10.18 17.77 -12.87
CA GLY A 127 -10.47 16.41 -13.28
C GLY A 127 -9.72 15.39 -12.40
N SER A 128 -8.54 15.78 -11.96
CA SER A 128 -7.76 14.94 -11.02
C SER A 128 -8.54 14.62 -9.76
N ASP A 129 -9.07 15.64 -9.09
CA ASP A 129 -9.80 15.37 -7.85
C ASP A 129 -11.16 14.62 -8.01
N ALA A 130 -11.83 14.79 -9.16
CA ALA A 130 -13.03 14.09 -9.44
C ALA A 130 -12.74 12.61 -9.63
N ASN A 131 -11.59 12.26 -10.20
CA ASN A 131 -11.24 10.85 -10.36
C ASN A 131 -10.78 10.23 -9.03
N ASP A 132 -10.28 11.07 -8.13
CA ASP A 132 -9.97 10.63 -6.78
C ASP A 132 -11.31 10.27 -6.13
N ALA A 133 -12.35 11.08 -6.38
CA ALA A 133 -13.68 10.85 -5.83
C ALA A 133 -14.29 9.58 -6.35
N ILE A 134 -14.06 9.28 -7.61
CA ILE A 134 -14.60 8.04 -8.18
C ILE A 134 -14.08 6.84 -7.38
N ILE A 135 -12.79 6.87 -7.10
CA ILE A 135 -12.19 5.84 -6.23
C ILE A 135 -12.95 5.76 -4.90
N LYS A 136 -13.11 6.93 -4.27
CA LYS A 136 -13.78 7.03 -2.98
C LYS A 136 -15.18 6.47 -3.03
N PHE A 137 -15.96 6.99 -3.97
CA PHE A 137 -17.37 6.66 -4.01
C PHE A 137 -17.57 5.19 -4.33
N ALA A 138 -16.81 4.66 -5.28
CA ALA A 138 -16.89 3.25 -5.66
C ALA A 138 -16.54 2.32 -4.54
N ARG A 139 -15.45 2.61 -3.85
CA ARG A 139 -15.04 1.76 -2.73
C ARG A 139 -16.09 1.81 -1.60
N ALA A 140 -16.67 2.97 -1.37
CA ALA A 140 -17.59 3.09 -0.23
C ALA A 140 -18.95 2.42 -0.55
N TYR A 141 -19.46 2.66 -1.74
CA TYR A 141 -20.69 2.06 -2.15
C TYR A 141 -20.63 0.54 -2.24
N THR A 142 -19.59 -0.01 -2.86
CA THR A 142 -19.41 -1.45 -2.98
C THR A 142 -18.85 -2.17 -1.76
N GLY A 143 -18.20 -1.46 -0.85
CA GLY A 143 -17.39 -2.12 0.17
C GLY A 143 -16.18 -2.90 -0.33
N ARG A 144 -15.69 -2.63 -1.52
CA ARG A 144 -14.57 -3.37 -2.11
C ARG A 144 -13.47 -2.37 -2.40
N GLN A 145 -12.25 -2.85 -2.50
CA GLN A 145 -11.08 -2.00 -2.54
C GLN A 145 -10.41 -1.85 -3.91
N TYR A 146 -10.51 -2.84 -4.78
CA TYR A 146 -9.64 -2.84 -5.96
C TYR A 146 -10.23 -1.96 -7.00
N ILE A 147 -9.37 -1.26 -7.70
CA ILE A 147 -9.74 -0.42 -8.83
C ILE A 147 -8.99 -0.87 -10.07
N VAL A 148 -9.70 -0.93 -11.19
CA VAL A 148 -9.13 -1.30 -12.46
C VAL A 148 -9.20 -0.08 -13.36
N SER A 149 -8.06 0.27 -13.93
CA SER A 149 -7.94 1.35 -14.88
C SER A 149 -6.98 0.92 -16.00
N TYR A 150 -6.67 1.81 -16.95
CA TYR A 150 -6.07 1.34 -18.24
C TYR A 150 -4.66 1.89 -18.44
N MET A 151 -3.81 1.02 -19.00
CA MET A 151 -2.57 1.43 -19.63
C MET A 151 -2.92 2.45 -20.68
N GLY A 152 -2.07 3.42 -20.87
CA GLY A 152 -2.38 4.53 -21.75
C GLY A 152 -3.28 5.64 -21.21
N SER A 153 -3.87 5.46 -20.03
CA SER A 153 -4.84 6.42 -19.52
C SER A 153 -4.19 7.65 -18.94
N TYR A 154 -4.98 8.71 -18.81
CA TYR A 154 -4.63 9.80 -18.01
C TYR A 154 -5.84 10.23 -17.19
N HIS A 155 -5.72 10.22 -15.85
CA HIS A 155 -6.78 10.61 -14.95
C HIS A 155 -6.49 11.77 -14.00
N GLY A 156 -5.23 12.13 -13.86
CA GLY A 156 -4.86 13.29 -13.12
C GLY A 156 -3.57 13.13 -12.37
N SER A 157 -3.31 14.10 -11.49
CA SER A 157 -2.04 14.29 -10.82
C SER A 157 -2.18 14.37 -9.29
N THR A 158 -3.31 13.94 -8.75
CA THR A 158 -3.41 13.68 -7.32
C THR A 158 -3.18 12.22 -7.17
N TYR A 159 -2.81 11.79 -5.96
CA TYR A 159 -2.24 10.46 -5.75
C TYR A 159 -3.14 9.29 -6.17
N GLY A 160 -4.46 9.46 -5.98
CA GLY A 160 -5.42 8.47 -6.42
C GLY A 160 -5.44 8.41 -7.92
N SER A 161 -5.86 9.51 -8.56
CA SER A 161 -5.98 9.67 -10.03
C SER A 161 -4.68 9.41 -10.83
N GLN A 162 -3.57 9.84 -10.22
CA GLN A 162 -2.25 9.62 -10.80
C GLN A 162 -1.83 8.15 -10.80
N THR A 163 -2.26 7.41 -9.80
CA THR A 163 -1.97 5.98 -9.75
C THR A 163 -2.76 5.24 -10.83
N LEU A 164 -4.01 5.62 -11.02
CA LEU A 164 -4.89 5.08 -12.09
C LEU A 164 -4.30 5.28 -13.47
N SER A 165 -3.59 6.38 -13.62
CA SER A 165 -3.00 6.73 -14.91
C SER A 165 -1.90 5.81 -15.42
N GLY A 166 -1.75 5.83 -16.73
CA GLY A 166 -0.71 5.06 -17.40
C GLY A 166 -0.19 5.68 -18.65
N SER A 167 0.03 6.97 -18.66
CA SER A 167 0.41 7.65 -19.91
C SER A 167 1.79 8.27 -19.85
N SER A 168 2.42 8.29 -18.67
CA SER A 168 3.80 8.68 -18.57
C SER A 168 4.44 8.08 -17.31
N LEU A 169 5.64 7.55 -17.51
CA LEU A 169 6.42 7.05 -16.42
C LEU A 169 6.87 8.09 -15.45
N ASN A 170 6.95 9.35 -15.87
CA ASN A 170 7.24 10.44 -14.95
C ASN A 170 6.08 10.69 -13.99
N MET A 171 4.96 10.06 -14.23
CA MET A 171 3.88 10.09 -13.21
C MET A 171 3.99 9.02 -12.11
N THR A 172 4.94 8.11 -12.21
CA THR A 172 5.23 7.10 -11.22
C THR A 172 6.65 7.28 -10.57
N ARG A 173 7.62 7.73 -11.37
CA ARG A 173 8.99 7.82 -10.91
C ARG A 173 9.24 8.72 -9.72
N LYS A 174 9.90 8.14 -8.72
CA LYS A 174 10.37 8.76 -7.49
C LYS A 174 9.33 9.22 -6.48
N ILE A 175 8.05 8.96 -6.72
CA ILE A 175 7.01 9.44 -5.83
C ILE A 175 6.22 8.35 -5.13
N GLY A 176 6.53 7.11 -5.45
CA GLY A 176 5.87 5.98 -4.81
C GLY A 176 6.29 5.78 -3.34
N PRO A 177 5.66 4.84 -2.62
CA PRO A 177 4.53 4.03 -3.16
C PRO A 177 3.25 4.83 -3.48
N MET A 178 2.54 4.35 -4.50
CA MET A 178 1.35 4.98 -5.02
C MET A 178 0.18 4.36 -4.21
N LEU A 179 -1.03 4.61 -4.65
CA LEU A 179 -2.24 4.13 -3.98
C LEU A 179 -2.39 2.65 -4.20
N PRO A 180 -2.58 1.92 -3.11
CA PRO A 180 -2.60 0.49 -3.29
C PRO A 180 -3.88 -0.02 -3.89
N SER A 181 -3.83 -1.28 -4.31
CA SER A 181 -5.03 -2.03 -4.78
C SER A 181 -5.62 -1.51 -6.07
N VAL A 182 -4.74 -1.06 -6.96
CA VAL A 182 -5.07 -0.65 -8.29
C VAL A 182 -4.38 -1.62 -9.29
N VAL A 183 -5.11 -2.03 -10.35
CA VAL A 183 -4.59 -2.89 -11.38
C VAL A 183 -4.83 -2.21 -12.72
N HIS A 184 -3.79 -2.24 -13.56
CA HIS A 184 -3.86 -1.77 -14.92
C HIS A 184 -4.03 -2.88 -15.94
N VAL A 185 -4.87 -2.60 -16.93
CA VAL A 185 -5.12 -3.45 -18.08
C VAL A 185 -4.90 -2.70 -19.40
N PRO A 186 -4.57 -3.42 -20.49
CA PRO A 186 -4.32 -2.73 -21.77
C PRO A 186 -5.58 -2.24 -22.44
N TYR A 187 -5.45 -1.10 -23.05
CA TYR A 187 -6.57 -0.47 -23.75
C TYR A 187 -6.50 -0.86 -25.22
N PRO A 188 -7.67 -1.14 -25.84
CA PRO A 188 -7.66 -1.67 -27.19
C PRO A 188 -7.04 -0.75 -28.21
N ASP A 189 -6.06 -1.30 -28.89
CA ASP A 189 -5.36 -0.61 -29.94
C ASP A 189 -5.89 -1.21 -31.24
N SER A 190 -6.56 -0.36 -32.02
CA SER A 190 -7.12 -0.77 -33.29
C SER A 190 -6.20 -0.44 -34.47
N TYR A 191 -5.07 0.20 -34.22
CA TYR A 191 -4.16 0.51 -35.31
C TYR A 191 -3.02 -0.51 -35.43
N ARG A 192 -2.31 -0.75 -34.34
CA ARG A 192 -1.23 -1.74 -34.36
C ARG A 192 -1.81 -3.09 -33.94
N THR A 193 -2.43 -3.74 -34.91
CA THR A 193 -3.10 -5.02 -34.71
C THR A 193 -2.25 -6.13 -35.31
N TYR A 194 -2.62 -7.38 -35.03
CA TYR A 194 -1.98 -8.54 -35.69
C TYR A 194 -2.61 -8.69 -37.09
N PRO A 195 -1.80 -9.10 -38.10
CA PRO A 195 -2.32 -9.22 -39.49
C PRO A 195 -3.57 -10.08 -39.57
N GLY A 196 -4.58 -9.57 -40.25
CA GLY A 196 -5.86 -10.30 -40.42
C GLY A 196 -6.95 -10.02 -39.39
N GLU A 197 -6.64 -9.36 -38.26
CA GLU A 197 -7.62 -9.20 -37.19
C GLU A 197 -8.76 -8.27 -37.61
N THR A 198 -10.00 -8.69 -37.41
CA THR A 198 -11.13 -7.77 -37.47
C THR A 198 -11.31 -6.94 -36.16
N GLU A 199 -12.19 -5.95 -36.25
CA GLU A 199 -12.68 -5.26 -35.08
C GLU A 199 -13.18 -6.26 -34.01
N HIS A 200 -13.83 -7.36 -34.43
CA HIS A 200 -14.34 -8.37 -33.51
C HIS A 200 -13.15 -9.14 -32.87
N ASP A 201 -12.16 -9.53 -33.66
CA ASP A 201 -10.93 -10.12 -33.13
C ASP A 201 -10.22 -9.21 -32.06
N VAL A 202 -10.17 -7.91 -32.37
CA VAL A 202 -9.51 -6.93 -31.54
C VAL A 202 -10.28 -6.85 -30.22
N SER A 203 -11.58 -6.64 -30.33
CA SER A 203 -12.46 -6.64 -29.16
C SER A 203 -12.27 -7.86 -28.26
N LEU A 204 -12.34 -9.06 -28.85
CA LEU A 204 -12.23 -10.28 -28.10
C LEU A 204 -10.84 -10.42 -27.49
N ARG A 205 -9.80 -10.05 -28.22
CA ARG A 205 -8.45 -10.21 -27.73
C ARG A 205 -8.22 -9.32 -26.54
N TYR A 206 -8.66 -8.08 -26.66
CA TYR A 206 -8.42 -7.16 -25.55
C TYR A 206 -9.34 -7.47 -24.38
N PHE A 207 -10.57 -7.95 -24.63
CA PHE A 207 -11.41 -8.50 -23.57
C PHE A 207 -10.79 -9.70 -22.90
N ASN A 208 -10.09 -10.56 -23.67
CA ASN A 208 -9.40 -11.69 -23.03
C ASN A 208 -8.25 -11.18 -22.12
N GLU A 209 -7.56 -10.09 -22.51
CA GLU A 209 -6.52 -9.52 -21.66
C GLU A 209 -7.14 -8.86 -20.39
N PHE A 210 -8.26 -8.18 -20.56
CA PHE A 210 -9.03 -7.63 -19.47
C PHE A 210 -9.32 -8.73 -18.45
N LYS A 211 -9.69 -9.92 -18.92
CA LYS A 211 -10.07 -11.00 -17.98
C LYS A 211 -8.91 -11.70 -17.28
N LYS A 212 -7.68 -11.61 -17.83
CA LYS A 212 -6.54 -12.34 -17.25
C LYS A 212 -6.22 -12.07 -15.78
N PRO A 213 -6.26 -10.75 -15.36
CA PRO A 213 -6.05 -10.54 -13.93
C PRO A 213 -7.20 -11.16 -13.11
N PHE A 214 -8.41 -11.08 -13.65
CA PHE A 214 -9.62 -11.61 -12.96
C PHE A 214 -9.64 -13.12 -12.88
N GLU A 215 -8.85 -13.77 -13.72
CA GLU A 215 -8.75 -15.22 -13.75
C GLU A 215 -7.52 -15.73 -12.99
N SER A 216 -6.76 -14.83 -12.38
CA SER A 216 -5.57 -15.23 -11.64
C SER A 216 -5.46 -14.71 -10.20
N PHE A 217 -5.24 -13.41 -10.05
CA PHE A 217 -5.09 -12.82 -8.72
C PHE A 217 -6.07 -11.73 -8.29
N LEU A 218 -6.93 -11.28 -9.20
CA LEU A 218 -7.81 -10.14 -8.90
C LEU A 218 -9.24 -10.64 -8.80
N PRO A 219 -9.81 -10.71 -7.60
CA PRO A 219 -11.21 -11.14 -7.50
C PRO A 219 -12.21 -10.08 -8.02
N ALA A 220 -13.02 -10.47 -9.02
CA ALA A 220 -14.07 -9.64 -9.55
C ALA A 220 -14.93 -9.13 -8.47
N ASP A 221 -15.22 -10.03 -7.52
CA ASP A 221 -16.05 -9.74 -6.33
C ASP A 221 -15.39 -8.84 -5.29
N GLU A 222 -14.13 -8.47 -5.46
CA GLU A 222 -13.52 -7.43 -4.60
C GLU A 222 -13.04 -6.24 -5.38
N THR A 223 -13.56 -6.08 -6.59
CA THR A 223 -13.28 -4.99 -7.45
C THR A 223 -14.46 -3.98 -7.37
N ALA A 224 -14.12 -2.76 -6.97
CA ALA A 224 -15.10 -1.67 -6.77
C ALA A 224 -15.53 -1.06 -8.07
N CYS A 225 -14.60 -0.87 -8.99
CA CYS A 225 -14.91 -0.25 -10.26
C CYS A 225 -13.83 -0.42 -11.27
N VAL A 226 -14.24 -0.23 -12.51
CA VAL A 226 -13.39 -0.14 -13.68
C VAL A 226 -13.60 1.26 -14.11
N LEU A 227 -12.51 2.02 -14.25
CA LEU A 227 -12.56 3.37 -14.81
C LEU A 227 -11.95 3.38 -16.23
N ILE A 228 -12.67 3.96 -17.17
CA ILE A 228 -12.30 3.94 -18.58
C ILE A 228 -12.60 5.29 -19.24
N GLU A 229 -11.65 5.76 -20.00
CA GLU A 229 -11.88 6.84 -20.98
C GLU A 229 -12.61 6.22 -22.17
N PRO A 230 -13.83 6.69 -22.51
CA PRO A 230 -14.53 6.10 -23.71
C PRO A 230 -13.70 6.23 -24.99
N ILE A 231 -12.97 7.35 -25.05
CA ILE A 231 -11.92 7.54 -26.04
C ILE A 231 -10.75 8.09 -25.25
N GLN A 232 -9.59 7.43 -25.36
CA GLN A 232 -8.42 7.89 -24.63
C GLN A 232 -7.83 9.11 -25.28
N GLY A 233 -7.60 10.13 -24.47
CA GLY A 233 -6.98 11.37 -24.91
C GLY A 233 -5.49 11.29 -25.03
N ASP A 234 -4.80 11.34 -23.88
CA ASP A 234 -3.33 11.30 -23.85
C ASP A 234 -2.76 10.05 -24.47
N GLY A 235 -3.52 8.96 -24.45
CA GLY A 235 -3.14 7.75 -25.18
C GLY A 235 -3.01 7.93 -26.69
N GLY A 236 -3.65 8.96 -27.24
CA GLY A 236 -3.55 9.24 -28.66
C GLY A 236 -4.85 9.26 -29.42
N ILE A 237 -5.92 9.76 -28.81
CA ILE A 237 -7.24 9.77 -29.44
C ILE A 237 -7.61 8.36 -29.90
N ILE A 238 -7.65 7.43 -28.96
CA ILE A 238 -7.99 6.06 -29.27
C ILE A 238 -9.37 5.69 -28.72
N LYS A 239 -10.24 5.22 -29.59
CA LYS A 239 -11.58 4.80 -29.21
C LYS A 239 -11.64 3.32 -29.07
N ALA A 240 -12.06 2.84 -27.90
CA ALA A 240 -12.47 1.45 -27.75
C ALA A 240 -13.53 1.02 -28.81
N PRO A 241 -13.41 -0.20 -29.31
CA PRO A 241 -14.45 -0.73 -30.20
C PRO A 241 -15.74 -0.93 -29.44
N GLU A 242 -16.86 -0.73 -30.15
CA GLU A 242 -18.21 -0.88 -29.62
C GLU A 242 -18.33 -2.15 -28.77
N GLU A 243 -17.93 -3.26 -29.38
CA GLU A 243 -18.16 -4.55 -28.82
C GLU A 243 -17.29 -4.77 -27.59
N TYR A 244 -16.03 -4.35 -27.63
CA TYR A 244 -15.16 -4.29 -26.40
C TYR A 244 -15.88 -3.65 -25.20
N MET A 245 -16.42 -2.45 -25.42
CA MET A 245 -17.06 -1.68 -24.35
C MET A 245 -18.28 -2.45 -23.82
N GLN A 246 -19.07 -3.01 -24.74
CA GLN A 246 -20.22 -3.80 -24.32
C GLN A 246 -19.82 -4.96 -23.43
N LEU A 247 -18.70 -5.64 -23.75
CA LEU A 247 -18.25 -6.78 -22.95
C LEU A 247 -17.77 -6.35 -21.56
N VAL A 248 -17.01 -5.29 -21.50
CA VAL A 248 -16.60 -4.76 -20.20
C VAL A 248 -17.79 -4.31 -19.35
N TYR A 249 -18.76 -3.64 -19.98
CA TYR A 249 -19.94 -3.11 -19.28
C TYR A 249 -20.77 -4.28 -18.70
N LYS A 250 -20.91 -5.29 -19.52
CA LYS A 250 -21.55 -6.54 -19.19
C LYS A 250 -20.84 -7.24 -18.06
N PHE A 251 -19.55 -7.45 -18.22
CA PHE A 251 -18.77 -8.05 -17.16
C PHE A 251 -18.92 -7.31 -15.82
N CYS A 252 -18.83 -5.98 -15.86
CA CYS A 252 -19.00 -5.19 -14.63
C CYS A 252 -20.34 -5.52 -13.92
N HIS A 253 -21.42 -5.52 -14.69
CA HIS A 253 -22.74 -5.75 -14.09
C HIS A 253 -23.08 -7.17 -13.67
N GLU A 254 -22.32 -8.13 -14.15
CA GLU A 254 -22.48 -9.47 -13.72
C GLU A 254 -21.71 -9.70 -12.43
N HIS A 255 -20.85 -8.76 -12.06
CA HIS A 255 -20.02 -8.94 -10.85
C HIS A 255 -20.14 -7.94 -9.76
N GLY A 256 -21.01 -6.96 -9.91
CA GLY A 256 -21.23 -5.91 -8.89
C GLY A 256 -20.15 -4.85 -8.95
N ILE A 257 -19.42 -4.81 -10.07
CA ILE A 257 -18.34 -3.85 -10.26
C ILE A 257 -18.98 -2.60 -10.85
N LEU A 258 -18.74 -1.43 -10.26
CA LEU A 258 -19.22 -0.20 -10.91
C LEU A 258 -18.51 0.10 -12.22
N PHE A 259 -19.27 0.57 -13.20
CA PHE A 259 -18.69 0.99 -14.43
C PHE A 259 -18.58 2.49 -14.33
N ALA A 260 -17.34 3.00 -14.43
CA ALA A 260 -17.03 4.45 -14.32
C ALA A 260 -16.35 4.94 -15.56
N ILE A 261 -16.63 6.19 -15.91
CA ILE A 261 -16.06 6.82 -17.09
C ILE A 261 -15.42 8.14 -16.79
N ASP A 262 -14.37 8.44 -17.51
CA ASP A 262 -13.71 9.75 -17.42
C ASP A 262 -14.15 10.55 -18.67
N GLU A 263 -14.93 11.60 -18.47
CA GLU A 263 -15.42 12.42 -19.58
C GLU A 263 -14.76 13.75 -19.47
N VAL A 264 -13.63 13.81 -18.76
CA VAL A 264 -12.98 15.08 -18.55
C VAL A 264 -12.48 15.67 -19.88
N ASN A 265 -11.78 14.88 -20.66
CA ASN A 265 -11.18 15.31 -21.92
C ASN A 265 -12.22 15.24 -23.05
N GLN A 266 -13.05 14.21 -23.05
CA GLN A 266 -13.89 13.89 -24.19
C GLN A 266 -15.38 14.19 -24.06
N GLY A 267 -15.78 14.78 -22.95
CA GLY A 267 -17.13 15.26 -22.75
C GLY A 267 -17.46 16.60 -23.37
N LEU A 268 -18.66 17.07 -23.01
CA LEU A 268 -19.19 18.39 -23.34
C LEU A 268 -19.09 18.76 -24.80
N GLY A 269 -19.42 17.79 -25.65
CA GLY A 269 -19.54 17.99 -27.09
C GLY A 269 -18.27 17.75 -27.89
N ARG A 270 -17.17 17.43 -27.21
CA ARG A 270 -15.92 17.24 -27.91
C ARG A 270 -15.99 16.16 -29.03
N THR A 271 -16.69 15.07 -28.78
CA THR A 271 -16.74 13.95 -29.73
C THR A 271 -17.90 14.04 -30.75
N GLY A 272 -18.73 15.09 -30.65
CA GLY A 272 -19.87 15.23 -31.54
C GLY A 272 -21.11 14.55 -30.99
N LYS A 273 -21.03 14.03 -29.77
CA LYS A 273 -22.20 13.89 -28.87
C LYS A 273 -21.86 14.63 -27.62
N MET A 274 -22.85 14.82 -26.76
CA MET A 274 -22.64 15.57 -25.55
C MET A 274 -21.54 14.86 -24.73
N TRP A 275 -21.69 13.55 -24.59
CA TRP A 275 -20.75 12.72 -23.85
C TRP A 275 -20.14 11.65 -24.75
N ALA A 276 -18.84 11.39 -24.52
CA ALA A 276 -18.12 10.37 -25.26
C ALA A 276 -18.71 8.99 -25.09
N ILE A 277 -19.22 8.68 -23.91
CA ILE A 277 -19.87 7.40 -23.75
C ILE A 277 -21.13 7.21 -24.63
N GLN A 278 -21.75 8.31 -25.05
CA GLN A 278 -22.86 8.22 -26.01
C GLN A 278 -22.49 7.79 -27.44
N GLN A 279 -21.21 7.72 -27.77
CA GLN A 279 -20.74 7.02 -28.95
C GLN A 279 -20.99 5.51 -28.93
N PHE A 280 -21.42 5.02 -27.79
CA PHE A 280 -21.73 3.62 -27.60
C PHE A 280 -23.25 3.40 -27.35
N LYS A 281 -23.73 2.20 -27.64
CA LYS A 281 -25.15 1.94 -27.55
C LYS A 281 -25.52 1.68 -26.08
N ASP A 282 -26.35 2.54 -25.52
CA ASP A 282 -27.07 2.20 -24.27
C ASP A 282 -26.18 1.81 -23.05
N ILE A 283 -25.13 2.60 -22.84
CA ILE A 283 -24.24 2.47 -21.69
C ILE A 283 -24.46 3.65 -20.75
N GLU A 284 -24.97 3.40 -19.55
CA GLU A 284 -25.12 4.44 -18.55
C GLU A 284 -24.07 4.21 -17.47
N PRO A 285 -23.18 5.19 -17.23
CA PRO A 285 -22.24 4.97 -16.18
C PRO A 285 -22.83 5.11 -14.79
N ASP A 286 -22.23 4.40 -13.86
CA ASP A 286 -22.43 4.65 -12.45
C ASP A 286 -21.78 5.89 -11.87
N LEU A 287 -20.59 6.19 -12.39
CA LEU A 287 -19.80 7.30 -11.95
C LEU A 287 -19.11 7.88 -13.13
N MET A 288 -19.10 9.19 -13.19
CA MET A 288 -18.35 9.85 -14.19
C MET A 288 -17.65 11.11 -13.66
N SER A 289 -16.54 11.44 -14.32
CA SER A 289 -15.78 12.67 -14.06
C SER A 289 -15.85 13.64 -15.19
N VAL A 290 -16.00 14.89 -14.80
CA VAL A 290 -16.17 16.05 -15.71
C VAL A 290 -15.23 17.18 -15.27
N GLY A 291 -14.68 17.91 -16.20
CA GLY A 291 -13.78 19.01 -15.91
C GLY A 291 -13.42 19.79 -17.16
N LYS A 292 -12.29 20.47 -17.15
CA LYS A 292 -11.80 21.12 -18.34
C LYS A 292 -12.79 22.23 -18.90
N SER A 293 -13.50 21.91 -19.96
CA SER A 293 -14.47 22.78 -20.59
C SER A 293 -15.67 23.17 -19.70
N LEU A 294 -15.95 22.40 -18.65
CA LEU A 294 -17.08 22.65 -17.78
C LEU A 294 -17.34 24.14 -17.48
N ALA A 295 -16.29 24.89 -17.13
CA ALA A 295 -16.34 26.32 -16.92
C ALA A 295 -15.32 27.12 -17.74
N SER A 296 -15.16 26.71 -18.98
CA SER A 296 -14.34 27.41 -19.96
C SER A 296 -12.94 27.64 -19.52
N GLY A 297 -12.39 26.69 -18.74
CA GLY A 297 -11.03 26.78 -18.23
C GLY A 297 -10.89 27.31 -16.81
N MET A 298 -11.96 27.85 -16.23
CA MET A 298 -11.92 28.16 -14.81
C MET A 298 -11.84 26.84 -14.03
N PRO A 299 -11.23 26.86 -12.88
CA PRO A 299 -11.12 25.57 -12.16
C PRO A 299 -12.45 25.11 -11.53
N LEU A 300 -13.03 24.10 -12.14
CA LEU A 300 -14.21 23.42 -11.66
C LEU A 300 -14.28 22.05 -12.23
N SER A 301 -14.66 21.10 -11.40
CA SER A 301 -14.88 19.73 -11.80
C SER A 301 -16.11 19.19 -11.11
N ALA A 302 -16.52 18.02 -11.54
CA ALA A 302 -17.58 17.27 -10.82
C ALA A 302 -17.41 15.78 -11.02
N VAL A 303 -17.76 15.08 -9.97
CA VAL A 303 -18.02 13.67 -10.08
C VAL A 303 -19.53 13.64 -10.05
N ILE A 304 -20.07 13.02 -11.08
CA ILE A 304 -21.49 12.75 -11.18
C ILE A 304 -21.66 11.24 -11.11
N GLY A 305 -22.60 10.82 -10.27
CA GLY A 305 -22.85 9.42 -9.98
C GLY A 305 -24.32 9.10 -9.75
N LYS A 306 -24.66 7.84 -9.81
CA LYS A 306 -26.03 7.39 -9.50
C LYS A 306 -26.33 7.77 -8.06
N LYS A 307 -27.59 8.08 -7.77
CA LYS A 307 -27.91 8.58 -6.44
C LYS A 307 -27.52 7.67 -5.28
N GLU A 308 -27.74 6.37 -5.42
CA GLU A 308 -27.38 5.46 -4.34
C GLU A 308 -25.87 5.48 -4.09
N VAL A 309 -25.09 5.52 -5.16
CA VAL A 309 -23.64 5.55 -5.06
C VAL A 309 -23.10 6.79 -4.36
N MET A 310 -23.66 7.94 -4.72
CA MET A 310 -23.26 9.24 -4.16
C MET A 310 -23.73 9.40 -2.72
N GLN A 311 -24.73 8.60 -2.31
CA GLN A 311 -25.14 8.53 -0.88
C GLN A 311 -24.28 7.60 0.00
N SER A 312 -23.22 6.98 -0.51
CA SER A 312 -22.46 5.99 0.25
C SER A 312 -21.46 6.58 1.30
N LEU A 313 -21.21 7.89 1.22
CA LEU A 313 -20.25 8.59 2.05
C LEU A 313 -20.91 9.71 2.81
N ASP A 314 -20.32 10.02 3.96
CA ASP A 314 -20.71 11.09 4.86
C ASP A 314 -19.58 12.12 4.88
N ALA A 315 -19.92 13.37 5.16
CA ALA A 315 -18.93 14.44 5.21
C ALA A 315 -17.99 14.27 6.40
N PRO A 316 -16.77 14.81 6.30
CA PRO A 316 -16.23 15.37 5.07
C PRO A 316 -15.38 14.42 4.21
N ALA A 317 -15.97 13.37 3.67
CA ALA A 317 -15.22 12.40 2.87
C ALA A 317 -14.57 12.99 1.63
N HIS A 318 -15.27 13.91 0.97
CA HIS A 318 -14.79 14.52 -0.23
C HIS A 318 -15.26 15.96 -0.41
N LEU A 319 -14.43 16.92 -0.08
CA LEU A 319 -14.74 18.32 -0.39
C LEU A 319 -13.49 19.18 -0.43
N PHE A 320 -13.65 20.33 -1.05
CA PHE A 320 -12.58 21.29 -1.26
C PHE A 320 -13.11 22.69 -0.98
N THR A 321 -12.25 23.48 -0.31
CA THR A 321 -12.56 24.88 0.04
C THR A 321 -13.08 25.66 -1.16
N THR A 322 -12.42 25.54 -2.31
CA THR A 322 -12.73 26.39 -3.47
C THR A 322 -13.51 25.69 -4.58
N ALA A 323 -13.86 24.43 -4.37
CA ALA A 323 -14.67 23.73 -5.35
C ALA A 323 -16.11 24.24 -5.35
N GLY A 324 -16.64 24.40 -6.54
CA GLY A 324 -17.94 25.00 -6.69
C GLY A 324 -17.91 26.47 -6.31
N ASN A 325 -16.79 27.11 -6.58
CA ASN A 325 -16.66 28.54 -6.46
C ASN A 325 -17.77 29.15 -7.30
N PRO A 326 -18.40 30.21 -6.81
CA PRO A 326 -19.56 30.73 -7.52
C PRO A 326 -19.23 31.45 -8.81
N VAL A 327 -18.05 32.09 -8.89
CA VAL A 327 -17.60 32.67 -10.13
C VAL A 327 -17.41 31.58 -11.11
N CYS A 328 -16.76 30.49 -10.72
CA CYS A 328 -16.63 29.34 -11.68
C CYS A 328 -17.97 28.69 -11.99
N SER A 329 -18.87 28.61 -11.00
CA SER A 329 -20.20 28.07 -11.23
C SER A 329 -20.98 28.88 -12.26
N ALA A 330 -21.01 30.20 -12.09
CA ALA A 330 -21.63 31.12 -13.07
C ALA A 330 -20.98 30.96 -14.47
N ALA A 331 -19.64 30.90 -14.54
CA ALA A 331 -19.00 30.68 -15.84
C ALA A 331 -19.43 29.38 -16.50
N SER A 332 -19.64 28.36 -15.67
CA SER A 332 -20.02 27.05 -16.16
C SER A 332 -21.47 27.08 -16.65
N LEU A 333 -22.39 27.66 -15.91
CA LEU A 333 -23.76 27.81 -16.41
C LEU A 333 -23.84 28.49 -17.80
N ALA A 334 -23.04 29.55 -17.96
CA ALA A 334 -22.95 30.27 -19.21
C ALA A 334 -22.33 29.40 -20.30
N THR A 335 -21.33 28.60 -19.94
CA THR A 335 -20.66 27.70 -20.88
C THR A 335 -21.63 26.66 -21.36
N LEU A 336 -22.36 26.02 -20.44
CA LEU A 336 -23.31 24.97 -20.84
C LEU A 336 -24.44 25.55 -21.71
N ASP A 337 -24.88 26.78 -21.40
CA ASP A 337 -25.87 27.49 -22.21
C ASP A 337 -25.37 27.73 -23.60
N VAL A 338 -24.13 28.18 -23.74
CA VAL A 338 -23.61 28.41 -25.04
C VAL A 338 -23.59 27.12 -25.86
N ILE A 339 -23.07 26.04 -25.25
CA ILE A 339 -22.99 24.75 -25.95
C ILE A 339 -24.36 24.38 -26.56
N GLU A 340 -25.44 24.56 -25.79
CA GLU A 340 -26.82 24.22 -26.28
C GLU A 340 -27.30 25.18 -27.37
N TYR A 341 -27.31 26.46 -27.08
CA TYR A 341 -27.91 27.47 -27.94
C TYR A 341 -27.05 27.76 -29.16
N GLU A 342 -25.76 27.48 -29.09
CA GLU A 342 -24.90 27.54 -30.32
C GLU A 342 -24.79 26.18 -31.02
N GLY A 343 -25.46 25.16 -30.49
CA GLY A 343 -25.47 23.86 -31.10
C GLY A 343 -24.05 23.34 -31.30
N LEU A 344 -23.22 23.37 -30.23
CA LEU A 344 -21.83 22.96 -30.40
C LEU A 344 -21.61 21.46 -30.53
N VAL A 345 -22.49 20.65 -29.91
CA VAL A 345 -22.43 19.22 -30.04
C VAL A 345 -22.55 18.84 -31.55
N GLU A 346 -23.59 19.39 -32.21
CA GLU A 346 -23.86 19.08 -33.63
C GLU A 346 -22.75 19.64 -34.55
N LYS A 347 -22.29 20.86 -34.29
CA LYS A 347 -21.21 21.45 -35.06
C LYS A 347 -19.94 20.63 -35.03
N SER A 348 -19.62 20.08 -33.84
CA SER A 348 -18.47 19.19 -33.65
C SER A 348 -18.63 17.93 -34.46
N ALA A 349 -19.80 17.32 -34.46
CA ALA A 349 -20.05 16.17 -35.29
C ALA A 349 -19.86 16.55 -36.76
N THR A 350 -20.47 17.65 -37.21
CA THR A 350 -20.46 18.00 -38.67
C THR A 350 -19.08 18.41 -39.15
N ASP A 351 -18.46 19.34 -38.44
CA ASP A 351 -17.11 19.75 -38.78
C ASP A 351 -16.09 18.61 -38.64
N GLY A 352 -16.34 17.66 -37.71
CA GLY A 352 -15.47 16.54 -37.48
C GLY A 352 -15.49 15.55 -38.66
N ALA A 353 -16.67 15.27 -39.21
CA ALA A 353 -16.77 14.36 -40.36
C ALA A 353 -16.08 15.01 -41.54
N TYR A 354 -16.19 16.32 -41.63
CA TYR A 354 -15.47 17.13 -42.60
C TYR A 354 -13.93 17.12 -42.42
N ALA A 355 -13.46 17.35 -41.20
CA ALA A 355 -12.03 17.25 -40.87
C ALA A 355 -11.49 15.85 -41.13
N LYS A 356 -12.25 14.82 -40.77
CA LYS A 356 -11.80 13.47 -41.02
C LYS A 356 -11.57 13.23 -42.54
N GLN A 357 -12.52 13.65 -43.38
CA GLN A 357 -12.37 13.51 -44.83
C GLN A 357 -11.14 14.25 -45.36
N ARG A 358 -10.94 15.47 -44.88
CA ARG A 358 -9.80 16.25 -45.32
C ARG A 358 -8.49 15.55 -44.94
N PHE A 359 -8.43 14.97 -43.74
CA PHE A 359 -7.22 14.25 -43.32
C PHE A 359 -7.05 12.98 -44.08
N LEU A 360 -8.13 12.24 -44.34
CA LEU A 360 -8.01 11.04 -45.18
C LEU A 360 -7.49 11.33 -46.61
N GLU A 361 -7.93 12.45 -47.21
CA GLU A 361 -7.42 12.94 -48.53
C GLU A 361 -5.93 13.20 -48.42
N MET A 362 -5.54 13.96 -47.40
CA MET A 362 -4.11 14.19 -47.05
C MET A 362 -3.31 12.90 -46.88
N GLN A 363 -3.87 11.89 -46.22
CA GLN A 363 -3.20 10.60 -46.09
C GLN A 363 -2.90 9.87 -47.46
N GLN A 364 -3.74 10.09 -48.46
CA GLN A 364 -3.52 9.52 -49.83
C GLN A 364 -2.24 10.07 -50.45
N ARG A 365 -2.00 11.36 -50.20
CA ARG A 365 -0.85 12.11 -50.69
C ARG A 365 0.40 12.12 -49.80
N HIS A 366 0.29 11.75 -48.52
CA HIS A 366 1.43 11.91 -47.58
C HIS A 366 1.56 10.62 -46.77
N PRO A 367 2.26 9.60 -47.33
CA PRO A 367 2.43 8.26 -46.72
C PRO A 367 2.94 8.20 -45.25
N MET A 368 3.54 9.27 -44.76
CA MET A 368 3.87 9.36 -43.34
C MET A 368 2.61 9.32 -42.42
N ILE A 369 1.41 9.66 -42.93
CA ILE A 369 0.20 9.59 -42.13
C ILE A 369 -0.25 8.14 -42.10
N GLY A 370 0.08 7.45 -41.00
CA GLY A 370 -0.31 6.05 -40.80
C GLY A 370 -1.76 5.79 -40.43
N ASP A 371 -2.36 6.67 -39.62
CA ASP A 371 -3.74 6.47 -39.09
C ASP A 371 -4.37 7.83 -38.86
N VAL A 372 -5.59 8.00 -39.35
CA VAL A 372 -6.40 9.17 -39.13
C VAL A 372 -7.50 8.68 -38.18
N ARG A 373 -7.56 9.24 -36.96
CA ARG A 373 -8.64 8.90 -36.00
C ARG A 373 -9.35 10.20 -35.68
N MET A 374 -10.67 10.20 -35.82
CA MET A 374 -11.45 11.43 -35.64
C MET A 374 -12.86 11.06 -35.21
N TRP A 375 -13.31 11.59 -34.09
CA TRP A 375 -14.71 11.49 -33.68
C TRP A 375 -15.06 12.86 -33.14
N GLY A 376 -15.74 13.66 -33.96
CA GLY A 376 -16.00 15.07 -33.64
C GLY A 376 -14.74 15.86 -34.02
N LEU A 377 -14.67 17.12 -33.61
CA LEU A 377 -13.49 17.91 -33.92
C LEU A 377 -12.52 17.47 -32.85
N ASN A 378 -12.26 16.17 -32.85
CA ASN A 378 -11.43 15.50 -31.90
C ASN A 378 -10.66 14.44 -32.68
N GLY A 379 -9.38 14.68 -32.93
CA GLY A 379 -8.63 13.73 -33.71
C GLY A 379 -7.17 13.49 -33.39
N GLY A 380 -6.69 12.32 -33.78
CA GLY A 380 -5.32 11.94 -33.63
C GLY A 380 -4.77 11.48 -34.97
N ILE A 381 -3.80 12.21 -35.50
CA ILE A 381 -3.26 11.96 -36.83
C ILE A 381 -1.87 11.37 -36.59
N GLU A 382 -1.82 10.05 -36.69
CA GLU A 382 -0.65 9.32 -36.22
C GLU A 382 0.39 9.14 -37.37
N LEU A 383 1.58 9.68 -37.11
CA LEU A 383 2.70 9.69 -38.05
C LEU A 383 3.64 8.48 -37.85
N VAL A 384 4.05 7.85 -38.94
CA VAL A 384 4.86 6.61 -38.88
C VAL A 384 5.93 6.63 -39.98
N LYS A 385 7.05 5.94 -39.73
CA LYS A 385 8.17 5.90 -40.67
C LYS A 385 7.83 5.09 -41.90
N ASP A 386 6.88 4.17 -41.79
CA ASP A 386 6.50 3.30 -42.90
C ASP A 386 5.08 2.71 -42.71
N PRO A 387 4.20 2.76 -43.74
CA PRO A 387 2.84 2.21 -43.59
C PRO A 387 2.77 0.77 -43.08
N LYS A 388 3.71 -0.09 -43.52
CA LYS A 388 3.68 -1.49 -43.12
C LYS A 388 4.30 -1.71 -41.75
N THR A 389 5.48 -1.13 -41.47
CA THR A 389 6.08 -1.30 -40.12
C THR A 389 5.28 -0.55 -39.05
N LYS A 390 4.61 0.56 -39.42
CA LYS A 390 3.95 1.48 -38.49
C LYS A 390 4.88 1.95 -37.33
N GLU A 391 6.16 2.06 -37.64
CA GLU A 391 7.15 2.54 -36.69
C GLU A 391 6.84 4.01 -36.38
N PRO A 392 6.76 4.40 -35.10
CA PRO A 392 6.42 5.80 -34.82
C PRO A 392 7.48 6.71 -35.35
N ASP A 393 7.02 7.84 -35.86
CA ASP A 393 7.90 8.87 -36.34
C ASP A 393 7.66 10.16 -35.53
N SER A 394 8.24 10.24 -34.35
CA SER A 394 8.08 11.42 -33.49
C SER A 394 8.70 12.65 -34.11
N ASP A 395 9.84 12.41 -34.76
CA ASP A 395 10.64 13.47 -35.33
C ASP A 395 9.81 14.25 -36.39
N ALA A 396 9.09 13.50 -37.23
CA ALA A 396 8.21 14.09 -38.23
C ALA A 396 7.05 14.85 -37.61
N ALA A 397 6.44 14.31 -36.56
CA ALA A 397 5.30 15.03 -35.93
C ALA A 397 5.79 16.33 -35.26
N THR A 398 6.91 16.27 -34.57
CA THR A 398 7.57 17.47 -34.03
C THR A 398 7.84 18.50 -35.14
N LYS A 399 8.34 18.03 -36.28
CA LYS A 399 8.56 18.92 -37.42
C LYS A 399 7.27 19.58 -37.94
N VAL A 400 6.22 18.78 -38.08
CA VAL A 400 4.92 19.31 -38.54
C VAL A 400 4.39 20.41 -37.55
N ILE A 401 4.45 20.15 -36.24
CA ILE A 401 3.95 21.16 -35.28
C ILE A 401 4.79 22.43 -35.30
N TYR A 402 6.10 22.29 -35.52
CA TYR A 402 6.96 23.49 -35.70
C TYR A 402 6.63 24.27 -36.99
N TYR A 403 6.41 23.54 -38.07
CA TYR A 403 6.01 24.22 -39.31
C TYR A 403 4.69 24.96 -39.09
N ALA A 404 3.71 24.27 -38.53
CA ALA A 404 2.38 24.83 -38.25
C ALA A 404 2.43 26.11 -37.42
N PHE A 405 3.24 26.07 -36.38
CA PHE A 405 3.36 27.19 -35.42
C PHE A 405 3.91 28.40 -36.17
N ALA A 406 4.92 28.15 -37.00
CA ALA A 406 5.52 29.20 -37.78
C ALA A 406 4.59 29.79 -38.88
N HIS A 407 3.52 29.09 -39.24
CA HIS A 407 2.51 29.61 -40.17
C HIS A 407 1.15 29.88 -39.45
N GLY A 408 1.21 30.31 -38.19
CA GLY A 408 -0.01 30.70 -37.46
C GLY A 408 -0.96 29.58 -37.06
N VAL A 409 -0.47 28.37 -36.84
CA VAL A 409 -1.31 27.31 -36.27
C VAL A 409 -0.68 26.63 -35.03
N VAL A 410 -1.43 26.60 -33.93
CA VAL A 410 -1.01 26.01 -32.69
C VAL A 410 -1.61 24.64 -32.53
N ILE A 411 -0.73 23.67 -32.59
CA ILE A 411 -1.03 22.27 -32.46
C ILE A 411 0.13 21.56 -31.71
N ILE A 412 -0.15 20.48 -31.01
CA ILE A 412 0.86 19.70 -30.29
C ILE A 412 0.69 18.22 -30.56
N THR A 413 1.55 17.42 -29.94
CA THR A 413 1.57 15.99 -30.16
C THR A 413 1.23 15.19 -28.88
N LEU A 414 0.74 13.98 -29.09
CA LEU A 414 0.47 13.01 -28.07
C LEU A 414 1.42 11.87 -28.29
N ALA A 415 1.91 11.26 -27.20
CA ALA A 415 2.74 10.06 -27.26
C ALA A 415 3.83 10.14 -28.32
N GLY A 416 4.44 11.31 -28.52
CA GLY A 416 5.52 11.47 -29.51
C GLY A 416 5.14 11.73 -30.97
N ASN A 417 4.37 10.85 -31.56
CA ASN A 417 4.17 10.85 -33.02
C ASN A 417 2.76 11.11 -33.50
N ILE A 418 1.88 11.58 -32.60
CA ILE A 418 0.47 11.80 -32.92
C ILE A 418 0.11 13.27 -32.86
N LEU A 419 -0.41 13.80 -33.96
CA LEU A 419 -0.87 15.15 -33.96
C LEU A 419 -2.24 15.19 -33.29
N ARG A 420 -2.36 16.12 -32.34
CA ARG A 420 -3.58 16.29 -31.53
C ARG A 420 -4.43 17.34 -32.17
N PHE A 421 -5.63 16.99 -32.61
CA PHE A 421 -6.52 17.97 -33.24
C PHE A 421 -7.72 18.19 -32.34
N GLN A 422 -7.67 19.27 -31.56
CA GLN A 422 -8.75 19.61 -30.65
C GLN A 422 -8.99 21.12 -30.58
N PRO A 423 -9.44 21.72 -31.67
CA PRO A 423 -9.71 23.16 -31.68
C PRO A 423 -11.03 23.50 -31.01
N PRO A 424 -11.19 24.71 -30.49
CA PRO A 424 -12.49 25.08 -29.94
C PRO A 424 -13.62 24.68 -30.91
N LEU A 425 -14.78 24.23 -30.36
CA LEU A 425 -15.85 23.69 -31.17
C LEU A 425 -16.54 24.77 -32.04
N VAL A 426 -16.34 26.01 -31.63
CA VAL A 426 -16.86 27.15 -32.37
C VAL A 426 -16.01 27.51 -33.59
N ILE A 427 -14.90 26.78 -33.83
CA ILE A 427 -13.92 27.23 -34.83
C ILE A 427 -14.67 27.62 -36.14
N PRO A 428 -14.47 28.84 -36.66
CA PRO A 428 -15.14 29.25 -37.95
C PRO A 428 -14.59 28.47 -39.14
N ARG A 429 -15.41 28.15 -40.14
CA ARG A 429 -14.94 27.27 -41.25
C ARG A 429 -13.77 27.86 -42.03
N GLU A 430 -13.80 29.19 -42.18
CA GLU A 430 -12.68 29.99 -42.71
C GLU A 430 -11.38 29.51 -42.05
N GLN A 431 -11.30 29.64 -40.72
CA GLN A 431 -10.10 29.25 -39.94
C GLN A 431 -9.78 27.75 -39.94
N LEU A 432 -10.79 26.90 -39.75
CA LEU A 432 -10.56 25.49 -39.87
C LEU A 432 -9.93 25.13 -41.23
N ASP A 433 -10.40 25.74 -42.32
CA ASP A 433 -9.85 25.47 -43.69
C ASP A 433 -8.42 26.02 -43.81
N GLN A 434 -8.15 27.19 -43.27
CA GLN A 434 -6.81 27.76 -43.23
C GLN A 434 -5.85 26.84 -42.48
N ALA A 435 -6.35 26.27 -41.37
CA ALA A 435 -5.49 25.46 -40.52
C ALA A 435 -5.23 24.07 -41.16
N LEU A 436 -6.26 23.46 -41.75
CA LEU A 436 -6.06 22.23 -42.46
C LEU A 436 -5.09 22.38 -43.67
N GLN A 437 -5.18 23.51 -44.40
CA GLN A 437 -4.27 23.78 -45.55
C GLN A 437 -2.84 23.93 -45.07
N VAL A 438 -2.62 24.68 -43.98
CA VAL A 438 -1.29 24.83 -43.36
C VAL A 438 -0.68 23.48 -42.95
N LEU A 439 -1.52 22.54 -42.48
CA LEU A 439 -1.07 21.21 -42.11
C LEU A 439 -0.76 20.42 -43.38
N ASP A 440 -1.63 20.53 -44.38
CA ASP A 440 -1.36 19.92 -45.69
C ASP A 440 0.05 20.35 -46.16
N ASP A 441 0.29 21.68 -46.16
CA ASP A 441 1.57 22.26 -46.52
C ASP A 441 2.69 21.72 -45.66
N ALA A 442 2.44 21.58 -44.35
CA ALA A 442 3.44 21.04 -43.43
C ALA A 442 3.92 19.66 -43.84
N PHE A 443 3.00 18.73 -44.12
CA PHE A 443 3.41 17.41 -44.57
C PHE A 443 4.36 17.51 -45.79
N THR A 444 4.01 18.31 -46.77
CA THR A 444 4.88 18.46 -47.96
C THR A 444 6.24 19.01 -47.54
N ALA A 445 6.20 20.11 -46.78
CA ALA A 445 7.42 20.70 -46.27
C ALA A 445 8.36 19.70 -45.57
N VAL A 446 7.79 18.84 -44.70
CA VAL A 446 8.59 17.90 -43.90
C VAL A 446 9.17 16.83 -44.81
N GLU A 447 8.34 16.26 -45.68
CA GLU A 447 8.80 15.39 -46.79
C GLU A 447 10.06 15.90 -47.50
N ASN A 448 10.10 17.18 -47.82
CA ASN A 448 11.24 17.78 -48.53
C ASN A 448 12.35 18.29 -47.60
N GLY A 449 12.34 17.88 -46.34
CA GLY A 449 13.36 18.32 -45.38
C GLY A 449 13.53 19.81 -45.16
N GLU A 450 12.48 20.62 -45.32
CA GLU A 450 12.58 22.08 -45.11
C GLU A 450 12.60 22.51 -43.63
N VAL A 451 12.19 21.61 -42.71
CA VAL A 451 11.91 21.96 -41.31
C VAL A 451 12.95 21.36 -40.39
N THR A 452 13.39 22.15 -39.43
CA THR A 452 14.33 21.68 -38.42
C THR A 452 13.90 22.00 -36.98
N ILE A 453 14.62 21.40 -36.03
CA ILE A 453 14.34 21.45 -34.60
C ILE A 453 15.62 21.40 -33.78
N GLY A 458 15.27 20.74 -23.66
CA GLY A 458 15.39 19.94 -24.85
C GLY A 458 14.12 19.12 -25.11
N LYS A 459 13.61 18.47 -24.05
CA LYS A 459 12.49 17.51 -24.15
C LYS A 459 11.17 18.17 -24.61
N ILE A 460 10.74 17.78 -25.81
CA ILE A 460 9.46 18.19 -26.41
C ILE A 460 8.47 17.04 -26.25
N GLY A 461 7.31 17.36 -25.66
CA GLY A 461 6.16 16.46 -25.56
C GLY A 461 6.19 15.39 -24.47
N TRP A 462 5.36 14.37 -24.70
CA TRP A 462 5.25 13.16 -23.90
C TRP A 462 6.35 12.15 -24.24
N LYS B 15 -38.43 33.78 7.80
CA LYS B 15 -37.18 34.61 7.52
C LYS B 15 -36.16 33.93 6.55
N LEU B 16 -36.16 32.59 6.56
CA LEU B 16 -35.28 31.78 5.73
C LEU B 16 -36.09 30.92 4.73
N ASP B 17 -37.27 31.42 4.36
CA ASP B 17 -38.21 30.73 3.49
C ASP B 17 -37.60 30.36 2.14
N LYS B 18 -37.02 31.34 1.43
CA LYS B 18 -36.32 31.06 0.16
C LYS B 18 -35.09 30.16 0.40
N ALA B 19 -34.23 30.53 1.34
CA ALA B 19 -33.01 29.75 1.64
C ALA B 19 -33.35 28.25 1.84
N SER B 20 -34.29 28.00 2.74
CA SER B 20 -34.79 26.69 3.05
C SER B 20 -35.36 25.97 1.85
N LYS B 21 -36.14 26.64 1.00
CA LYS B 21 -36.66 26.00 -0.24
C LYS B 21 -35.53 25.62 -1.22
N LEU B 22 -34.56 26.49 -1.41
CA LEU B 22 -33.44 26.20 -2.29
C LEU B 22 -32.56 25.07 -1.74
N ILE B 23 -32.29 25.07 -0.43
CA ILE B 23 -31.52 23.95 0.18
C ILE B 23 -32.21 22.57 0.06
N ASP B 24 -33.52 22.51 0.36
CA ASP B 24 -34.30 21.28 0.18
C ASP B 24 -34.17 20.73 -1.26
N GLU B 25 -34.24 21.61 -2.26
CA GLU B 25 -33.96 21.19 -3.65
C GLU B 25 -32.49 20.70 -3.90
N GLU B 26 -31.54 21.47 -3.36
CA GLU B 26 -30.11 21.15 -3.49
C GLU B 26 -29.78 19.79 -2.88
N ASN B 27 -30.37 19.48 -1.75
CA ASN B 27 -30.18 18.16 -1.13
C ASN B 27 -30.60 16.94 -1.96
N LYS B 28 -31.45 17.14 -2.97
CA LYS B 28 -31.71 16.07 -3.97
C LYS B 28 -30.59 15.77 -4.95
N TYR B 29 -29.76 16.77 -5.24
CA TYR B 29 -28.77 16.72 -6.34
C TYR B 29 -27.27 16.79 -5.96
N TYR B 30 -26.98 17.29 -4.77
CA TYR B 30 -25.65 17.55 -4.32
C TYR B 30 -25.41 16.68 -3.08
N ALA B 31 -24.39 15.84 -3.21
CA ALA B 31 -24.09 14.77 -2.25
C ALA B 31 -23.78 15.34 -0.88
N ARG B 32 -24.28 14.67 0.16
CA ARG B 32 -24.15 15.19 1.53
C ARG B 32 -22.74 15.16 2.04
N SER B 33 -21.90 14.34 1.43
CA SER B 33 -20.50 14.23 1.84
C SER B 33 -19.70 15.46 1.45
N ALA B 34 -20.23 16.22 0.50
CA ALA B 34 -19.58 17.43 0.02
C ALA B 34 -19.80 18.70 0.87
N ARG B 35 -20.51 18.58 2.01
CA ARG B 35 -20.82 19.71 2.88
C ARG B 35 -20.90 19.27 4.32
N ILE B 36 -20.13 19.95 5.19
CA ILE B 36 -20.39 20.00 6.65
C ILE B 36 -21.48 21.07 6.96
N ASN B 37 -22.68 20.59 7.28
CA ASN B 37 -23.82 21.47 7.57
C ASN B 37 -23.88 22.07 8.97
N TYR B 38 -24.23 23.34 9.03
CA TYR B 38 -24.43 24.04 10.29
C TYR B 38 -25.82 24.67 10.36
N TYR B 39 -26.14 25.50 9.37
CA TYR B 39 -27.44 26.20 9.29
C TYR B 39 -27.82 26.63 7.86
N ASN B 40 -29.08 27.01 7.66
CA ASN B 40 -29.60 27.33 6.32
C ASN B 40 -29.23 28.69 5.72
N LEU B 41 -27.94 28.87 5.47
CA LEU B 41 -27.42 30.15 4.97
C LEU B 41 -27.13 30.01 3.48
N VAL B 42 -27.92 30.69 2.66
CA VAL B 42 -27.65 30.77 1.21
C VAL B 42 -27.20 32.17 0.87
N ILE B 43 -25.94 32.36 0.52
CA ILE B 43 -25.41 33.70 0.34
C ILE B 43 -25.72 34.20 -1.07
N ASP B 44 -26.30 35.41 -1.17
CA ASP B 44 -26.56 36.12 -2.44
C ASP B 44 -25.41 37.03 -2.85
N HIS B 45 -25.00 37.89 -1.93
CA HIS B 45 -23.87 38.76 -2.13
C HIS B 45 -23.17 39.15 -0.84
N ALA B 46 -21.98 39.71 -0.99
CA ALA B 46 -21.22 40.05 0.18
C ALA B 46 -20.19 41.09 -0.16
N HIS B 47 -19.76 41.82 0.87
CA HIS B 47 -18.66 42.79 0.74
C HIS B 47 -17.99 42.98 2.08
N GLY B 48 -16.67 43.12 2.08
CA GLY B 48 -15.89 43.12 3.32
C GLY B 48 -16.23 41.94 4.22
N ALA B 49 -16.83 42.24 5.37
CA ALA B 49 -17.24 41.26 6.31
C ALA B 49 -18.73 41.10 6.38
N THR B 50 -19.44 41.55 5.37
CA THR B 50 -20.91 41.53 5.38
C THR B 50 -21.40 40.54 4.36
N LEU B 51 -22.30 39.66 4.78
CA LEU B 51 -22.88 38.67 3.92
C LEU B 51 -24.32 39.05 3.88
N VAL B 52 -24.91 38.95 2.69
CA VAL B 52 -26.32 39.13 2.51
C VAL B 52 -26.88 37.86 1.87
N ASP B 53 -27.89 37.28 2.50
CA ASP B 53 -28.53 36.03 2.02
C ASP B 53 -29.62 36.23 1.04
N VAL B 54 -30.13 35.15 0.47
CA VAL B 54 -31.16 35.29 -0.56
C VAL B 54 -32.50 35.83 -0.02
N ASP B 55 -32.71 35.79 1.28
CA ASP B 55 -33.93 36.37 1.88
C ASP B 55 -33.76 37.87 2.29
N GLY B 56 -32.58 38.45 2.06
CA GLY B 56 -32.28 39.81 2.53
C GLY B 56 -31.75 39.99 3.95
N ASN B 57 -31.50 38.89 4.67
CA ASN B 57 -30.86 38.99 6.01
C ASN B 57 -29.37 39.36 5.84
N LYS B 58 -28.84 40.18 6.76
CA LYS B 58 -27.46 40.58 6.69
C LYS B 58 -26.74 39.89 7.84
N TYR B 59 -25.48 39.55 7.61
CA TYR B 59 -24.64 38.97 8.66
C TYR B 59 -23.22 39.49 8.62
N ILE B 60 -22.57 39.41 9.78
CA ILE B 60 -21.17 39.65 9.89
C ILE B 60 -20.51 38.25 9.84
N ASP B 61 -19.44 38.14 9.07
CA ASP B 61 -18.82 36.88 8.70
C ASP B 61 -17.63 36.69 9.61
N LEU B 62 -17.72 35.77 10.57
CA LEU B 62 -16.57 35.39 11.39
C LEU B 62 -15.94 34.05 10.92
N LEU B 63 -16.18 33.67 9.67
CA LEU B 63 -15.57 32.45 9.12
C LEU B 63 -14.64 32.70 7.90
N ALA B 64 -15.00 33.68 7.09
CA ALA B 64 -14.23 34.12 5.94
C ALA B 64 -14.05 32.92 4.96
N SER B 65 -15.11 32.13 4.81
CA SER B 65 -15.11 30.95 3.95
C SER B 65 -13.91 30.08 4.26
N ALA B 66 -13.71 29.85 5.56
CA ALA B 66 -12.60 29.07 6.15
C ALA B 66 -11.20 29.67 5.89
N SER B 67 -11.10 30.99 6.09
CA SER B 67 -9.85 31.75 5.97
C SER B 67 -9.39 31.92 4.53
N ALA B 68 -10.38 31.86 3.61
CA ALA B 68 -10.14 32.11 2.21
C ALA B 68 -10.43 33.58 1.85
N ILE B 69 -11.05 34.34 2.76
CA ILE B 69 -11.47 35.70 2.41
C ILE B 69 -10.78 36.69 3.33
N ASN B 70 -9.46 36.51 3.43
CA ASN B 70 -8.66 37.36 4.30
C ASN B 70 -8.79 38.85 3.95
N VAL B 71 -8.88 39.18 2.66
CA VAL B 71 -8.89 40.57 2.19
C VAL B 71 -10.29 41.12 2.04
N GLY B 72 -11.27 40.37 2.54
CA GLY B 72 -12.62 40.72 2.49
C GLY B 72 -13.28 40.33 1.18
N HIS B 73 -14.57 40.08 1.29
CA HIS B 73 -15.38 39.69 0.16
C HIS B 73 -15.46 40.79 -0.88
N THR B 74 -15.40 40.39 -2.14
CA THR B 74 -15.53 41.31 -3.27
C THR B 74 -14.68 42.57 -3.17
N HIS B 75 -13.38 42.43 -2.88
CA HIS B 75 -12.55 43.63 -2.79
C HIS B 75 -12.56 44.30 -4.15
N GLU B 76 -12.68 45.62 -4.16
CA GLU B 76 -12.84 46.35 -5.45
C GLU B 76 -11.71 46.01 -6.43
N LYS B 77 -10.51 45.94 -5.88
CA LYS B 77 -9.30 45.60 -6.61
C LYS B 77 -9.29 44.19 -7.18
N VAL B 78 -9.81 43.22 -6.44
CA VAL B 78 -9.79 41.83 -6.88
C VAL B 78 -10.86 41.63 -7.95
N VAL B 79 -12.02 42.24 -7.71
CA VAL B 79 -13.11 42.20 -8.68
C VAL B 79 -12.60 42.73 -10.02
N LYS B 80 -11.88 43.85 -10.01
CA LYS B 80 -11.47 44.51 -11.25
C LYS B 80 -10.47 43.68 -12.01
N ALA B 81 -9.49 43.15 -11.28
CA ALA B 81 -8.47 42.21 -11.87
C ALA B 81 -9.13 41.02 -12.53
N ILE B 82 -10.13 40.46 -11.83
CA ILE B 82 -10.90 39.32 -12.35
C ILE B 82 -11.61 39.71 -13.65
N ALA B 83 -12.32 40.82 -13.59
CA ALA B 83 -13.11 41.27 -14.72
C ALA B 83 -12.24 41.66 -15.90
N ASP B 84 -11.19 42.43 -15.64
CA ASP B 84 -10.22 42.81 -16.70
C ASP B 84 -9.50 41.58 -17.32
N GLN B 85 -9.03 40.65 -16.49
CA GLN B 85 -8.34 39.51 -17.03
C GLN B 85 -9.29 38.63 -17.85
N ALA B 86 -10.49 38.39 -17.32
CA ALA B 86 -11.45 37.57 -18.05
C ALA B 86 -11.76 38.10 -19.48
N GLN B 87 -11.68 39.42 -19.69
CA GLN B 87 -11.87 40.06 -21.04
C GLN B 87 -10.76 39.73 -22.09
N LYS B 88 -9.55 39.48 -21.59
CA LYS B 88 -8.43 39.12 -22.45
C LYS B 88 -8.28 37.61 -22.65
N LEU B 89 -8.26 36.87 -21.55
CA LEU B 89 -8.12 35.42 -21.62
C LEU B 89 -8.69 34.71 -20.39
N ILE B 90 -9.76 33.93 -20.57
CA ILE B 90 -10.32 33.18 -19.46
C ILE B 90 -9.38 32.07 -18.98
N HIS B 91 -8.80 31.33 -19.92
CA HIS B 91 -7.84 30.28 -19.61
C HIS B 91 -7.00 29.72 -20.75
N TYR B 92 -5.70 29.62 -20.50
CA TYR B 92 -4.81 28.84 -21.35
C TYR B 92 -3.94 28.12 -20.33
N THR B 93 -3.89 26.80 -20.42
CA THR B 93 -3.18 25.99 -19.44
C THR B 93 -1.66 26.27 -19.39
N PRO B 94 -1.15 26.67 -18.22
CA PRO B 94 0.31 26.71 -18.05
C PRO B 94 1.02 25.31 -18.13
N ALA B 95 0.25 24.22 -18.06
CA ALA B 95 0.80 22.89 -18.23
C ALA B 95 1.30 22.62 -19.67
N TYR B 96 0.85 23.43 -20.63
CA TYR B 96 1.35 23.30 -21.99
C TYR B 96 2.05 24.57 -22.47
N PHE B 97 1.45 25.71 -22.15
CA PHE B 97 1.95 27.03 -22.57
C PHE B 97 1.96 28.02 -21.42
N HIS B 98 2.21 29.29 -21.73
CA HIS B 98 2.28 30.35 -20.70
C HIS B 98 1.46 31.63 -20.94
N HIS B 99 1.20 32.32 -19.84
CA HIS B 99 0.59 33.62 -19.83
C HIS B 99 1.20 34.45 -18.72
N VAL B 100 0.99 35.77 -18.78
CA VAL B 100 1.78 36.73 -17.95
C VAL B 100 1.40 36.75 -16.47
N PRO B 101 0.09 36.80 -16.14
CA PRO B 101 -0.29 36.80 -14.71
C PRO B 101 0.34 35.59 -13.98
N GLY B 102 0.35 34.46 -14.65
CA GLY B 102 0.94 33.23 -14.10
C GLY B 102 2.43 33.35 -13.85
N MET B 103 3.15 33.82 -14.86
CA MET B 103 4.63 34.07 -14.78
C MET B 103 4.92 35.06 -13.68
N GLU B 104 4.18 36.14 -13.66
CA GLU B 104 4.40 37.18 -12.66
C GLU B 104 4.07 36.68 -11.23
N LEU B 105 2.97 35.91 -11.08
CA LEU B 105 2.60 35.38 -9.77
C LEU B 105 3.60 34.33 -9.24
N SER B 106 4.07 33.43 -10.13
CA SER B 106 4.96 32.32 -9.69
C SER B 106 6.31 32.83 -9.22
N GLU B 107 6.79 33.85 -9.88
CA GLU B 107 7.97 34.58 -9.41
C GLU B 107 7.79 35.37 -8.12
N LYS B 108 6.63 36.00 -7.97
CA LYS B 108 6.36 36.78 -6.76
C LYS B 108 6.20 35.87 -5.51
N LEU B 109 5.60 34.71 -5.71
CA LEU B 109 5.44 33.72 -4.64
C LEU B 109 6.76 33.10 -4.23
N ALA B 110 7.62 32.85 -5.23
CA ALA B 110 8.96 32.31 -4.94
C ALA B 110 9.68 33.25 -3.98
N LYS B 111 9.41 34.56 -4.13
CA LYS B 111 10.08 35.59 -3.31
C LYS B 111 9.45 35.92 -1.95
N ILE B 112 8.14 35.89 -1.81
CA ILE B 112 7.51 36.30 -0.54
C ILE B 112 7.34 35.14 0.43
N ALA B 113 7.67 33.94 -0.03
CA ALA B 113 7.74 32.79 0.85
C ALA B 113 8.82 33.05 1.93
N PRO B 114 8.64 32.51 3.15
CA PRO B 114 9.60 32.84 4.21
C PRO B 114 10.98 32.27 3.96
N GLY B 115 11.95 33.04 4.43
CA GLY B 115 13.33 32.65 4.37
C GLY B 115 13.99 33.21 3.14
N ASN B 116 15.30 33.01 3.09
CA ASN B 116 16.16 33.57 2.07
C ASN B 116 16.61 32.58 0.99
N SER B 117 16.43 31.26 1.17
CA SER B 117 16.97 30.31 0.17
C SER B 117 16.23 30.48 -1.13
N PRO B 118 16.94 30.37 -2.26
CA PRO B 118 16.25 30.40 -3.54
C PRO B 118 15.07 29.40 -3.61
N LYS B 119 13.92 29.85 -4.10
CA LYS B 119 12.72 29.00 -4.20
C LYS B 119 12.22 28.83 -5.59
N MET B 120 11.55 27.70 -5.81
CA MET B 120 10.67 27.52 -6.96
C MET B 120 9.24 27.17 -6.55
N VAL B 121 8.36 27.21 -7.54
CA VAL B 121 6.93 27.18 -7.32
C VAL B 121 6.29 26.27 -8.36
N SER B 122 5.27 25.54 -7.92
CA SER B 122 4.38 24.81 -8.80
C SER B 122 2.92 25.11 -8.39
N PHE B 123 2.05 25.35 -9.38
CA PHE B 123 0.68 25.79 -9.12
C PHE B 123 -0.23 24.59 -9.01
N GLY B 124 -1.27 24.73 -8.21
CA GLY B 124 -2.40 23.77 -8.17
C GLY B 124 -3.72 24.54 -8.14
N ASN B 125 -4.81 23.82 -7.85
CA ASN B 125 -6.10 24.45 -7.63
C ASN B 125 -6.55 24.54 -6.17
N SER B 126 -5.95 23.74 -5.31
CA SER B 126 -6.43 23.56 -3.97
C SER B 126 -5.27 23.24 -3.04
N GLY B 127 -5.48 23.47 -1.75
CA GLY B 127 -4.52 23.17 -0.74
C GLY B 127 -4.23 21.67 -0.72
N SER B 128 -5.29 20.87 -0.85
CA SER B 128 -5.18 19.44 -1.09
C SER B 128 -4.08 19.01 -2.05
N ASP B 129 -4.12 19.52 -3.28
CA ASP B 129 -3.17 19.11 -4.28
C ASP B 129 -1.78 19.68 -4.04
N ALA B 130 -1.66 20.79 -3.32
CA ALA B 130 -0.36 21.30 -2.96
C ALA B 130 0.28 20.38 -1.91
N ASN B 131 -0.56 19.78 -1.05
CA ASN B 131 -0.05 18.89 -0.05
C ASN B 131 0.31 17.54 -0.63
N ASP B 132 -0.38 17.12 -1.69
CA ASP B 132 0.03 15.96 -2.44
C ASP B 132 1.39 16.27 -3.04
N ALA B 133 1.56 17.49 -3.54
CA ALA B 133 2.83 17.87 -4.15
C ALA B 133 3.99 17.75 -3.12
N ILE B 134 3.75 18.19 -1.89
CA ILE B 134 4.78 18.14 -0.90
C ILE B 134 5.33 16.70 -0.73
N ILE B 135 4.44 15.70 -0.78
CA ILE B 135 4.81 14.33 -0.69
C ILE B 135 5.66 13.92 -1.88
N LYS B 136 5.20 14.28 -3.06
CA LYS B 136 5.91 13.98 -4.26
C LYS B 136 7.35 14.51 -4.27
N PHE B 137 7.45 15.81 -3.99
CA PHE B 137 8.73 16.55 -4.02
C PHE B 137 9.65 16.06 -2.88
N ALA B 138 9.11 15.73 -1.71
CA ALA B 138 9.92 15.29 -0.60
C ALA B 138 10.46 13.93 -0.91
N ARG B 139 9.60 13.04 -1.40
CA ARG B 139 10.08 11.72 -1.77
C ARG B 139 11.15 11.76 -2.85
N ALA B 140 10.91 12.56 -3.86
CA ALA B 140 11.78 12.57 -5.02
C ALA B 140 13.11 13.19 -4.66
N TYR B 141 13.14 14.24 -3.85
CA TYR B 141 14.41 14.86 -3.53
C TYR B 141 15.27 13.98 -2.60
N THR B 142 14.63 13.42 -1.57
CA THR B 142 15.32 12.62 -0.56
C THR B 142 15.60 11.18 -0.99
N GLY B 143 14.86 10.72 -1.99
CA GLY B 143 14.89 9.32 -2.39
C GLY B 143 14.39 8.43 -1.26
N ARG B 144 13.59 8.96 -0.34
CA ARG B 144 13.03 8.18 0.74
C ARG B 144 11.50 8.14 0.63
N GLN B 145 10.83 7.16 1.24
CA GLN B 145 9.37 7.03 1.08
C GLN B 145 8.44 7.51 2.25
N TYR B 146 8.89 7.46 3.50
CA TYR B 146 7.96 7.67 4.62
C TYR B 146 7.65 9.13 4.88
N ILE B 147 6.42 9.41 5.24
CA ILE B 147 6.01 10.77 5.48
C ILE B 147 5.45 10.74 6.86
N VAL B 148 5.84 11.71 7.69
CA VAL B 148 5.23 11.87 9.02
C VAL B 148 4.35 13.12 9.05
N SER B 149 3.15 13.00 9.61
CA SER B 149 2.18 14.07 9.71
C SER B 149 1.49 13.92 11.04
N TYR B 150 0.55 14.80 11.38
CA TYR B 150 0.01 14.86 12.75
C TYR B 150 -1.44 14.44 12.89
N MET B 151 -1.72 13.73 13.97
CA MET B 151 -3.08 13.58 14.48
C MET B 151 -3.67 14.96 14.71
N GLY B 152 -4.94 15.13 14.37
CA GLY B 152 -5.59 16.43 14.44
C GLY B 152 -5.43 17.28 13.20
N SER B 153 -4.61 16.86 12.23
CA SER B 153 -4.28 17.70 11.12
C SER B 153 -5.41 17.67 10.10
N TYR B 154 -5.45 18.68 9.24
CA TYR B 154 -6.22 18.60 7.98
C TYR B 154 -5.32 19.14 6.88
N HIS B 155 -5.04 18.32 5.86
CA HIS B 155 -4.22 18.71 4.73
C HIS B 155 -4.92 18.62 3.35
N GLY B 156 -6.08 17.98 3.28
CA GLY B 156 -6.83 17.95 2.03
C GLY B 156 -7.73 16.72 1.88
N SER B 157 -8.34 16.64 0.70
CA SER B 157 -9.30 15.61 0.34
C SER B 157 -8.97 14.84 -0.97
N THR B 158 -7.72 14.91 -1.38
CA THR B 158 -7.15 14.02 -2.37
C THR B 158 -6.40 12.96 -1.62
N TYR B 159 -6.11 11.85 -2.30
CA TYR B 159 -5.67 10.64 -1.57
C TYR B 159 -4.36 10.78 -0.76
N GLY B 160 -3.47 11.71 -1.12
CA GLY B 160 -2.22 11.85 -0.40
C GLY B 160 -2.44 12.69 0.83
N SER B 161 -2.83 13.93 0.60
CA SER B 161 -3.13 14.89 1.67
C SER B 161 -4.20 14.39 2.61
N GLN B 162 -5.21 13.69 2.08
CA GLN B 162 -6.23 13.04 2.92
C GLN B 162 -5.68 11.97 3.88
N THR B 163 -4.68 11.18 3.43
CA THR B 163 -4.01 10.20 4.28
C THR B 163 -3.23 10.88 5.41
N LEU B 164 -2.56 11.99 5.09
CA LEU B 164 -1.80 12.76 6.05
C LEU B 164 -2.70 13.38 7.14
N SER B 165 -3.96 13.54 6.81
CA SER B 165 -4.89 14.16 7.71
C SER B 165 -5.34 13.28 8.90
N GLY B 166 -5.66 13.93 9.98
CA GLY B 166 -6.17 13.27 11.12
C GLY B 166 -7.22 13.98 11.89
N SER B 167 -8.18 14.60 11.21
CA SER B 167 -9.20 15.39 11.89
C SER B 167 -10.60 14.91 11.79
N SER B 168 -10.82 13.86 11.03
CA SER B 168 -12.17 13.25 10.93
C SER B 168 -12.01 11.83 10.50
N LEU B 169 -12.75 10.93 11.15
CA LEU B 169 -12.76 9.53 10.78
C LEU B 169 -13.47 9.27 9.44
N ASN B 170 -14.27 10.20 8.99
CA ASN B 170 -14.95 10.02 7.74
C ASN B 170 -14.02 10.35 6.56
N MET B 171 -12.82 10.80 6.88
CA MET B 171 -11.79 10.96 5.89
C MET B 171 -11.00 9.67 5.70
N THR B 172 -11.30 8.67 6.50
CA THR B 172 -10.70 7.35 6.39
C THR B 172 -11.75 6.25 6.11
N ARG B 173 -12.93 6.34 6.70
CA ARG B 173 -13.93 5.29 6.56
C ARG B 173 -14.38 5.01 5.14
N LYS B 174 -14.36 3.73 4.79
CA LYS B 174 -14.84 3.14 3.53
C LYS B 174 -14.06 3.43 2.25
N ILE B 175 -12.98 4.19 2.33
CA ILE B 175 -12.26 4.56 1.14
C ILE B 175 -10.84 4.04 1.03
N GLY B 176 -10.40 3.32 2.05
CA GLY B 176 -9.07 2.75 2.06
C GLY B 176 -8.90 1.57 1.07
N PRO B 177 -7.69 1.10 0.86
CA PRO B 177 -6.48 1.51 1.56
C PRO B 177 -6.03 2.90 1.12
N MET B 178 -5.38 3.62 2.05
CA MET B 178 -4.90 4.98 1.88
C MET B 178 -3.50 4.95 1.33
N LEU B 179 -2.88 6.14 1.19
CA LEU B 179 -1.49 6.18 0.71
C LEU B 179 -0.57 5.43 1.69
N PRO B 180 0.34 4.55 1.20
CA PRO B 180 1.20 3.85 2.13
C PRO B 180 2.40 4.62 2.59
N SER B 181 3.01 4.13 3.66
CA SER B 181 4.20 4.73 4.25
C SER B 181 3.96 6.10 4.85
N VAL B 182 2.81 6.25 5.49
CA VAL B 182 2.49 7.46 6.26
C VAL B 182 2.35 7.14 7.74
N VAL B 183 3.03 7.91 8.58
CA VAL B 183 2.98 7.71 10.02
C VAL B 183 2.45 9.00 10.69
N HIS B 184 1.45 8.84 11.53
CA HIS B 184 0.85 9.96 12.26
C HIS B 184 1.43 9.96 13.69
N VAL B 185 1.71 11.15 14.17
CA VAL B 185 2.26 11.37 15.52
C VAL B 185 1.36 12.40 16.15
N PRO B 186 1.28 12.41 17.49
CA PRO B 186 0.33 13.31 18.12
C PRO B 186 0.83 14.77 18.20
N TYR B 187 -0.11 15.72 18.13
CA TYR B 187 0.20 17.15 18.12
C TYR B 187 0.04 17.72 19.53
N PRO B 188 0.95 18.65 19.92
CA PRO B 188 0.96 19.10 21.32
C PRO B 188 -0.31 19.87 21.70
N ASP B 189 -0.98 19.32 22.68
CA ASP B 189 -2.18 19.89 23.20
C ASP B 189 -1.69 20.63 24.47
N SER B 190 -1.73 21.96 24.47
CA SER B 190 -1.40 22.75 25.67
C SER B 190 -2.60 23.08 26.51
N TYR B 191 -3.70 22.35 26.38
CA TYR B 191 -4.88 22.61 27.20
C TYR B 191 -5.23 21.46 28.06
N ARG B 192 -5.48 20.29 27.47
CA ARG B 192 -5.68 19.08 28.27
C ARG B 192 -4.32 18.46 28.54
N THR B 193 -3.74 18.85 29.67
CA THR B 193 -2.40 18.47 30.04
C THR B 193 -2.45 17.74 31.35
N TYR B 194 -1.32 17.16 31.74
CA TYR B 194 -1.22 16.51 33.06
C TYR B 194 -1.04 17.59 34.15
N PRO B 195 -1.62 17.36 35.35
CA PRO B 195 -1.46 18.29 36.50
C PRO B 195 -0.02 18.76 36.72
N GLY B 196 0.21 20.05 36.75
CA GLY B 196 1.56 20.55 37.00
C GLY B 196 2.51 20.59 35.82
N GLU B 197 2.03 20.38 34.58
CA GLU B 197 2.91 20.45 33.42
C GLU B 197 3.13 21.88 32.96
N THR B 198 4.38 22.27 32.80
CA THR B 198 4.72 23.57 32.21
C THR B 198 4.77 23.43 30.68
N GLU B 199 4.98 24.54 29.98
CA GLU B 199 5.14 24.53 28.53
C GLU B 199 6.36 23.72 28.08
N HIS B 200 7.42 23.84 28.86
CA HIS B 200 8.58 22.97 28.78
C HIS B 200 8.21 21.45 28.89
N ASP B 201 7.44 21.06 29.91
CA ASP B 201 7.08 19.65 30.06
C ASP B 201 6.33 19.12 28.83
N VAL B 202 5.34 19.92 28.39
CA VAL B 202 4.51 19.58 27.25
C VAL B 202 5.37 19.38 26.02
N SER B 203 6.24 20.35 25.73
CA SER B 203 7.15 20.29 24.61
C SER B 203 7.96 18.99 24.58
N LEU B 204 8.62 18.71 25.71
CA LEU B 204 9.43 17.50 25.89
C LEU B 204 8.60 16.23 25.83
N ARG B 205 7.44 16.16 26.50
CA ARG B 205 6.63 14.95 26.42
C ARG B 205 6.14 14.64 24.96
N TYR B 206 5.58 15.63 24.26
CA TYR B 206 5.19 15.46 22.86
C TYR B 206 6.39 15.15 21.97
N PHE B 207 7.54 15.75 22.22
CA PHE B 207 8.72 15.39 21.42
C PHE B 207 9.10 13.96 21.67
N ASN B 208 8.91 13.51 22.90
CA ASN B 208 9.22 12.15 23.22
C ASN B 208 8.30 11.18 22.47
N GLU B 209 7.02 11.53 22.37
CA GLU B 209 6.06 10.73 21.60
C GLU B 209 6.48 10.73 20.11
N PHE B 210 6.92 11.89 19.60
CA PHE B 210 7.40 12.07 18.27
C PHE B 210 8.51 11.09 17.89
N LYS B 211 9.44 10.90 18.82
CA LYS B 211 10.57 9.98 18.63
C LYS B 211 10.23 8.49 18.78
N LYS B 212 9.21 8.13 19.54
CA LYS B 212 8.88 6.70 19.68
C LYS B 212 8.81 5.89 18.35
N PRO B 213 8.01 6.32 17.36
CA PRO B 213 8.08 5.53 16.10
C PRO B 213 9.52 5.42 15.54
N PHE B 214 10.31 6.50 15.63
CA PHE B 214 11.66 6.52 15.11
C PHE B 214 12.62 5.65 15.90
N GLU B 215 12.22 5.33 17.12
CA GLU B 215 12.98 4.46 17.99
C GLU B 215 12.48 3.01 17.90
N SER B 216 11.49 2.74 17.05
CA SER B 216 10.94 1.39 16.92
C SER B 216 10.91 0.81 15.51
N PHE B 217 9.97 1.28 14.68
CA PHE B 217 9.81 0.77 13.32
C PHE B 217 10.07 1.74 12.14
N LEU B 218 10.19 3.02 12.44
CA LEU B 218 10.30 4.06 11.43
C LEU B 218 11.75 4.55 11.32
N PRO B 219 12.43 4.18 10.25
CA PRO B 219 13.79 4.67 10.09
C PRO B 219 13.85 6.15 9.71
N ALA B 220 14.52 6.92 10.56
CA ALA B 220 14.63 8.38 10.34
C ALA B 220 15.33 8.67 9.04
N ASP B 221 16.29 7.81 8.72
CA ASP B 221 17.00 7.86 7.45
C ASP B 221 16.17 7.38 6.26
N GLU B 222 14.93 6.95 6.47
CA GLU B 222 14.00 6.73 5.36
C GLU B 222 12.74 7.56 5.40
N THR B 223 12.74 8.61 6.20
CA THR B 223 11.61 9.50 6.27
C THR B 223 11.91 10.70 5.38
N ALA B 224 11.06 10.91 4.37
CA ALA B 224 11.25 11.99 3.39
C ALA B 224 10.99 13.31 4.01
N CYS B 225 9.94 13.40 4.82
CA CYS B 225 9.62 14.66 5.44
C CYS B 225 8.61 14.57 6.53
N VAL B 226 8.52 15.65 7.29
CA VAL B 226 7.57 15.81 8.34
C VAL B 226 6.74 16.94 7.84
N LEU B 227 5.42 16.78 7.83
CA LEU B 227 4.50 17.92 7.55
C LEU B 227 3.73 18.40 8.78
N ILE B 228 3.75 19.71 9.00
CA ILE B 228 3.13 20.29 10.17
C ILE B 228 2.44 21.61 9.90
N GLU B 229 1.27 21.73 10.49
CA GLU B 229 0.59 23.01 10.56
C GLU B 229 1.23 23.75 11.76
N PRO B 230 1.88 24.88 11.51
CA PRO B 230 2.44 25.60 12.62
C PRO B 230 1.40 25.94 13.70
N ILE B 231 0.19 26.27 13.27
CA ILE B 231 -0.98 26.25 14.09
C ILE B 231 -2.00 25.33 13.36
N GLN B 232 -2.53 24.33 14.07
CA GLN B 232 -3.56 23.45 13.55
C GLN B 232 -4.85 24.20 13.47
N GLY B 233 -5.44 24.26 12.26
CA GLY B 233 -6.77 24.84 12.07
C GLY B 233 -7.93 23.97 12.56
N ASP B 234 -8.26 22.95 11.76
CA ASP B 234 -9.31 21.98 12.14
C ASP B 234 -9.09 21.21 13.42
N GLY B 235 -7.84 21.02 13.82
CA GLY B 235 -7.57 20.55 15.18
C GLY B 235 -8.25 21.35 16.30
N GLY B 236 -8.46 22.65 16.06
CA GLY B 236 -9.10 23.54 17.02
C GLY B 236 -8.28 24.77 17.35
N ILE B 237 -7.60 25.34 16.36
CA ILE B 237 -6.73 26.50 16.57
C ILE B 237 -5.68 26.24 17.65
N ILE B 238 -4.92 25.16 17.48
CA ILE B 238 -3.90 24.81 18.46
C ILE B 238 -2.49 25.08 17.93
N LYS B 239 -1.72 25.86 18.66
CA LYS B 239 -0.36 26.21 18.22
C LYS B 239 0.64 25.28 18.90
N ALA B 240 1.61 24.80 18.14
CA ALA B 240 2.75 24.12 18.72
C ALA B 240 3.57 25.05 19.64
N PRO B 241 4.03 24.54 20.82
CA PRO B 241 4.95 25.39 21.60
C PRO B 241 6.25 25.59 20.86
N GLU B 242 6.85 26.79 21.05
CA GLU B 242 8.15 27.18 20.44
C GLU B 242 9.18 26.07 20.51
N GLU B 243 9.32 25.50 21.70
CA GLU B 243 10.44 24.58 21.92
C GLU B 243 10.19 23.22 21.29
N TYR B 244 8.93 22.76 21.34
CA TYR B 244 8.48 21.59 20.56
C TYR B 244 8.90 21.72 19.14
N MET B 245 8.53 22.81 18.51
CA MET B 245 8.83 23.04 17.07
C MET B 245 10.34 23.11 16.75
N GLN B 246 11.13 23.75 17.63
CA GLN B 246 12.61 23.81 17.42
C GLN B 246 13.24 22.38 17.55
N LEU B 247 12.74 21.57 18.48
CA LEU B 247 13.15 20.15 18.58
C LEU B 247 12.90 19.35 17.29
N VAL B 248 11.66 19.50 16.76
CA VAL B 248 11.28 18.84 15.49
C VAL B 248 12.15 19.34 14.34
N TYR B 249 12.29 20.66 14.24
CA TYR B 249 13.09 21.30 13.21
C TYR B 249 14.50 20.76 13.24
N LYS B 250 15.05 20.70 14.45
CA LYS B 250 16.39 20.18 14.65
C LYS B 250 16.49 18.69 14.35
N PHE B 251 15.51 17.93 14.81
CA PHE B 251 15.47 16.53 14.49
C PHE B 251 15.50 16.30 12.97
N CYS B 252 14.77 17.13 12.20
CA CYS B 252 14.72 16.99 10.75
C CYS B 252 16.06 17.30 10.08
N HIS B 253 16.69 18.43 10.43
CA HIS B 253 18.01 18.79 9.80
C HIS B 253 19.12 17.76 10.17
N GLU B 254 19.07 17.22 11.39
CA GLU B 254 20.07 16.23 11.77
C GLU B 254 19.91 14.91 11.04
N HIS B 255 18.66 14.50 10.68
CA HIS B 255 18.47 13.28 9.88
C HIS B 255 18.20 13.41 8.37
N GLY B 256 18.30 14.63 7.84
CA GLY B 256 18.15 14.83 6.39
C GLY B 256 16.71 14.68 5.96
N ILE B 257 15.79 14.83 6.92
CA ILE B 257 14.34 14.81 6.72
C ILE B 257 13.91 16.23 6.43
N LEU B 258 13.17 16.44 5.35
CA LEU B 258 12.73 17.77 4.99
C LEU B 258 11.69 18.22 5.97
N PHE B 259 11.75 19.51 6.31
CA PHE B 259 10.77 20.09 7.21
C PHE B 259 9.76 20.89 6.36
N ALA B 260 8.48 20.46 6.40
CA ALA B 260 7.39 21.03 5.57
C ALA B 260 6.32 21.59 6.43
N ILE B 261 5.78 22.70 5.96
CA ILE B 261 4.71 23.39 6.64
C ILE B 261 3.48 23.51 5.74
N ASP B 262 2.31 23.39 6.37
CA ASP B 262 1.08 23.71 5.69
C ASP B 262 0.63 25.10 6.19
N GLU B 263 0.61 26.05 5.26
CA GLU B 263 0.28 27.44 5.51
C GLU B 263 -1.06 27.78 4.83
N VAL B 264 -1.76 26.77 4.33
CA VAL B 264 -2.96 26.99 3.53
C VAL B 264 -4.02 27.74 4.35
N ASN B 265 -4.26 27.33 5.58
CA ASN B 265 -5.26 27.98 6.49
C ASN B 265 -4.71 29.24 7.18
N GLN B 266 -3.51 29.12 7.74
CA GLN B 266 -2.94 30.07 8.69
C GLN B 266 -1.97 31.12 8.08
N GLY B 267 -1.72 31.07 6.79
CA GLY B 267 -0.80 31.99 6.13
C GLY B 267 -1.49 33.27 5.69
N LEU B 268 -0.78 34.02 4.86
CA LEU B 268 -1.22 35.25 4.25
C LEU B 268 -1.85 36.18 5.29
N GLY B 269 -1.18 36.27 6.43
CA GLY B 269 -1.53 37.21 7.47
C GLY B 269 -2.56 36.78 8.49
N ARG B 270 -3.10 35.58 8.39
CA ARG B 270 -4.14 35.18 9.35
C ARG B 270 -3.68 35.27 10.86
N THR B 271 -2.42 34.95 11.13
CA THR B 271 -1.95 34.94 12.52
C THR B 271 -1.29 36.24 13.00
N GLY B 272 -1.31 37.27 12.18
CA GLY B 272 -0.63 38.49 12.56
C GLY B 272 0.82 38.53 12.17
N LYS B 273 1.33 37.50 11.46
CA LYS B 273 2.54 37.59 10.64
C LYS B 273 2.19 37.15 9.25
N MET B 274 3.05 37.40 8.30
CA MET B 274 2.74 36.99 6.92
C MET B 274 2.44 35.48 6.92
N TRP B 275 3.39 34.72 7.48
CA TRP B 275 3.35 33.26 7.51
C TRP B 275 3.32 32.81 8.92
N ALA B 276 2.48 31.82 9.22
CA ALA B 276 2.34 31.35 10.59
C ALA B 276 3.65 30.71 11.18
N ILE B 277 4.54 30.24 10.29
CA ILE B 277 5.83 29.68 10.71
C ILE B 277 6.75 30.79 11.31
N GLN B 278 6.51 32.03 10.90
CA GLN B 278 7.17 33.19 11.48
C GLN B 278 6.72 33.51 12.92
N GLN B 279 5.68 32.85 13.45
CA GLN B 279 5.47 32.87 14.90
C GLN B 279 6.57 32.14 15.69
N PHE B 280 7.52 31.54 14.97
CA PHE B 280 8.62 30.78 15.54
C PHE B 280 9.91 31.39 15.06
N LYS B 281 10.97 31.18 15.83
CA LYS B 281 12.27 31.78 15.58
C LYS B 281 13.04 31.06 14.50
N ASP B 282 13.34 31.78 13.41
CA ASP B 282 14.37 31.38 12.45
C ASP B 282 14.17 29.95 11.94
N ILE B 283 13.03 29.77 11.30
CA ILE B 283 12.63 28.50 10.69
C ILE B 283 12.31 28.75 9.21
N GLU B 284 13.13 28.20 8.34
CA GLU B 284 12.83 28.22 6.94
C GLU B 284 12.46 26.80 6.50
N PRO B 285 11.22 26.63 6.01
CA PRO B 285 10.81 25.34 5.56
C PRO B 285 11.47 24.96 4.28
N ASP B 286 11.61 23.65 4.08
CA ASP B 286 12.05 23.13 2.81
C ASP B 286 10.91 23.17 1.80
N LEU B 287 9.70 22.89 2.27
CA LEU B 287 8.48 22.83 1.43
C LEU B 287 7.32 23.44 2.22
N MET B 288 6.40 24.10 1.50
CA MET B 288 5.22 24.70 2.08
C MET B 288 4.05 24.76 1.09
N SER B 289 2.84 24.59 1.65
CA SER B 289 1.66 24.66 0.83
C SER B 289 0.91 25.96 1.15
N VAL B 290 0.38 26.55 0.09
CA VAL B 290 -0.38 27.81 0.13
C VAL B 290 -1.66 27.63 -0.67
N GLY B 291 -2.75 28.21 -0.20
CA GLY B 291 -4.07 28.16 -0.83
C GLY B 291 -5.09 29.09 -0.19
N LYS B 292 -6.36 28.79 -0.31
CA LYS B 292 -7.38 29.59 0.38
C LYS B 292 -7.41 31.11 0.04
N SER B 293 -6.90 31.94 0.91
CA SER B 293 -6.87 33.37 0.65
C SER B 293 -6.01 33.84 -0.50
N LEU B 294 -5.13 32.98 -1.01
CA LEU B 294 -4.19 33.29 -2.08
C LEU B 294 -4.81 34.07 -3.23
N ALA B 295 -5.93 33.57 -3.74
CA ALA B 295 -6.70 34.22 -4.79
C ALA B 295 -8.10 34.63 -4.34
N SER B 296 -8.24 35.03 -3.09
CA SER B 296 -9.54 35.51 -2.54
C SER B 296 -10.66 34.48 -2.68
N GLY B 297 -10.33 33.19 -2.58
CA GLY B 297 -11.33 32.13 -2.74
C GLY B 297 -11.47 31.62 -4.16
N MET B 298 -10.81 32.27 -5.15
CA MET B 298 -10.73 31.67 -6.48
C MET B 298 -9.79 30.44 -6.34
N PRO B 299 -10.01 29.38 -7.12
CA PRO B 299 -9.19 28.18 -6.85
C PRO B 299 -7.79 28.36 -7.42
N LEU B 300 -6.84 28.55 -6.54
CA LEU B 300 -5.44 28.54 -6.90
C LEU B 300 -4.66 28.11 -5.65
N SER B 301 -3.62 27.31 -5.86
CA SER B 301 -2.77 26.93 -4.76
C SER B 301 -1.37 26.90 -5.24
N ALA B 302 -0.46 26.83 -4.30
CA ALA B 302 0.94 26.65 -4.63
C ALA B 302 1.67 25.81 -3.62
N VAL B 303 2.50 24.94 -4.16
CA VAL B 303 3.60 24.33 -3.42
C VAL B 303 4.87 25.18 -3.70
N ILE B 304 5.55 25.60 -2.64
CA ILE B 304 6.74 26.42 -2.74
C ILE B 304 7.82 25.70 -1.92
N GLY B 305 8.90 25.29 -2.57
CA GLY B 305 10.02 24.61 -1.86
C GLY B 305 11.35 25.21 -2.23
N LYS B 306 12.39 24.90 -1.47
CA LYS B 306 13.75 25.26 -1.90
C LYS B 306 14.03 24.74 -3.28
N LYS B 307 14.80 25.49 -4.04
CA LYS B 307 14.97 25.24 -5.49
C LYS B 307 15.42 23.83 -5.84
N GLU B 308 16.38 23.32 -5.08
CA GLU B 308 16.95 22.01 -5.35
C GLU B 308 15.93 20.89 -5.11
N VAL B 309 15.03 21.08 -4.15
CA VAL B 309 13.90 20.14 -3.94
C VAL B 309 12.95 20.19 -5.15
N MET B 310 12.67 21.39 -5.66
CA MET B 310 11.67 21.55 -6.71
C MET B 310 12.18 21.09 -8.04
N GLN B 311 13.50 20.93 -8.15
CA GLN B 311 14.16 20.46 -9.37
C GLN B 311 14.28 18.94 -9.45
N SER B 312 13.84 18.23 -8.42
CA SER B 312 14.01 16.77 -8.37
C SER B 312 12.97 15.99 -9.21
N LEU B 313 11.97 16.65 -9.79
CA LEU B 313 11.02 16.00 -10.70
C LEU B 313 11.00 16.55 -12.14
N ASP B 314 10.62 15.68 -13.06
CA ASP B 314 10.50 15.98 -14.48
C ASP B 314 9.04 15.91 -14.89
N ALA B 315 8.60 16.62 -15.93
CA ALA B 315 7.22 16.63 -16.43
C ALA B 315 6.80 15.26 -16.94
N PRO B 316 5.50 14.99 -16.81
CA PRO B 316 4.51 15.66 -16.14
C PRO B 316 4.26 15.07 -14.75
N ALA B 317 5.12 15.09 -13.76
CA ALA B 317 4.89 14.50 -12.45
C ALA B 317 3.78 15.18 -11.67
N HIS B 318 3.67 16.49 -11.83
CA HIS B 318 2.69 17.27 -11.04
C HIS B 318 2.22 18.51 -11.83
N LEU B 319 1.01 18.39 -12.36
CA LEU B 319 0.37 19.48 -13.11
C LEU B 319 -1.13 19.25 -13.28
N PHE B 320 -1.85 20.37 -13.45
CA PHE B 320 -3.30 20.39 -13.58
C PHE B 320 -3.68 21.31 -14.74
N THR B 321 -4.66 20.87 -15.51
CA THR B 321 -5.14 21.71 -16.63
C THR B 321 -5.42 23.15 -16.24
N THR B 322 -6.14 23.35 -15.12
CA THR B 322 -6.71 24.66 -14.73
C THR B 322 -5.89 25.38 -13.66
N ALA B 323 -4.81 24.74 -13.20
CA ALA B 323 -3.94 25.34 -12.18
C ALA B 323 -3.17 26.50 -12.82
N GLY B 324 -3.09 27.61 -12.06
CA GLY B 324 -2.49 28.84 -12.55
C GLY B 324 -3.33 29.45 -13.69
N ASN B 325 -4.64 29.23 -13.61
CA ASN B 325 -5.62 29.95 -14.39
C ASN B 325 -5.27 31.45 -14.37
N PRO B 326 -5.23 32.10 -15.53
CA PRO B 326 -4.84 33.53 -15.58
C PRO B 326 -5.75 34.52 -14.82
N VAL B 327 -7.05 34.25 -14.74
CA VAL B 327 -8.01 35.05 -13.96
C VAL B 327 -7.71 34.88 -12.47
N CYS B 328 -7.59 33.63 -12.07
CA CYS B 328 -7.13 33.30 -10.67
C CYS B 328 -5.81 33.99 -10.33
N SER B 329 -4.88 33.87 -11.25
CA SER B 329 -3.59 34.47 -11.05
C SER B 329 -3.71 35.98 -10.84
N ALA B 330 -4.47 36.66 -11.72
CA ALA B 330 -4.73 38.11 -11.61
C ALA B 330 -5.41 38.44 -10.30
N ALA B 331 -6.40 37.62 -9.92
CA ALA B 331 -7.05 37.84 -8.63
C ALA B 331 -6.06 37.69 -7.47
N SER B 332 -5.11 36.75 -7.62
CA SER B 332 -4.10 36.58 -6.59
C SER B 332 -3.14 37.78 -6.50
N LEU B 333 -2.57 38.23 -7.62
CA LEU B 333 -1.67 39.45 -7.58
C LEU B 333 -2.35 40.65 -6.91
N ALA B 334 -3.61 40.91 -7.28
CA ALA B 334 -4.36 41.97 -6.63
C ALA B 334 -4.63 41.68 -5.15
N THR B 335 -4.78 40.40 -4.81
CA THR B 335 -5.05 40.03 -3.43
C THR B 335 -3.79 40.25 -2.59
N LEU B 336 -2.63 39.86 -3.10
CA LEU B 336 -1.36 40.10 -2.35
C LEU B 336 -1.09 41.60 -2.19
N ASP B 337 -1.40 42.39 -3.21
CA ASP B 337 -1.33 43.86 -3.08
C ASP B 337 -2.27 44.49 -2.04
N VAL B 338 -3.52 44.02 -1.93
CA VAL B 338 -4.37 44.47 -0.82
C VAL B 338 -3.77 44.17 0.57
N ILE B 339 -3.19 42.96 0.76
CA ILE B 339 -2.61 42.58 2.06
C ILE B 339 -1.46 43.58 2.44
N GLU B 340 -0.58 43.90 1.47
CA GLU B 340 0.49 44.89 1.71
C GLU B 340 -0.07 46.30 1.90
N TYR B 341 -0.78 46.83 0.90
CA TYR B 341 -1.20 48.23 0.89
C TYR B 341 -2.14 48.61 2.06
N GLU B 342 -2.99 47.70 2.52
CA GLU B 342 -3.88 47.99 3.66
C GLU B 342 -3.32 47.49 4.99
N GLY B 343 -2.07 47.01 5.01
CA GLY B 343 -1.39 46.59 6.24
C GLY B 343 -2.19 45.52 7.00
N LEU B 344 -2.65 44.50 6.29
CA LEU B 344 -3.55 43.49 6.92
C LEU B 344 -2.83 42.53 7.90
N VAL B 345 -1.56 42.26 7.65
CA VAL B 345 -0.79 41.44 8.59
C VAL B 345 -0.83 42.12 9.99
N GLU B 346 -0.40 43.41 10.01
CA GLU B 346 -0.32 44.20 11.27
C GLU B 346 -1.71 44.33 11.90
N LYS B 347 -2.70 44.68 11.09
CA LYS B 347 -4.10 44.72 11.54
C LYS B 347 -4.58 43.43 12.22
N SER B 348 -4.18 42.30 11.63
CA SER B 348 -4.54 41.00 12.21
C SER B 348 -3.94 40.83 13.60
N ALA B 349 -2.65 41.12 13.71
CA ALA B 349 -1.95 41.14 15.03
C ALA B 349 -2.68 42.06 16.05
N THR B 350 -2.97 43.29 15.64
CA THR B 350 -3.64 44.27 16.49
C THR B 350 -5.06 43.87 16.89
N ASP B 351 -5.92 43.66 15.90
CA ASP B 351 -7.30 43.30 16.17
C ASP B 351 -7.33 41.99 16.94
N GLY B 352 -6.38 41.10 16.64
CA GLY B 352 -6.31 39.78 17.27
C GLY B 352 -6.00 39.85 18.76
N ALA B 353 -5.05 40.71 19.11
CA ALA B 353 -4.74 41.01 20.53
C ALA B 353 -5.96 41.59 21.22
N TYR B 354 -6.67 42.47 20.52
CA TYR B 354 -7.88 43.05 21.04
C TYR B 354 -8.95 42.00 21.25
N ALA B 355 -9.27 41.23 20.22
CA ALA B 355 -10.27 40.17 20.38
C ALA B 355 -9.88 39.15 21.46
N LYS B 356 -8.58 38.84 21.57
CA LYS B 356 -8.09 37.98 22.66
C LYS B 356 -8.54 38.48 24.04
N GLN B 357 -8.25 39.76 24.30
CA GLN B 357 -8.63 40.41 25.57
C GLN B 357 -10.12 40.40 25.78
N ARG B 358 -10.88 40.68 24.71
CA ARG B 358 -12.33 40.63 24.83
C ARG B 358 -12.88 39.27 25.22
N PHE B 359 -12.34 38.19 24.64
CA PHE B 359 -12.82 36.85 24.98
C PHE B 359 -12.33 36.36 26.38
N LEU B 360 -11.11 36.70 26.77
CA LEU B 360 -10.66 36.46 28.15
C LEU B 360 -11.55 37.18 29.18
N GLU B 361 -12.07 38.37 28.86
CA GLU B 361 -12.97 39.09 29.79
C GLU B 361 -14.31 38.35 29.87
N MET B 362 -14.80 37.91 28.72
CA MET B 362 -16.04 37.13 28.69
C MET B 362 -15.90 35.85 29.50
N GLN B 363 -14.72 35.24 29.43
CA GLN B 363 -14.39 34.01 30.21
C GLN B 363 -14.47 34.21 31.74
N GLN B 364 -14.22 35.44 32.24
CA GLN B 364 -14.45 35.76 33.68
C GLN B 364 -15.92 35.58 34.03
N ARG B 365 -16.81 35.95 33.11
CA ARG B 365 -18.28 35.89 33.30
C ARG B 365 -19.08 34.69 32.76
N HIS B 366 -18.45 33.84 31.97
CA HIS B 366 -19.11 32.64 31.43
C HIS B 366 -18.14 31.45 31.58
N PRO B 367 -18.24 30.70 32.69
CA PRO B 367 -17.25 29.61 32.89
C PRO B 367 -17.37 28.41 31.88
N MET B 368 -18.39 28.41 31.02
CA MET B 368 -18.41 27.47 29.91
C MET B 368 -17.20 27.69 28.97
N ILE B 369 -16.60 28.89 28.96
CA ILE B 369 -15.36 29.15 28.22
C ILE B 369 -14.14 28.58 28.97
N GLY B 370 -13.71 27.38 28.58
CA GLY B 370 -12.52 26.77 29.14
C GLY B 370 -11.18 27.29 28.62
N ASP B 371 -11.09 27.69 27.36
CA ASP B 371 -9.78 28.09 26.82
C ASP B 371 -9.95 29.13 25.73
N VAL B 372 -9.06 30.14 25.75
CA VAL B 372 -9.06 31.18 24.76
C VAL B 372 -7.74 31.16 24.00
N ARG B 373 -7.78 30.61 22.79
CA ARG B 373 -6.58 30.57 22.01
C ARG B 373 -6.75 31.53 20.89
N MET B 374 -5.73 32.35 20.61
CA MET B 374 -5.81 33.42 19.63
C MET B 374 -4.40 33.83 19.16
N TRP B 375 -4.21 33.89 17.85
CA TRP B 375 -2.95 34.43 17.27
C TRP B 375 -3.36 35.10 16.00
N GLY B 376 -3.36 36.43 16.06
CA GLY B 376 -3.86 37.27 14.97
C GLY B 376 -5.39 37.25 15.05
N LEU B 377 -6.09 37.53 13.96
CA LEU B 377 -7.57 37.40 13.96
C LEU B 377 -7.94 35.96 13.55
N ASN B 378 -7.57 35.00 14.40
CA ASN B 378 -7.70 33.60 14.18
C ASN B 378 -7.70 33.03 15.59
N GLY B 379 -8.80 32.45 15.99
CA GLY B 379 -8.93 31.94 17.34
C GLY B 379 -9.88 30.79 17.53
N GLY B 380 -9.67 30.06 18.62
CA GLY B 380 -10.51 28.94 18.97
C GLY B 380 -10.98 29.21 20.38
N ILE B 381 -12.29 29.27 20.60
CA ILE B 381 -12.82 29.56 21.91
C ILE B 381 -13.49 28.28 22.36
N GLU B 382 -12.81 27.52 23.20
CA GLU B 382 -13.22 26.17 23.58
C GLU B 382 -14.15 26.12 24.78
N LEU B 383 -15.29 25.50 24.56
CA LEU B 383 -16.33 25.40 25.54
C LEU B 383 -16.32 24.04 26.21
N VAL B 384 -16.46 24.06 27.53
CA VAL B 384 -16.34 22.86 28.36
C VAL B 384 -17.46 22.85 29.41
N LYS B 385 -17.76 21.67 29.94
CA LYS B 385 -18.89 21.51 30.87
C LYS B 385 -18.52 21.93 32.28
N ASP B 386 -17.22 21.99 32.55
CA ASP B 386 -16.70 22.36 33.85
C ASP B 386 -15.24 22.76 33.61
N PRO B 387 -14.73 23.83 34.28
CA PRO B 387 -13.33 24.24 33.94
C PRO B 387 -12.19 23.28 34.33
N LYS B 388 -12.46 22.34 35.22
CA LYS B 388 -11.40 21.45 35.73
C LYS B 388 -11.47 20.06 35.12
N THR B 389 -12.66 19.51 34.84
CA THR B 389 -12.73 18.28 34.03
C THR B 389 -12.31 18.54 32.55
N LYS B 390 -12.55 19.77 32.09
CA LYS B 390 -12.35 20.16 30.69
C LYS B 390 -13.15 19.27 29.69
N GLU B 391 -14.24 18.69 30.16
CA GLU B 391 -15.08 17.85 29.36
C GLU B 391 -15.77 18.71 28.24
N PRO B 392 -15.63 18.27 27.00
CA PRO B 392 -16.20 19.01 25.87
C PRO B 392 -17.71 19.14 25.96
N ASP B 393 -18.21 20.32 25.60
CA ASP B 393 -19.64 20.60 25.64
C ASP B 393 -20.05 21.15 24.29
N SER B 394 -20.19 20.24 23.32
CA SER B 394 -20.57 20.60 21.97
C SER B 394 -21.96 21.22 21.95
N ASP B 395 -22.86 20.69 22.77
CA ASP B 395 -24.22 21.18 22.82
C ASP B 395 -24.20 22.72 23.06
N ALA B 396 -23.39 23.16 24.01
CA ALA B 396 -23.25 24.56 24.27
C ALA B 396 -22.80 25.33 23.05
N ALA B 397 -21.77 24.82 22.41
CA ALA B 397 -21.20 25.46 21.21
C ALA B 397 -22.19 25.60 20.07
N THR B 398 -23.03 24.59 19.92
CA THR B 398 -24.00 24.56 18.86
C THR B 398 -25.08 25.61 19.15
N LYS B 399 -25.49 25.72 20.39
CA LYS B 399 -26.48 26.74 20.79
C LYS B 399 -25.87 28.14 20.66
N VAL B 400 -24.60 28.31 20.97
CA VAL B 400 -24.00 29.61 20.74
C VAL B 400 -24.07 30.02 19.25
N ILE B 401 -23.68 29.10 18.35
CA ILE B 401 -23.64 29.48 16.95
C ILE B 401 -25.04 29.67 16.40
N TYR B 402 -26.00 28.89 16.90
CA TYR B 402 -27.38 29.08 16.54
C TYR B 402 -27.94 30.46 16.98
N TYR B 403 -27.70 30.84 18.23
CA TYR B 403 -28.04 32.19 18.65
C TYR B 403 -27.33 33.19 17.77
N ALA B 404 -26.03 33.02 17.55
CA ALA B 404 -25.30 33.94 16.69
C ALA B 404 -25.95 34.14 15.32
N PHE B 405 -26.22 33.02 14.62
CA PHE B 405 -26.84 33.05 13.28
C PHE B 405 -28.18 33.81 13.27
N ALA B 406 -29.09 33.50 14.21
CA ALA B 406 -30.34 34.24 14.41
C ALA B 406 -30.16 35.75 14.80
N HIS B 407 -28.96 36.20 15.14
CA HIS B 407 -28.69 37.62 15.46
C HIS B 407 -27.61 38.25 14.58
N GLY B 408 -27.54 37.79 13.34
CA GLY B 408 -26.73 38.47 12.33
C GLY B 408 -25.24 38.22 12.38
N VAL B 409 -24.83 37.04 12.88
CA VAL B 409 -23.40 36.70 12.94
C VAL B 409 -23.23 35.26 12.52
N VAL B 410 -22.29 35.04 11.62
CA VAL B 410 -22.04 33.72 11.05
C VAL B 410 -20.74 33.29 11.67
N ILE B 411 -20.86 32.27 12.53
CA ILE B 411 -19.71 31.57 13.11
C ILE B 411 -20.00 30.08 13.11
N ILE B 412 -18.96 29.28 13.06
CA ILE B 412 -19.11 27.81 13.16
C ILE B 412 -18.15 27.22 14.20
N THR B 413 -18.30 25.92 14.40
CA THR B 413 -17.47 25.18 15.33
C THR B 413 -16.44 24.26 14.65
N LEU B 414 -15.41 23.92 15.41
CA LEU B 414 -14.41 22.94 15.14
C LEU B 414 -14.49 21.92 16.26
N ALA B 415 -14.41 20.64 15.87
CA ALA B 415 -14.37 19.47 16.76
C ALA B 415 -15.50 19.42 17.76
N GLY B 416 -16.70 19.76 17.33
CA GLY B 416 -17.89 19.84 18.21
C GLY B 416 -17.99 21.05 19.14
N ASN B 417 -16.96 21.35 19.94
CA ASN B 417 -17.13 22.28 21.12
C ASN B 417 -16.24 23.57 21.13
N ILE B 418 -15.59 23.90 20.02
CA ILE B 418 -14.69 25.05 19.86
C ILE B 418 -15.29 26.00 18.85
N LEU B 419 -15.59 27.23 19.29
CA LEU B 419 -16.04 28.26 18.39
C LEU B 419 -14.87 28.71 17.57
N ARG B 420 -15.10 28.86 16.27
CA ARG B 420 -14.06 29.17 15.35
C ARG B 420 -14.12 30.67 15.06
N PHE B 421 -13.01 31.38 15.25
CA PHE B 421 -13.02 32.82 15.05
C PHE B 421 -12.07 33.22 13.93
N GLN B 422 -12.57 33.42 12.70
CA GLN B 422 -11.67 33.80 11.58
C GLN B 422 -12.37 34.76 10.63
N PRO B 423 -12.64 36.00 11.09
CA PRO B 423 -13.27 36.97 10.21
C PRO B 423 -12.32 37.44 9.12
N PRO B 424 -12.86 37.93 8.00
CA PRO B 424 -11.96 38.65 7.14
C PRO B 424 -11.05 39.61 7.99
N LEU B 425 -9.81 39.73 7.55
CA LEU B 425 -8.85 40.58 8.21
C LEU B 425 -9.21 42.07 8.04
N VAL B 426 -9.89 42.43 6.95
CA VAL B 426 -10.36 43.81 6.75
C VAL B 426 -11.46 44.25 7.72
N ILE B 427 -11.99 43.36 8.56
CA ILE B 427 -13.24 43.64 9.29
C ILE B 427 -13.16 44.99 10.02
N PRO B 428 -14.14 45.90 9.77
CA PRO B 428 -14.13 47.16 10.54
C PRO B 428 -14.30 46.93 12.05
N ARG B 429 -13.65 47.74 12.84
CA ARG B 429 -13.75 47.62 14.26
C ARG B 429 -15.17 47.65 14.78
N GLU B 430 -15.98 48.49 14.16
CA GLU B 430 -17.40 48.58 14.50
C GLU B 430 -18.15 47.24 14.41
N GLN B 431 -17.94 46.53 13.31
CA GLN B 431 -18.59 45.22 13.13
C GLN B 431 -17.98 44.18 14.09
N LEU B 432 -16.66 44.23 14.22
CA LEU B 432 -15.98 43.32 15.15
C LEU B 432 -16.60 43.42 16.52
N ASP B 433 -16.81 44.66 17.00
CA ASP B 433 -17.46 44.88 18.28
C ASP B 433 -18.91 44.44 18.29
N GLN B 434 -19.67 44.68 17.22
CA GLN B 434 -21.07 44.16 17.19
C GLN B 434 -21.10 42.63 17.30
N ALA B 435 -20.27 41.98 16.51
CA ALA B 435 -20.18 40.48 16.51
C ALA B 435 -19.80 39.97 17.90
N LEU B 436 -18.76 40.56 18.49
CA LEU B 436 -18.34 40.17 19.86
C LEU B 436 -19.43 40.33 20.90
N GLN B 437 -20.27 41.38 20.78
CA GLN B 437 -21.37 41.59 21.70
C GLN B 437 -22.45 40.51 21.55
N VAL B 438 -22.75 40.12 20.32
CA VAL B 438 -23.69 39.01 20.07
C VAL B 438 -23.19 37.66 20.71
N LEU B 439 -21.91 37.41 20.63
CA LEU B 439 -21.33 36.20 21.22
C LEU B 439 -21.44 36.27 22.75
N ASP B 440 -21.08 37.40 23.32
CA ASP B 440 -21.34 37.64 24.78
C ASP B 440 -22.82 37.41 25.16
N ASP B 441 -23.75 38.04 24.44
CA ASP B 441 -25.17 37.75 24.58
C ASP B 441 -25.53 36.26 24.43
N ALA B 442 -24.98 35.60 23.41
CA ALA B 442 -25.19 34.16 23.18
C ALA B 442 -24.82 33.33 24.40
N PHE B 443 -23.63 33.57 24.93
CA PHE B 443 -23.19 32.86 26.14
C PHE B 443 -24.24 32.98 27.26
N THR B 444 -24.71 34.21 27.52
CA THR B 444 -25.72 34.48 28.53
C THR B 444 -27.02 33.77 28.20
N ALA B 445 -27.52 33.92 26.97
CA ALA B 445 -28.68 33.15 26.55
C ALA B 445 -28.57 31.64 26.87
N VAL B 446 -27.46 31.03 26.48
CA VAL B 446 -27.29 29.56 26.61
C VAL B 446 -27.22 29.17 28.10
N GLU B 447 -26.43 29.89 28.89
CA GLU B 447 -26.56 29.80 30.36
C GLU B 447 -27.98 29.84 30.87
N ASN B 448 -28.80 30.75 30.36
CA ASN B 448 -30.20 30.89 30.84
C ASN B 448 -31.19 29.85 30.30
N GLY B 449 -30.73 28.90 29.47
CA GLY B 449 -31.60 27.93 28.83
C GLY B 449 -32.43 28.48 27.68
N GLU B 450 -32.01 29.60 27.08
CA GLU B 450 -32.91 30.34 26.16
C GLU B 450 -32.79 29.91 24.69
N VAL B 451 -31.87 28.99 24.40
CA VAL B 451 -31.67 28.49 23.05
C VAL B 451 -31.86 26.99 23.04
N THR B 452 -32.65 26.48 22.10
CA THR B 452 -32.72 25.03 21.83
C THR B 452 -32.52 24.68 20.33
N ILE B 453 -32.51 23.40 19.97
CA ILE B 453 -32.14 22.95 18.60
C ILE B 453 -33.23 22.14 17.90
N GLY B 458 -30.47 17.27 11.36
CA GLY B 458 -29.40 16.27 11.19
C GLY B 458 -28.03 16.65 11.77
N LYS B 459 -27.01 15.93 11.35
CA LYS B 459 -25.62 16.08 11.80
C LYS B 459 -25.06 17.52 11.62
N ILE B 460 -24.61 18.09 12.73
CA ILE B 460 -24.04 19.43 12.73
C ILE B 460 -22.54 19.36 12.98
N GLY B 461 -21.78 19.95 12.04
CA GLY B 461 -20.37 20.17 12.24
C GLY B 461 -19.52 18.89 12.15
N TRP B 462 -18.34 18.94 12.77
CA TRP B 462 -17.33 17.90 12.71
C TRP B 462 -17.59 16.78 13.74
N MET C 13 -14.43 -49.66 -1.94
CA MET C 13 -15.76 -49.77 -1.23
C MET C 13 -15.61 -50.55 0.05
N GLY C 14 -15.81 -49.86 1.17
CA GLY C 14 -15.52 -50.45 2.48
C GLY C 14 -14.05 -50.48 2.83
N LYS C 15 -13.20 -49.95 1.95
CA LYS C 15 -11.76 -49.95 2.22
C LYS C 15 -11.24 -48.70 2.97
N LEU C 16 -12.03 -47.63 2.97
CA LEU C 16 -11.63 -46.30 3.44
C LEU C 16 -12.25 -45.86 4.78
N ASP C 17 -12.65 -46.82 5.61
CA ASP C 17 -13.47 -46.50 6.79
C ASP C 17 -12.74 -45.74 7.85
N LYS C 18 -11.56 -46.23 8.26
CA LYS C 18 -10.76 -45.51 9.24
C LYS C 18 -10.40 -44.08 8.77
N ALA C 19 -10.03 -43.98 7.50
CA ALA C 19 -9.67 -42.70 6.86
C ALA C 19 -10.79 -41.65 6.97
N SER C 20 -11.99 -42.03 6.50
CA SER C 20 -13.23 -41.23 6.59
C SER C 20 -13.61 -40.74 7.99
N LYS C 21 -13.56 -41.62 8.97
CA LYS C 21 -13.80 -41.22 10.35
C LYS C 21 -12.76 -40.19 10.76
N LEU C 22 -11.50 -40.49 10.50
CA LEU C 22 -10.41 -39.58 10.93
C LEU C 22 -10.54 -38.18 10.29
N ILE C 23 -10.73 -38.14 8.99
CA ILE C 23 -10.90 -36.90 8.24
C ILE C 23 -12.13 -36.15 8.79
N ASP C 24 -13.21 -36.89 9.05
CA ASP C 24 -14.40 -36.32 9.64
C ASP C 24 -14.21 -35.72 11.06
N GLU C 25 -13.46 -36.37 11.93
CA GLU C 25 -12.99 -35.73 13.17
C GLU C 25 -12.03 -34.52 12.94
N GLU C 26 -11.05 -34.66 12.04
CA GLU C 26 -10.10 -33.58 11.67
C GLU C 26 -10.80 -32.29 11.25
N ASN C 27 -11.83 -32.42 10.39
CA ASN C 27 -12.58 -31.24 9.89
C ASN C 27 -13.29 -30.35 10.96
N LYS C 28 -13.48 -30.86 12.18
CA LYS C 28 -13.95 -30.07 13.30
C LYS C 28 -12.93 -29.14 13.92
N TYR C 29 -11.65 -29.43 13.72
CA TYR C 29 -10.57 -28.74 14.42
C TYR C 29 -9.55 -28.04 13.49
N TYR C 30 -9.41 -28.51 12.25
CA TYR C 30 -8.38 -28.03 11.35
C TYR C 30 -9.09 -27.20 10.28
N ALA C 31 -8.74 -25.91 10.25
CA ALA C 31 -9.41 -24.92 9.40
C ALA C 31 -9.51 -25.37 7.95
N ARG C 32 -10.67 -25.13 7.34
CA ARG C 32 -10.84 -25.64 5.97
C ARG C 32 -9.90 -24.98 4.95
N SER C 33 -9.43 -23.75 5.21
CA SER C 33 -8.55 -23.05 4.23
C SER C 33 -7.11 -23.59 4.17
N ALA C 34 -6.78 -24.50 5.08
CA ALA C 34 -5.47 -25.18 5.16
C ALA C 34 -5.30 -26.42 4.27
N ARG C 35 -6.28 -26.74 3.42
CA ARG C 35 -6.21 -27.93 2.62
C ARG C 35 -7.05 -27.79 1.39
N ILE C 36 -6.42 -28.04 0.24
CA ILE C 36 -7.11 -28.33 -0.99
C ILE C 36 -7.46 -29.86 -1.10
N ASN C 37 -8.74 -30.18 -0.92
CA ASN C 37 -9.21 -31.57 -0.92
C ASN C 37 -9.43 -32.26 -2.26
N TYR C 38 -9.03 -33.53 -2.31
CA TYR C 38 -9.23 -34.37 -3.50
C TYR C 38 -9.96 -35.68 -3.18
N TYR C 39 -9.44 -36.44 -2.23
CA TYR C 39 -10.00 -37.72 -1.79
C TYR C 39 -9.55 -38.10 -0.37
N ASN C 40 -10.18 -39.12 0.22
CA ASN C 40 -9.90 -39.49 1.59
C ASN C 40 -8.66 -40.41 1.73
N LEU C 41 -7.47 -39.80 1.60
CA LEU C 41 -6.22 -40.49 1.74
C LEU C 41 -5.58 -40.03 3.04
N VAL C 42 -5.43 -40.94 3.98
CA VAL C 42 -4.78 -40.62 5.24
C VAL C 42 -3.56 -41.51 5.28
N ILE C 43 -2.35 -40.93 5.17
CA ILE C 43 -1.14 -41.73 5.07
C ILE C 43 -0.64 -42.22 6.45
N ASP C 44 -0.45 -43.52 6.56
CA ASP C 44 0.19 -44.13 7.73
C ASP C 44 1.73 -44.22 7.60
N HIS C 45 2.23 -44.87 6.55
CA HIS C 45 3.64 -44.90 6.29
C HIS C 45 3.86 -44.97 4.76
N ALA C 46 5.10 -44.73 4.34
CA ALA C 46 5.48 -44.78 2.92
C ALA C 46 6.95 -45.10 2.76
N HIS C 47 7.28 -45.65 1.61
CA HIS C 47 8.67 -45.88 1.28
C HIS C 47 8.86 -45.78 -0.20
N GLY C 48 9.86 -45.02 -0.64
CA GLY C 48 10.09 -44.84 -2.08
C GLY C 48 8.89 -44.14 -2.72
N ALA C 49 8.30 -44.77 -3.73
CA ALA C 49 7.01 -44.37 -4.32
C ALA C 49 5.77 -45.13 -3.82
N THR C 50 5.86 -45.81 -2.69
CA THR C 50 4.73 -46.57 -2.15
C THR C 50 4.19 -45.93 -0.88
N LEU C 51 2.90 -45.61 -0.90
CA LEU C 51 2.22 -45.01 0.23
C LEU C 51 1.34 -46.09 0.77
N VAL C 52 1.24 -46.14 2.09
CA VAL C 52 0.32 -47.06 2.72
C VAL C 52 -0.60 -46.25 3.65
N ASP C 53 -1.91 -46.39 3.45
CA ASP C 53 -2.90 -45.60 4.22
C ASP C 53 -3.25 -46.27 5.55
N VAL C 54 -4.02 -45.58 6.38
CA VAL C 54 -4.31 -46.16 7.72
C VAL C 54 -5.22 -47.39 7.61
N ASP C 55 -5.92 -47.57 6.48
CA ASP C 55 -6.72 -48.77 6.24
C ASP C 55 -5.93 -49.94 5.63
N GLY C 56 -4.61 -49.78 5.43
CA GLY C 56 -3.77 -50.82 4.88
C GLY C 56 -3.83 -50.94 3.37
N ASN C 57 -4.48 -50.01 2.68
CA ASN C 57 -4.43 -49.99 1.19
C ASN C 57 -3.08 -49.38 0.70
N LYS C 58 -2.65 -49.81 -0.49
CA LYS C 58 -1.34 -49.45 -1.06
C LYS C 58 -1.48 -48.68 -2.36
N TYR C 59 -0.57 -47.73 -2.58
CA TYR C 59 -0.65 -46.89 -3.75
C TYR C 59 0.71 -46.46 -4.25
N ILE C 60 0.72 -46.11 -5.53
CA ILE C 60 1.88 -45.55 -6.20
C ILE C 60 1.76 -44.00 -6.19
N ASP C 61 2.74 -43.34 -5.57
CA ASP C 61 2.71 -41.90 -5.38
C ASP C 61 3.09 -41.21 -6.67
N LEU C 62 2.12 -40.55 -7.32
CA LEU C 62 2.41 -39.69 -8.47
C LEU C 62 2.35 -38.18 -8.14
N LEU C 63 2.44 -37.86 -6.86
CA LEU C 63 2.49 -36.49 -6.43
C LEU C 63 3.75 -36.11 -5.64
N ALA C 64 4.33 -37.04 -4.89
CA ALA C 64 5.55 -36.76 -4.10
C ALA C 64 5.34 -35.53 -3.18
N SER C 65 4.15 -35.44 -2.60
CA SER C 65 3.87 -34.34 -1.68
C SER C 65 4.20 -33.00 -2.32
N ALA C 66 3.68 -32.77 -3.51
CA ALA C 66 3.91 -31.55 -4.30
C ALA C 66 5.39 -31.28 -4.59
N SER C 67 6.05 -32.32 -5.10
CA SER C 67 7.47 -32.32 -5.48
C SER C 67 8.43 -32.07 -4.32
N ALA C 68 8.03 -32.55 -3.16
CA ALA C 68 8.81 -32.48 -1.93
C ALA C 68 9.52 -33.76 -1.57
N ILE C 69 9.21 -34.85 -2.29
CA ILE C 69 9.75 -36.18 -2.00
C ILE C 69 10.50 -36.69 -3.26
N ASN C 70 11.41 -35.89 -3.79
CA ASN C 70 12.19 -36.29 -4.98
C ASN C 70 13.02 -37.56 -4.78
N VAL C 71 13.57 -37.74 -3.60
CA VAL C 71 14.39 -38.92 -3.35
C VAL C 71 13.61 -40.10 -2.71
N GLY C 72 12.28 -40.06 -2.79
CA GLY C 72 11.44 -41.10 -2.26
C GLY C 72 11.19 -40.97 -0.78
N HIS C 73 10.05 -41.52 -0.38
CA HIS C 73 9.63 -41.49 1.01
C HIS C 73 10.51 -42.34 1.93
N THR C 74 10.81 -41.81 3.11
CA THR C 74 11.61 -42.51 4.11
C THR C 74 12.91 -43.08 3.55
N HIS C 75 13.66 -42.27 2.80
CA HIS C 75 14.92 -42.77 2.28
C HIS C 75 15.78 -43.08 3.48
N GLU C 76 16.43 -44.24 3.45
CA GLU C 76 17.17 -44.71 4.62
C GLU C 76 18.27 -43.80 5.08
N LYS C 77 19.02 -43.25 4.17
CA LYS C 77 20.08 -42.28 4.58
C LYS C 77 19.50 -40.99 5.18
N VAL C 78 18.39 -40.56 4.63
CA VAL C 78 17.72 -39.36 5.15
C VAL C 78 17.13 -39.67 6.51
N VAL C 79 16.45 -40.82 6.64
CA VAL C 79 15.89 -41.23 7.94
C VAL C 79 17.01 -41.34 8.97
N LYS C 80 18.13 -41.94 8.59
CA LYS C 80 19.29 -42.07 9.51
C LYS C 80 19.86 -40.69 9.91
N ALA C 81 20.03 -39.79 8.93
CA ALA C 81 20.55 -38.45 9.29
C ALA C 81 19.61 -37.77 10.29
N ILE C 82 18.31 -37.96 10.13
CA ILE C 82 17.37 -37.34 11.06
C ILE C 82 17.53 -37.85 12.50
N ALA C 83 17.51 -39.17 12.61
CA ALA C 83 17.69 -39.86 13.90
C ALA C 83 19.03 -39.50 14.60
N ASP C 84 20.11 -39.63 13.86
CA ASP C 84 21.43 -39.32 14.39
C ASP C 84 21.53 -37.86 14.80
N GLN C 85 21.06 -36.93 13.95
CA GLN C 85 21.16 -35.52 14.34
C GLN C 85 20.28 -35.26 15.58
N ALA C 86 19.06 -35.80 15.58
CA ALA C 86 18.18 -35.57 16.74
C ALA C 86 18.80 -35.91 18.13
N GLN C 87 19.63 -36.94 18.19
CA GLN C 87 20.27 -37.38 19.46
C GLN C 87 21.33 -36.41 19.96
N LYS C 88 21.98 -35.67 19.04
CA LYS C 88 23.01 -34.65 19.38
C LYS C 88 22.41 -33.26 19.69
N LEU C 89 21.54 -32.78 18.80
CA LEU C 89 20.90 -31.47 19.00
C LEU C 89 19.70 -31.37 18.08
N ILE C 90 18.52 -31.18 18.65
CA ILE C 90 17.32 -31.03 17.82
C ILE C 90 17.28 -29.59 17.24
N HIS C 91 17.63 -28.61 18.07
CA HIS C 91 17.68 -27.23 17.59
C HIS C 91 18.55 -26.32 18.41
N TYR C 92 19.33 -25.54 17.71
CA TYR C 92 19.77 -24.26 18.22
C TYR C 92 19.71 -23.30 17.07
N THR C 93 19.04 -22.17 17.30
CA THR C 93 18.79 -21.21 16.23
C THR C 93 20.09 -20.62 15.59
N PRO C 94 20.25 -20.82 14.28
CA PRO C 94 21.30 -20.13 13.53
C PRO C 94 21.16 -18.59 13.46
N ALA C 95 19.98 -18.04 13.82
CA ALA C 95 19.74 -16.59 13.95
C ALA C 95 20.52 -15.98 15.09
N TYR C 96 20.95 -16.80 16.03
CA TYR C 96 21.77 -16.29 17.11
C TYR C 96 23.16 -16.91 17.14
N PHE C 97 23.21 -18.23 16.96
CA PHE C 97 24.45 -19.01 17.01
C PHE C 97 24.59 -19.94 15.80
N HIS C 98 25.62 -20.78 15.82
CA HIS C 98 25.87 -21.70 14.71
C HIS C 98 25.98 -23.18 15.09
N HIS C 99 25.76 -24.02 14.08
CA HIS C 99 25.89 -25.47 14.20
C HIS C 99 26.43 -26.00 12.89
N VAL C 100 27.06 -27.17 12.94
CA VAL C 100 27.87 -27.68 11.80
C VAL C 100 27.04 -28.10 10.58
N PRO C 101 25.88 -28.77 10.80
CA PRO C 101 25.11 -29.18 9.60
C PRO C 101 24.57 -27.96 8.73
N GLY C 102 24.21 -26.86 9.38
CA GLY C 102 23.76 -25.62 8.70
C GLY C 102 24.92 -24.99 7.94
N MET C 103 26.06 -24.88 8.62
CA MET C 103 27.33 -24.36 8.01
C MET C 103 27.73 -25.10 6.78
N GLU C 104 27.64 -26.43 6.84
CA GLU C 104 28.01 -27.26 5.70
C GLU C 104 27.05 -27.08 4.55
N LEU C 105 25.77 -27.14 4.86
CA LEU C 105 24.72 -26.94 3.86
C LEU C 105 24.71 -25.54 3.25
N SER C 106 24.82 -24.51 4.07
CA SER C 106 24.91 -23.12 3.55
C SER C 106 25.96 -23.04 2.44
N GLU C 107 27.13 -23.58 2.69
CA GLU C 107 28.19 -23.64 1.68
C GLU C 107 27.92 -24.53 0.48
N LYS C 108 27.38 -25.72 0.68
CA LYS C 108 27.07 -26.59 -0.47
C LYS C 108 26.02 -25.94 -1.42
N LEU C 109 25.05 -25.25 -0.83
CA LEU C 109 23.97 -24.65 -1.60
C LEU C 109 24.49 -23.51 -2.47
N ALA C 110 25.30 -22.65 -1.86
CA ALA C 110 26.03 -21.55 -2.59
C ALA C 110 26.81 -22.07 -3.79
N LYS C 111 27.43 -23.24 -3.62
CA LYS C 111 28.23 -23.88 -4.67
C LYS C 111 27.44 -24.64 -5.74
N ILE C 112 26.40 -25.38 -5.34
CA ILE C 112 25.60 -26.20 -6.30
C ILE C 112 24.53 -25.43 -7.07
N ALA C 113 24.23 -24.21 -6.60
CA ALA C 113 23.42 -23.24 -7.40
C ALA C 113 23.92 -23.06 -8.81
N PRO C 114 22.99 -22.78 -9.77
CA PRO C 114 23.39 -22.63 -11.16
C PRO C 114 24.25 -21.37 -11.37
N GLY C 115 25.16 -21.43 -12.34
CA GLY C 115 26.12 -20.37 -12.64
C GLY C 115 27.35 -20.34 -11.77
N ASN C 116 28.38 -19.64 -12.25
CA ASN C 116 29.73 -19.55 -11.59
C ASN C 116 29.96 -18.38 -10.64
N SER C 117 29.07 -17.39 -10.62
CA SER C 117 29.26 -16.22 -9.79
C SER C 117 29.10 -16.61 -8.35
N PRO C 118 29.94 -16.06 -7.44
CA PRO C 118 29.81 -16.52 -6.03
C PRO C 118 28.44 -16.20 -5.42
N LYS C 119 27.98 -17.05 -4.51
CA LYS C 119 26.65 -16.91 -3.92
C LYS C 119 26.71 -16.92 -2.44
N MET C 120 25.68 -16.40 -1.79
CA MET C 120 25.43 -16.59 -0.36
C MET C 120 23.98 -17.06 -0.21
N VAL C 121 23.66 -17.54 0.99
CA VAL C 121 22.47 -18.28 1.28
C VAL C 121 21.91 -17.76 2.58
N SER C 122 20.60 -17.71 2.62
CA SER C 122 19.91 -17.45 3.85
C SER C 122 18.84 -18.53 3.97
N PHE C 123 18.67 -19.04 5.17
CA PHE C 123 17.76 -20.14 5.39
C PHE C 123 16.40 -19.61 5.85
N GLY C 124 15.38 -20.25 5.36
CA GLY C 124 14.04 -20.15 5.92
C GLY C 124 13.46 -21.49 6.21
N ASN C 125 12.15 -21.49 6.53
CA ASN C 125 11.35 -22.70 6.77
C ASN C 125 10.49 -23.20 5.57
N SER C 126 10.21 -22.32 4.61
CA SER C 126 9.22 -22.57 3.58
C SER C 126 9.57 -21.79 2.32
N GLY C 127 9.14 -22.28 1.17
CA GLY C 127 9.38 -21.60 -0.07
C GLY C 127 8.76 -20.20 -0.03
N SER C 128 7.64 -20.07 0.67
CA SER C 128 6.95 -18.79 0.90
C SER C 128 7.91 -17.77 1.42
N ASP C 129 8.62 -18.13 2.51
CA ASP C 129 9.44 -17.14 3.20
C ASP C 129 10.70 -16.84 2.41
N ALA C 130 11.15 -17.79 1.59
CA ALA C 130 12.24 -17.51 0.69
C ALA C 130 11.87 -16.53 -0.41
N ASN C 131 10.64 -16.59 -0.88
CA ASN C 131 10.19 -15.60 -1.86
C ASN C 131 9.98 -14.23 -1.23
N ASP C 132 9.54 -14.19 0.03
CA ASP C 132 9.54 -12.93 0.80
C ASP C 132 10.96 -12.33 0.87
N ALA C 133 11.96 -13.17 1.14
CA ALA C 133 13.33 -12.72 1.15
C ALA C 133 13.76 -12.21 -0.23
N ILE C 134 13.41 -12.89 -1.31
CA ILE C 134 13.67 -12.36 -2.65
C ILE C 134 13.17 -10.94 -2.77
N ILE C 135 11.95 -10.67 -2.31
CA ILE C 135 11.45 -9.31 -2.38
C ILE C 135 12.39 -8.34 -1.63
N LYS C 136 12.79 -8.71 -0.42
CA LYS C 136 13.53 -7.80 0.43
C LYS C 136 14.92 -7.53 -0.12
N PHE C 137 15.58 -8.59 -0.56
CA PHE C 137 16.94 -8.50 -1.09
C PHE C 137 17.02 -7.75 -2.39
N ALA C 138 16.03 -7.99 -3.26
CA ALA C 138 15.92 -7.25 -4.48
C ALA C 138 15.70 -5.77 -4.20
N ARG C 139 14.76 -5.45 -3.34
CA ARG C 139 14.52 -4.04 -2.99
C ARG C 139 15.76 -3.37 -2.40
N ALA C 140 16.41 -4.09 -1.51
CA ALA C 140 17.54 -3.57 -0.76
C ALA C 140 18.79 -3.32 -1.61
N TYR C 141 19.08 -4.26 -2.48
CA TYR C 141 20.21 -4.17 -3.38
C TYR C 141 20.05 -3.10 -4.45
N THR C 142 18.88 -3.05 -5.10
CA THR C 142 18.63 -2.10 -6.21
C THR C 142 18.21 -0.74 -5.66
N GLY C 143 17.82 -0.67 -4.39
CA GLY C 143 17.14 0.52 -3.85
C GLY C 143 15.82 0.88 -4.56
N ARG C 144 15.21 -0.06 -5.29
CA ARG C 144 13.99 0.14 -6.06
C ARG C 144 12.89 -0.66 -5.37
N GLN C 145 11.64 -0.29 -5.62
CA GLN C 145 10.50 -0.86 -4.89
C GLN C 145 9.64 -1.86 -5.64
N TYR C 146 9.54 -1.75 -6.96
CA TYR C 146 8.53 -2.51 -7.67
C TYR C 146 8.97 -3.95 -7.90
N ILE C 147 8.05 -4.89 -7.70
CA ILE C 147 8.28 -6.31 -8.03
C ILE C 147 7.35 -6.73 -9.18
N VAL C 148 7.89 -7.46 -10.14
CA VAL C 148 7.12 -8.03 -11.23
C VAL C 148 7.09 -9.56 -11.06
N SER C 149 5.86 -10.09 -10.98
CA SER C 149 5.60 -11.51 -10.97
C SER C 149 4.54 -11.90 -12.01
N TYR C 150 4.25 -13.19 -12.10
CA TYR C 150 3.41 -13.73 -13.15
C TYR C 150 2.00 -14.14 -12.69
N MET C 151 1.02 -13.82 -13.55
CA MET C 151 -0.27 -14.51 -13.54
C MET C 151 -0.02 -16.00 -13.67
N GLY C 152 -0.86 -16.79 -13.01
CA GLY C 152 -0.72 -18.24 -12.93
C GLY C 152 0.36 -18.73 -11.98
N SER C 153 1.10 -17.83 -11.35
CA SER C 153 2.22 -18.25 -10.48
C SER C 153 1.73 -18.66 -9.10
N TYR C 154 2.50 -19.46 -8.40
CA TYR C 154 2.35 -19.63 -6.98
C TYR C 154 3.72 -19.48 -6.36
N HIS C 155 3.82 -18.56 -5.42
CA HIS C 155 5.07 -18.29 -4.71
C HIS C 155 5.01 -18.47 -3.25
N GLY C 156 3.82 -18.42 -2.69
CA GLY C 156 3.64 -18.68 -1.27
C GLY C 156 2.40 -18.10 -0.62
N SER C 157 2.38 -18.24 0.70
CA SER C 157 1.27 -17.95 1.56
C SER C 157 1.61 -16.97 2.69
N THR C 158 2.75 -16.31 2.61
CA THR C 158 3.10 -15.21 3.50
C THR C 158 2.79 -13.96 2.68
N TYR C 159 2.52 -12.86 3.34
CA TYR C 159 1.97 -11.69 2.64
C TYR C 159 2.74 -11.23 1.39
N GLY C 160 4.07 -11.36 1.43
CA GLY C 160 4.88 -10.97 0.29
C GLY C 160 4.68 -11.92 -0.85
N SER C 161 5.00 -13.19 -0.61
CA SER C 161 4.92 -14.24 -1.63
C SER C 161 3.51 -14.46 -2.15
N GLN C 162 2.54 -14.38 -1.24
CA GLN C 162 1.11 -14.44 -1.65
C GLN C 162 0.67 -13.33 -2.59
N THR C 163 1.23 -12.13 -2.42
CA THR C 163 0.92 -11.02 -3.28
C THR C 163 1.50 -11.29 -4.66
N LEU C 164 2.68 -11.89 -4.72
CA LEU C 164 3.28 -12.28 -6.01
C LEU C 164 2.50 -13.29 -6.80
N SER C 165 1.78 -14.17 -6.07
CA SER C 165 1.10 -15.27 -6.69
C SER C 165 -0.09 -14.89 -7.54
N GLY C 166 -0.48 -15.80 -8.42
CA GLY C 166 -1.63 -15.62 -9.31
C GLY C 166 -2.35 -16.86 -9.77
N SER C 167 -2.50 -17.81 -8.88
CA SER C 167 -3.09 -19.11 -9.23
C SER C 167 -4.41 -19.43 -8.53
N SER C 168 -4.80 -18.58 -7.60
CA SER C 168 -6.10 -18.73 -6.96
C SER C 168 -6.62 -17.39 -6.42
N LEU C 169 -7.88 -17.10 -6.71
CA LEU C 169 -8.53 -15.93 -6.19
C LEU C 169 -8.71 -15.95 -4.68
N ASN C 170 -8.74 -17.13 -4.05
CA ASN C 170 -8.74 -17.24 -2.62
C ASN C 170 -7.39 -16.93 -1.95
N MET C 171 -6.38 -16.58 -2.74
CA MET C 171 -5.15 -16.06 -2.18
C MET C 171 -5.15 -14.52 -2.03
N THR C 172 -6.16 -13.88 -2.60
CA THR C 172 -6.39 -12.46 -2.50
C THR C 172 -7.69 -12.03 -1.73
N ARG C 173 -8.75 -12.83 -1.85
CA ARG C 173 -10.03 -12.50 -1.26
C ARG C 173 -10.06 -12.36 0.26
N LYS C 174 -10.61 -11.23 0.69
CA LYS C 174 -10.89 -10.85 2.09
C LYS C 174 -9.70 -10.57 3.00
N ILE C 175 -8.49 -10.59 2.46
CA ILE C 175 -7.32 -10.41 3.31
C ILE C 175 -6.46 -9.20 2.97
N GLY C 176 -6.86 -8.48 1.93
CA GLY C 176 -6.10 -7.33 1.49
C GLY C 176 -6.35 -6.16 2.41
N PRO C 177 -5.61 -5.06 2.26
CA PRO C 177 -4.64 -4.85 1.16
C PRO C 177 -3.39 -5.75 1.19
N MET C 178 -2.91 -6.05 0.00
CA MET C 178 -1.77 -6.98 -0.16
C MET C 178 -0.51 -6.09 -0.15
N LEU C 179 0.64 -6.67 -0.48
CA LEU C 179 1.89 -5.91 -0.49
C LEU C 179 1.85 -4.93 -1.64
N PRO C 180 2.23 -3.69 -1.38
CA PRO C 180 2.19 -2.69 -2.46
C PRO C 180 3.30 -2.79 -3.44
N SER C 181 3.11 -2.16 -4.60
CA SER C 181 4.14 -2.06 -5.66
C SER C 181 4.51 -3.40 -6.29
N VAL C 182 3.51 -4.25 -6.51
CA VAL C 182 3.67 -5.51 -7.22
C VAL C 182 2.89 -5.44 -8.52
N VAL C 183 3.44 -5.93 -9.62
CA VAL C 183 2.75 -5.88 -10.91
C VAL C 183 2.76 -7.28 -11.44
N HIS C 184 1.59 -7.80 -11.86
CA HIS C 184 1.51 -9.10 -12.52
C HIS C 184 1.46 -8.95 -14.05
N VAL C 185 2.22 -9.81 -14.72
CA VAL C 185 2.23 -9.93 -16.16
C VAL C 185 1.87 -11.36 -16.55
N PRO C 186 1.37 -11.53 -17.78
CA PRO C 186 0.86 -12.86 -18.17
C PRO C 186 2.00 -13.81 -18.53
N TYR C 187 1.85 -15.08 -18.18
CA TYR C 187 2.90 -16.08 -18.45
C TYR C 187 2.58 -16.79 -19.76
N PRO C 188 3.61 -17.03 -20.59
CA PRO C 188 3.34 -17.56 -21.94
C PRO C 188 2.64 -18.91 -21.96
N ASP C 189 1.51 -18.92 -22.62
CA ASP C 189 0.69 -20.09 -22.82
C ASP C 189 0.96 -20.57 -24.24
N SER C 190 1.60 -21.72 -24.37
CA SER C 190 1.89 -22.35 -25.68
C SER C 190 0.81 -23.37 -26.14
N TYR C 191 -0.29 -23.53 -25.40
CA TYR C 191 -1.35 -24.45 -25.83
C TYR C 191 -2.54 -23.73 -26.44
N ARG C 192 -3.15 -22.81 -25.68
CA ARG C 192 -4.29 -22.02 -26.15
C ARG C 192 -3.74 -20.81 -26.87
N THR C 193 -3.37 -21.03 -28.14
CA THR C 193 -2.68 -20.02 -28.99
C THR C 193 -3.60 -19.56 -30.07
N TYR C 194 -3.22 -18.49 -30.78
CA TYR C 194 -4.01 -18.03 -31.94
C TYR C 194 -3.70 -18.87 -33.20
N PRO C 195 -4.68 -19.02 -34.09
CA PRO C 195 -4.38 -19.85 -35.26
C PRO C 195 -3.09 -19.38 -36.02
N GLY C 196 -2.20 -20.33 -36.26
CA GLY C 196 -0.96 -20.12 -37.03
C GLY C 196 0.24 -19.69 -36.23
N GLU C 197 0.08 -19.50 -34.93
CA GLU C 197 1.18 -18.99 -34.11
C GLU C 197 2.26 -20.07 -33.92
N THR C 198 3.49 -19.73 -34.29
CA THR C 198 4.68 -20.51 -33.99
C THR C 198 5.13 -20.14 -32.57
N GLU C 199 6.13 -20.87 -32.09
CA GLU C 199 6.72 -20.60 -30.79
C GLU C 199 7.40 -19.22 -30.73
N HIS C 200 7.93 -18.77 -31.87
CA HIS C 200 8.44 -17.40 -32.02
C HIS C 200 7.29 -16.36 -31.91
N ASP C 201 6.13 -16.64 -32.50
CA ASP C 201 4.99 -15.71 -32.42
C ASP C 201 4.49 -15.58 -30.96
N VAL C 202 4.55 -16.69 -30.22
CA VAL C 202 4.10 -16.74 -28.85
C VAL C 202 5.05 -15.99 -27.99
N SER C 203 6.33 -16.29 -28.15
CA SER C 203 7.36 -15.63 -27.39
C SER C 203 7.31 -14.12 -27.55
N LEU C 204 7.10 -13.65 -28.78
CA LEU C 204 7.07 -12.22 -29.05
C LEU C 204 5.79 -11.55 -28.56
N ARG C 205 4.65 -12.22 -28.76
CA ARG C 205 3.40 -11.77 -28.24
C ARG C 205 3.45 -11.62 -26.68
N TYR C 206 3.90 -12.67 -25.99
CA TYR C 206 3.99 -12.57 -24.52
C TYR C 206 5.02 -11.55 -24.04
N PHE C 207 6.13 -11.39 -24.76
CA PHE C 207 7.08 -10.31 -24.44
C PHE C 207 6.49 -8.93 -24.66
N ASN C 208 5.65 -8.80 -25.69
CA ASN C 208 4.98 -7.54 -25.97
C ASN C 208 4.02 -7.26 -24.79
N GLU C 209 3.34 -8.29 -24.25
CA GLU C 209 2.52 -8.06 -23.04
C GLU C 209 3.39 -7.69 -21.79
N PHE C 210 4.52 -8.37 -21.62
CA PHE C 210 5.49 -8.04 -20.59
C PHE C 210 5.87 -6.57 -20.62
N LYS C 211 6.06 -6.03 -21.82
CA LYS C 211 6.54 -4.67 -21.97
C LYS C 211 5.46 -3.62 -21.74
N LYS C 212 4.18 -3.99 -21.90
CA LYS C 212 3.13 -2.98 -21.84
C LYS C 212 3.11 -2.21 -20.52
N PRO C 213 3.23 -2.88 -19.36
CA PRO C 213 3.30 -2.04 -18.15
C PRO C 213 4.52 -1.12 -18.12
N PHE C 214 5.65 -1.57 -18.65
CA PHE C 214 6.86 -0.73 -18.65
C PHE C 214 6.80 0.41 -19.64
N GLU C 215 5.88 0.31 -20.59
CA GLU C 215 5.67 1.34 -21.58
C GLU C 215 4.55 2.32 -21.17
N SER C 216 3.95 2.10 -20.00
CA SER C 216 2.87 2.97 -19.54
C SER C 216 3.04 3.58 -18.15
N PHE C 217 2.83 2.77 -17.11
CA PHE C 217 2.94 3.25 -15.73
C PHE C 217 4.06 2.68 -14.86
N LEU C 218 4.73 1.62 -15.29
CA LEU C 218 5.75 0.96 -14.46
C LEU C 218 7.20 1.30 -14.93
N PRO C 219 7.91 2.18 -14.22
CA PRO C 219 9.27 2.50 -14.68
C PRO C 219 10.21 1.32 -14.49
N ALA C 220 10.76 0.81 -15.59
CA ALA C 220 11.80 -0.24 -15.57
C ALA C 220 12.90 0.07 -14.56
N ASP C 221 13.37 1.31 -14.56
CA ASP C 221 14.39 1.85 -13.63
C ASP C 221 13.95 1.93 -12.16
N GLU C 222 12.68 1.67 -11.86
CA GLU C 222 12.22 1.55 -10.46
C GLU C 222 11.77 0.16 -10.12
N THR C 223 12.05 -0.79 -11.00
CA THR C 223 11.65 -2.15 -10.82
C THR C 223 12.88 -2.95 -10.27
N ALA C 224 12.70 -3.55 -9.10
CA ALA C 224 13.76 -4.25 -8.37
C ALA C 224 14.05 -5.61 -8.96
N CYS C 225 13.02 -6.40 -9.24
CA CYS C 225 13.22 -7.68 -9.84
C CYS C 225 11.99 -8.17 -10.54
N VAL C 226 12.23 -9.14 -11.43
CA VAL C 226 11.23 -10.00 -11.97
C VAL C 226 11.45 -11.34 -11.32
N LEU C 227 10.36 -11.93 -10.81
CA LEU C 227 10.38 -13.28 -10.29
C LEU C 227 9.59 -14.16 -11.25
N ILE C 228 10.25 -15.22 -11.74
CA ILE C 228 9.65 -16.18 -12.64
C ILE C 228 9.89 -17.68 -12.26
N GLU C 229 8.84 -18.48 -12.35
CA GLU C 229 8.98 -19.92 -12.35
C GLU C 229 9.47 -20.40 -13.75
N PRO C 230 10.63 -21.09 -13.83
CA PRO C 230 11.10 -21.47 -15.16
C PRO C 230 10.11 -22.39 -15.86
N ILE C 231 9.46 -23.25 -15.07
CA ILE C 231 8.29 -23.96 -15.47
C ILE C 231 7.25 -23.70 -14.39
N GLN C 232 6.08 -23.28 -14.79
CA GLN C 232 5.08 -23.00 -13.82
C GLN C 232 4.49 -24.27 -13.32
N GLY C 233 4.38 -24.37 -12.02
CA GLY C 233 3.83 -25.54 -11.44
C GLY C 233 2.37 -25.52 -11.26
N ASP C 234 1.89 -24.73 -10.33
CA ASP C 234 0.47 -24.65 -10.09
C ASP C 234 -0.28 -24.08 -11.33
N GLY C 235 0.40 -23.35 -12.18
CA GLY C 235 -0.23 -22.80 -13.39
C GLY C 235 -0.62 -23.91 -14.37
N GLY C 236 -0.05 -25.10 -14.18
CA GLY C 236 -0.35 -26.26 -15.00
C GLY C 236 0.82 -26.90 -15.73
N ILE C 237 1.99 -26.93 -15.10
CA ILE C 237 3.20 -27.45 -15.72
C ILE C 237 3.47 -26.76 -17.07
N ILE C 238 3.49 -25.44 -17.02
CA ILE C 238 3.71 -24.62 -18.21
C ILE C 238 5.15 -24.11 -18.26
N LYS C 239 5.82 -24.35 -19.38
CA LYS C 239 7.20 -23.89 -19.53
C LYS C 239 7.29 -22.72 -20.46
N ALA C 240 7.88 -21.62 -20.02
CA ALA C 240 8.17 -20.53 -20.95
C ALA C 240 8.97 -21.05 -22.16
N PRO C 241 8.67 -20.57 -23.38
CA PRO C 241 9.61 -20.83 -24.50
C PRO C 241 10.99 -20.20 -24.28
N GLU C 242 12.01 -20.82 -24.89
CA GLU C 242 13.39 -20.39 -24.74
C GLU C 242 13.53 -18.92 -25.03
N GLU C 243 12.96 -18.48 -26.14
CA GLU C 243 13.15 -17.13 -26.60
C GLU C 243 12.46 -16.04 -25.74
N TYR C 244 11.25 -16.34 -25.29
CA TYR C 244 10.57 -15.56 -24.25
C TYR C 244 11.50 -15.32 -23.04
N MET C 245 12.08 -16.40 -22.51
CA MET C 245 13.00 -16.27 -21.34
C MET C 245 14.24 -15.43 -21.66
N GLN C 246 14.81 -15.59 -22.84
CA GLN C 246 16.01 -14.83 -23.21
C GLN C 246 15.68 -13.33 -23.28
N LEU C 247 14.52 -12.99 -23.84
CA LEU C 247 14.09 -11.62 -23.95
C LEU C 247 13.84 -10.95 -22.58
N VAL C 248 13.26 -11.69 -21.66
CA VAL C 248 13.07 -11.19 -20.31
C VAL C 248 14.41 -11.00 -19.56
N TYR C 249 15.22 -12.04 -19.58
CA TYR C 249 16.56 -11.97 -19.01
C TYR C 249 17.32 -10.77 -19.52
N LYS C 250 17.24 -10.58 -20.84
CA LYS C 250 17.90 -9.46 -21.51
C LYS C 250 17.35 -8.11 -21.04
N PHE C 251 16.04 -7.98 -21.13
CA PHE C 251 15.39 -6.76 -20.75
C PHE C 251 15.81 -6.39 -19.33
N CYS C 252 15.78 -7.36 -18.41
CA CYS C 252 16.19 -7.10 -17.01
C CYS C 252 17.60 -6.54 -16.92
N HIS C 253 18.51 -7.19 -17.65
CA HIS C 253 19.93 -6.86 -17.56
C HIS C 253 20.25 -5.52 -18.25
N GLU C 254 19.43 -5.11 -19.21
CA GLU C 254 19.53 -3.78 -19.77
C GLU C 254 18.99 -2.67 -18.89
N HIS C 255 18.25 -2.96 -17.79
CA HIS C 255 17.69 -1.89 -16.92
C HIS C 255 18.02 -1.98 -15.47
N GLY C 256 18.95 -2.86 -15.10
CA GLY C 256 19.30 -3.01 -13.69
C GLY C 256 18.22 -3.75 -12.88
N ILE C 257 17.37 -4.54 -13.55
CA ILE C 257 16.33 -5.31 -12.86
C ILE C 257 16.96 -6.62 -12.50
N LEU C 258 16.99 -7.01 -11.21
CA LEU C 258 17.36 -8.41 -10.86
C LEU C 258 16.46 -9.44 -11.57
N PHE C 259 17.07 -10.55 -12.02
CA PHE C 259 16.38 -11.64 -12.61
C PHE C 259 16.33 -12.72 -11.58
N ALA C 260 15.14 -13.11 -11.14
CA ALA C 260 14.95 -14.02 -10.00
C ALA C 260 14.09 -15.14 -10.43
N ILE C 261 14.40 -16.33 -9.90
CA ILE C 261 13.68 -17.56 -10.22
C ILE C 261 13.19 -18.27 -8.98
N ASP C 262 12.05 -18.92 -9.09
CA ASP C 262 11.56 -19.77 -8.01
C ASP C 262 11.76 -21.25 -8.46
N GLU C 263 12.65 -21.95 -7.73
CA GLU C 263 13.06 -23.36 -8.03
C GLU C 263 12.51 -24.26 -6.92
N VAL C 264 11.56 -23.73 -6.14
CA VAL C 264 10.99 -24.47 -5.02
C VAL C 264 10.31 -25.76 -5.52
N ASN C 265 9.57 -25.66 -6.62
CA ASN C 265 8.76 -26.75 -7.14
C ASN C 265 9.57 -27.52 -8.18
N GLN C 266 10.25 -26.81 -9.07
CA GLN C 266 10.86 -27.41 -10.23
C GLN C 266 12.38 -27.69 -10.06
N GLY C 267 12.93 -27.37 -8.89
CA GLY C 267 14.34 -27.61 -8.57
C GLY C 267 14.70 -29.04 -8.18
N LEU C 268 15.95 -29.19 -7.82
CA LEU C 268 16.50 -30.43 -7.30
C LEU C 268 16.18 -31.69 -8.12
N GLY C 269 16.40 -31.58 -9.43
CA GLY C 269 16.23 -32.72 -10.38
C GLY C 269 14.85 -32.98 -11.00
N ARG C 270 13.84 -32.26 -10.55
CA ARG C 270 12.49 -32.56 -10.96
C ARG C 270 12.36 -32.51 -12.47
N THR C 271 13.03 -31.53 -13.11
CA THR C 271 12.88 -31.35 -14.55
C THR C 271 13.84 -32.22 -15.39
N GLY C 272 14.74 -32.93 -14.73
CA GLY C 272 15.76 -33.72 -15.47
C GLY C 272 17.00 -32.88 -15.81
N LYS C 273 17.12 -31.68 -15.21
CA LYS C 273 18.39 -31.07 -14.90
C LYS C 273 18.33 -30.73 -13.41
N MET C 274 19.44 -30.33 -12.82
CA MET C 274 19.44 -30.06 -11.41
C MET C 274 18.42 -28.93 -11.12
N TRP C 275 18.53 -27.83 -11.86
CA TRP C 275 17.57 -26.71 -11.72
C TRP C 275 16.81 -26.47 -13.01
N ALA C 276 15.56 -26.05 -12.91
CA ALA C 276 14.73 -25.85 -14.09
C ALA C 276 15.23 -24.74 -14.99
N ILE C 277 15.90 -23.77 -14.39
CA ILE C 277 16.48 -22.67 -15.17
C ILE C 277 17.57 -23.17 -16.15
N GLN C 278 18.18 -24.31 -15.84
CA GLN C 278 19.11 -25.00 -16.74
C GLN C 278 18.46 -25.61 -17.98
N GLN C 279 17.12 -25.64 -18.07
CA GLN C 279 16.45 -25.97 -19.35
C GLN C 279 16.63 -24.86 -20.37
N PHE C 280 17.23 -23.76 -19.95
CA PHE C 280 17.38 -22.58 -20.78
C PHE C 280 18.89 -22.37 -20.96
N LYS C 281 19.28 -21.77 -22.08
CA LYS C 281 20.72 -21.61 -22.37
C LYS C 281 21.30 -20.43 -21.58
N ASP C 282 22.31 -20.70 -20.76
CA ASP C 282 23.19 -19.69 -20.13
C ASP C 282 22.47 -18.57 -19.35
N ILE C 283 21.58 -18.96 -18.46
CA ILE C 283 20.91 -18.00 -17.58
C ILE C 283 21.32 -18.30 -16.17
N GLU C 284 22.02 -17.36 -15.54
CA GLU C 284 22.28 -17.40 -14.12
C GLU C 284 21.37 -16.42 -13.35
N PRO C 285 20.66 -16.89 -12.31
CA PRO C 285 19.83 -15.95 -11.60
C PRO C 285 20.60 -15.10 -10.60
N ASP C 286 20.04 -13.95 -10.29
CA ASP C 286 20.53 -13.12 -9.20
C ASP C 286 20.02 -13.61 -7.91
N LEU C 287 18.84 -14.21 -7.95
CA LEU C 287 18.15 -14.70 -6.74
C LEU C 287 17.30 -15.88 -7.13
N MET C 288 17.26 -16.88 -6.25
CA MET C 288 16.43 -18.04 -6.42
C MET C 288 15.98 -18.54 -5.07
N SER C 289 14.78 -19.08 -5.06
CA SER C 289 14.19 -19.67 -3.86
C SER C 289 14.18 -21.18 -4.09
N VAL C 290 14.42 -21.87 -3.00
CA VAL C 290 14.59 -23.33 -2.95
C VAL C 290 13.83 -23.81 -1.69
N GLY C 291 13.19 -24.95 -1.80
CA GLY C 291 12.42 -25.53 -0.71
C GLY C 291 11.89 -26.90 -1.08
N LYS C 292 10.79 -27.31 -0.50
CA LYS C 292 10.17 -28.57 -0.87
C LYS C 292 11.08 -29.82 -0.69
N SER C 293 11.64 -30.33 -1.77
CA SER C 293 12.52 -31.49 -1.74
C SER C 293 13.83 -31.27 -1.00
N LEU C 294 14.19 -30.04 -0.69
CA LEU C 294 15.48 -29.69 -0.10
C LEU C 294 15.88 -30.62 1.02
N ALA C 295 14.93 -30.92 1.90
CA ALA C 295 15.17 -31.64 3.13
C ALA C 295 14.13 -32.76 3.25
N SER C 296 13.77 -33.28 2.08
CA SER C 296 12.84 -34.43 1.91
C SER C 296 11.44 -34.26 2.53
N GLY C 297 10.97 -32.99 2.63
CA GLY C 297 9.68 -32.59 3.23
C GLY C 297 9.78 -32.01 4.64
N MET C 298 10.96 -32.13 5.24
CA MET C 298 11.26 -31.46 6.52
C MET C 298 11.32 -29.96 6.23
N PRO C 299 10.90 -29.10 7.17
CA PRO C 299 10.72 -27.68 6.80
C PRO C 299 12.04 -26.95 6.74
N LEU C 300 12.47 -26.73 5.51
CA LEU C 300 13.66 -25.97 5.24
C LEU C 300 13.53 -25.29 3.87
N SER C 301 14.09 -24.09 3.79
CA SER C 301 14.14 -23.39 2.51
C SER C 301 15.38 -22.51 2.49
N ALA C 302 15.74 -22.04 1.30
CA ALA C 302 16.83 -21.10 1.15
C ALA C 302 16.50 -20.13 0.06
N VAL C 303 17.01 -18.91 0.31
CA VAL C 303 17.22 -17.93 -0.72
C VAL C 303 18.69 -17.92 -0.99
N ILE C 304 19.01 -18.11 -2.26
CA ILE C 304 20.37 -18.16 -2.72
C ILE C 304 20.54 -17.07 -3.76
N GLY C 305 21.41 -16.12 -3.51
CA GLY C 305 21.67 -15.12 -4.55
C GLY C 305 23.12 -14.75 -4.71
N LYS C 306 23.42 -14.01 -5.76
CA LYS C 306 24.76 -13.45 -5.92
C LYS C 306 25.23 -12.74 -4.66
N LYS C 307 26.51 -12.95 -4.34
CA LYS C 307 27.09 -12.52 -3.08
C LYS C 307 26.74 -11.05 -2.72
N GLU C 308 26.92 -10.16 -3.69
CA GLU C 308 26.78 -8.74 -3.44
C GLU C 308 25.29 -8.38 -3.16
N VAL C 309 24.36 -9.10 -3.77
CA VAL C 309 22.92 -8.96 -3.49
C VAL C 309 22.62 -9.33 -2.04
N MET C 310 23.18 -10.44 -1.59
CA MET C 310 22.96 -10.94 -0.24
C MET C 310 23.62 -10.15 0.88
N GLN C 311 24.60 -9.34 0.51
CA GLN C 311 25.21 -8.38 1.41
C GLN C 311 24.47 -7.03 1.51
N SER C 312 23.33 -6.83 0.82
CA SER C 312 22.62 -5.52 0.85
C SER C 312 21.78 -5.25 2.11
N LEU C 313 21.70 -6.21 3.01
CA LEU C 313 20.88 -6.12 4.22
C LEU C 313 21.69 -6.41 5.48
N ASP C 314 21.36 -5.73 6.57
CA ASP C 314 21.93 -5.96 7.92
C ASP C 314 20.88 -6.67 8.77
N ALA C 315 21.28 -7.28 9.87
CA ALA C 315 20.35 -8.00 10.75
C ALA C 315 19.49 -7.07 11.59
N PRO C 316 18.35 -7.54 12.08
CA PRO C 316 17.71 -8.79 11.64
C PRO C 316 16.67 -8.63 10.53
N ALA C 317 17.09 -8.24 9.33
CA ALA C 317 16.13 -8.01 8.24
C ALA C 317 15.33 -9.24 7.82
N HIS C 318 16.00 -10.39 7.82
CA HIS C 318 15.41 -11.65 7.40
C HIS C 318 15.99 -12.83 8.14
N LEU C 319 15.26 -13.29 9.16
CA LEU C 319 15.61 -14.50 9.91
C LEU C 319 14.40 -15.08 10.63
N PHE C 320 14.53 -16.35 10.99
CA PHE C 320 13.50 -17.16 11.62
C PHE C 320 14.15 -18.04 12.71
N THR C 321 13.45 -18.20 13.83
CA THR C 321 13.91 -19.02 14.92
C THR C 321 14.30 -20.43 14.51
N THR C 322 13.41 -21.11 13.81
CA THR C 322 13.61 -22.51 13.44
C THR C 322 14.15 -22.73 12.02
N ALA C 323 14.47 -21.66 11.29
CA ALA C 323 15.13 -21.82 9.96
C ALA C 323 16.53 -22.37 10.14
N GLY C 324 16.90 -23.25 9.23
CA GLY C 324 18.17 -23.93 9.36
C GLY C 324 18.21 -24.73 10.66
N ASN C 325 17.10 -25.38 10.94
CA ASN C 325 17.10 -26.40 11.96
C ASN C 325 18.21 -27.46 11.68
N PRO C 326 19.00 -27.82 12.71
CA PRO C 326 20.05 -28.81 12.44
C PRO C 326 19.54 -30.17 11.97
N VAL C 327 18.39 -30.61 12.49
CA VAL C 327 17.79 -31.86 12.02
C VAL C 327 17.41 -31.75 10.54
N CYS C 328 16.78 -30.63 10.17
CA CYS C 328 16.39 -30.38 8.79
C CYS C 328 17.65 -30.24 7.93
N SER C 329 18.67 -29.60 8.48
CA SER C 329 19.92 -29.43 7.76
C SER C 329 20.59 -30.81 7.43
N ALA C 330 20.66 -31.70 8.41
CA ALA C 330 21.25 -33.03 8.16
C ALA C 330 20.43 -33.84 7.16
N ALA C 331 19.10 -33.70 7.21
CA ALA C 331 18.20 -34.36 6.28
C ALA C 331 18.47 -33.89 4.87
N SER C 332 18.66 -32.57 4.74
CA SER C 332 18.94 -31.96 3.47
C SER C 332 20.27 -32.43 2.89
N LEU C 333 21.33 -32.38 3.71
CA LEU C 333 22.66 -32.94 3.33
C LEU C 333 22.56 -34.36 2.78
N ALA C 334 21.84 -35.20 3.51
CA ALA C 334 21.61 -36.57 3.07
C ALA C 334 20.78 -36.63 1.81
N THR C 335 19.75 -35.79 1.73
CA THR C 335 18.91 -35.71 0.52
C THR C 335 19.73 -35.36 -0.75
N LEU C 336 20.53 -34.32 -0.63
CA LEU C 336 21.39 -33.93 -1.78
C LEU C 336 22.39 -35.04 -2.19
N ASP C 337 23.00 -35.71 -1.22
CA ASP C 337 23.92 -36.86 -1.51
C ASP C 337 23.20 -37.99 -2.28
N VAL C 338 21.98 -38.30 -1.87
CA VAL C 338 21.17 -39.26 -2.59
C VAL C 338 20.90 -38.83 -4.03
N ILE C 339 20.56 -37.57 -4.23
CA ILE C 339 20.32 -37.06 -5.58
C ILE C 339 21.57 -37.28 -6.44
N GLU C 340 22.73 -37.02 -5.88
CA GLU C 340 23.99 -37.19 -6.63
C GLU C 340 24.30 -38.68 -6.84
N TYR C 341 24.39 -39.43 -5.75
CA TYR C 341 24.78 -40.87 -5.80
C TYR C 341 23.85 -41.75 -6.62
N GLU C 342 22.53 -41.54 -6.49
CA GLU C 342 21.59 -42.33 -7.33
C GLU C 342 21.33 -41.72 -8.71
N GLY C 343 22.04 -40.66 -9.10
CA GLY C 343 21.84 -40.13 -10.47
C GLY C 343 20.41 -39.69 -10.75
N LEU C 344 19.79 -39.04 -9.76
CA LEU C 344 18.32 -38.75 -9.86
C LEU C 344 18.00 -37.76 -10.94
N VAL C 345 18.92 -36.83 -11.19
CA VAL C 345 18.73 -35.85 -12.24
C VAL C 345 18.62 -36.52 -13.59
N GLU C 346 19.63 -37.30 -13.96
CA GLU C 346 19.62 -38.04 -15.24
C GLU C 346 18.42 -39.04 -15.31
N LYS C 347 18.16 -39.78 -14.22
CA LYS C 347 16.95 -40.62 -14.12
C LYS C 347 15.61 -39.88 -14.43
N SER C 348 15.43 -38.66 -13.88
CA SER C 348 14.22 -37.86 -14.21
C SER C 348 14.21 -37.53 -15.68
N ALA C 349 15.38 -37.17 -16.21
CA ALA C 349 15.52 -36.93 -17.65
C ALA C 349 15.13 -38.15 -18.48
N THR C 350 15.62 -39.33 -18.11
CA THR C 350 15.36 -40.54 -18.93
C THR C 350 13.90 -41.01 -18.78
N ASP C 351 13.47 -41.17 -17.52
CA ASP C 351 12.10 -41.64 -17.24
C ASP C 351 11.05 -40.63 -17.70
N GLY C 352 11.41 -39.35 -17.66
CA GLY C 352 10.63 -38.29 -18.24
C GLY C 352 10.38 -38.45 -19.72
N ALA C 353 11.45 -38.57 -20.51
CA ALA C 353 11.31 -38.80 -21.96
C ALA C 353 10.47 -40.08 -22.22
N TYR C 354 10.63 -41.08 -21.38
CA TYR C 354 9.83 -42.30 -21.52
C TYR C 354 8.36 -42.06 -21.22
N ALA C 355 8.08 -41.43 -20.07
CA ALA C 355 6.70 -41.07 -19.72
C ALA C 355 6.04 -40.17 -20.78
N LYS C 356 6.79 -39.23 -21.33
CA LYS C 356 6.23 -38.40 -22.39
C LYS C 356 5.68 -39.26 -23.58
N GLN C 357 6.51 -40.13 -24.16
CA GLN C 357 6.07 -41.07 -25.24
C GLN C 357 4.80 -41.83 -24.87
N ARG C 358 4.79 -42.38 -23.66
CA ARG C 358 3.65 -43.11 -23.19
C ARG C 358 2.36 -42.28 -23.27
N PHE C 359 2.41 -41.09 -22.68
CA PHE C 359 1.25 -40.20 -22.66
C PHE C 359 0.88 -39.79 -24.09
N LEU C 360 1.90 -39.43 -24.89
CA LEU C 360 1.71 -39.11 -26.32
C LEU C 360 1.03 -40.24 -27.10
N GLU C 361 1.37 -41.48 -26.74
CA GLU C 361 0.71 -42.69 -27.28
C GLU C 361 -0.74 -42.80 -26.71
N MET C 362 -0.91 -42.64 -25.40
CA MET C 362 -2.29 -42.54 -24.84
C MET C 362 -3.15 -41.47 -25.55
N GLN C 363 -2.55 -40.35 -25.92
CA GLN C 363 -3.28 -39.26 -26.60
C GLN C 363 -3.97 -39.72 -27.93
N GLN C 364 -3.31 -40.64 -28.65
CA GLN C 364 -3.84 -41.17 -29.95
C GLN C 364 -5.11 -41.94 -29.78
N ARG C 365 -5.23 -42.65 -28.65
CA ARG C 365 -6.41 -43.48 -28.32
C ARG C 365 -7.47 -42.79 -27.44
N HIS C 366 -7.11 -41.68 -26.79
CA HIS C 366 -8.03 -41.00 -25.87
C HIS C 366 -8.00 -39.48 -26.16
N PRO C 367 -8.88 -38.99 -27.07
CA PRO C 367 -8.75 -37.60 -27.60
C PRO C 367 -9.11 -36.46 -26.62
N MET C 368 -9.72 -36.82 -25.48
CA MET C 368 -9.84 -35.93 -24.31
C MET C 368 -8.49 -35.40 -23.80
N ILE C 369 -7.41 -36.13 -24.00
CA ILE C 369 -6.05 -35.61 -23.76
C ILE C 369 -5.69 -34.54 -24.79
N GLY C 370 -5.84 -33.28 -24.39
CA GLY C 370 -5.61 -32.14 -25.28
C GLY C 370 -4.15 -31.80 -25.44
N ASP C 371 -3.35 -31.98 -24.40
CA ASP C 371 -1.97 -31.54 -24.44
C ASP C 371 -1.17 -32.32 -23.42
N VAL C 372 0.03 -32.70 -23.84
CA VAL C 372 0.93 -33.51 -23.04
C VAL C 372 2.18 -32.68 -22.83
N ARG C 373 2.40 -32.23 -21.60
CA ARG C 373 3.58 -31.44 -21.25
C ARG C 373 4.43 -32.23 -20.24
N MET C 374 5.76 -32.27 -20.49
CA MET C 374 6.65 -33.16 -19.76
C MET C 374 8.02 -32.65 -19.93
N TRP C 375 8.70 -32.39 -18.82
CA TRP C 375 10.12 -32.01 -18.79
C TRP C 375 10.70 -32.70 -17.57
N GLY C 376 11.28 -33.89 -17.74
CA GLY C 376 11.63 -34.70 -16.59
C GLY C 376 10.41 -35.49 -16.13
N LEU C 377 10.45 -36.06 -14.93
CA LEU C 377 9.30 -36.77 -14.41
C LEU C 377 8.38 -35.72 -13.80
N ASN C 378 7.81 -34.89 -14.68
CA ASN C 378 7.20 -33.63 -14.31
C ASN C 378 6.33 -33.29 -15.48
N GLY C 379 5.06 -33.71 -15.41
CA GLY C 379 4.18 -33.47 -16.49
C GLY C 379 2.79 -32.94 -16.12
N GLY C 380 2.20 -32.22 -17.06
CA GLY C 380 0.79 -31.89 -16.97
C GLY C 380 0.10 -32.45 -18.19
N ILE C 381 -0.93 -33.27 -17.96
CA ILE C 381 -1.75 -33.87 -19.01
C ILE C 381 -3.06 -33.17 -18.96
N GLU C 382 -3.30 -32.35 -19.96
CA GLU C 382 -4.44 -31.43 -19.93
C GLU C 382 -5.66 -31.99 -20.65
N LEU C 383 -6.77 -32.14 -19.93
CA LEU C 383 -8.00 -32.73 -20.50
C LEU C 383 -8.98 -31.69 -21.01
N VAL C 384 -9.44 -31.89 -22.23
CA VAL C 384 -10.39 -31.01 -22.89
C VAL C 384 -11.61 -31.78 -23.43
N LYS C 385 -12.72 -31.06 -23.61
CA LYS C 385 -13.97 -31.66 -24.11
C LYS C 385 -13.99 -31.84 -25.62
N ASP C 386 -13.23 -30.98 -26.30
CA ASP C 386 -12.99 -31.08 -27.74
C ASP C 386 -11.58 -30.60 -28.11
N PRO C 387 -10.85 -31.40 -28.90
CA PRO C 387 -9.56 -30.97 -29.47
C PRO C 387 -9.47 -29.58 -30.10
N LYS C 388 -10.50 -29.12 -30.79
CA LYS C 388 -10.39 -27.82 -31.47
C LYS C 388 -10.78 -26.67 -30.55
N THR C 389 -11.85 -26.80 -29.74
CA THR C 389 -12.25 -25.72 -28.81
C THR C 389 -11.26 -25.60 -27.63
N LYS C 390 -10.65 -26.73 -27.25
CA LYS C 390 -9.71 -26.80 -26.11
C LYS C 390 -10.40 -26.41 -24.82
N GLU C 391 -11.71 -26.61 -24.75
CA GLU C 391 -12.51 -26.23 -23.58
C GLU C 391 -12.13 -27.11 -22.40
N PRO C 392 -11.86 -26.51 -21.23
CA PRO C 392 -11.44 -27.35 -20.10
C PRO C 392 -12.47 -28.40 -19.72
N ASP C 393 -11.95 -29.56 -19.33
CA ASP C 393 -12.77 -30.63 -18.89
C ASP C 393 -12.34 -31.10 -17.51
N SER C 394 -12.73 -30.32 -16.51
CA SER C 394 -12.46 -30.62 -15.10
C SER C 394 -13.09 -31.91 -14.64
N ASP C 395 -14.34 -32.06 -15.08
CA ASP C 395 -15.13 -33.24 -14.81
C ASP C 395 -14.33 -34.49 -15.21
N ALA C 396 -13.75 -34.51 -16.40
CA ALA C 396 -12.98 -35.68 -16.87
C ALA C 396 -11.76 -35.96 -16.00
N ALA C 397 -10.98 -34.91 -15.73
CA ALA C 397 -9.80 -34.97 -14.87
C ALA C 397 -10.14 -35.49 -13.50
N THR C 398 -11.14 -34.93 -12.87
CA THR C 398 -11.58 -35.42 -11.56
C THR C 398 -11.98 -36.93 -11.59
N LYS C 399 -12.74 -37.32 -12.61
CA LYS C 399 -13.06 -38.74 -12.80
C LYS C 399 -11.80 -39.62 -12.93
N VAL C 400 -10.83 -39.17 -13.71
CA VAL C 400 -9.59 -39.92 -13.88
C VAL C 400 -8.84 -40.13 -12.55
N ILE C 401 -8.71 -39.11 -11.72
CA ILE C 401 -7.96 -39.27 -10.48
C ILE C 401 -8.72 -40.17 -9.52
N TYR C 402 -10.05 -40.14 -9.58
CA TYR C 402 -10.87 -41.05 -8.75
C TYR C 402 -10.72 -42.52 -9.20
N TYR C 403 -10.75 -42.77 -10.51
CA TYR C 403 -10.48 -44.12 -11.04
C TYR C 403 -9.11 -44.52 -10.50
N ALA C 404 -8.13 -43.63 -10.73
CA ALA C 404 -6.76 -43.85 -10.35
C ALA C 404 -6.61 -44.20 -8.87
N PHE C 405 -7.23 -43.43 -7.98
CA PHE C 405 -7.18 -43.71 -6.55
C PHE C 405 -7.75 -45.07 -6.21
N ALA C 406 -8.86 -45.37 -6.84
CA ALA C 406 -9.53 -46.69 -6.67
C ALA C 406 -8.64 -47.88 -7.06
N HIS C 407 -7.75 -47.70 -8.05
CA HIS C 407 -6.82 -48.73 -8.53
C HIS C 407 -5.35 -48.55 -8.07
N GLY C 408 -5.13 -48.05 -6.85
CA GLY C 408 -3.78 -47.93 -6.29
C GLY C 408 -2.84 -46.86 -6.90
N VAL C 409 -3.39 -45.78 -7.46
CA VAL C 409 -2.56 -44.65 -7.96
C VAL C 409 -3.05 -43.31 -7.35
N VAL C 410 -2.12 -42.60 -6.74
CA VAL C 410 -2.41 -41.30 -6.13
C VAL C 410 -1.90 -40.24 -7.08
N ILE C 411 -2.85 -39.57 -7.70
CA ILE C 411 -2.60 -38.46 -8.58
C ILE C 411 -3.70 -37.42 -8.31
N ILE C 412 -3.33 -36.14 -8.48
CA ILE C 412 -4.25 -34.99 -8.35
C ILE C 412 -4.21 -34.08 -9.57
N THR C 413 -5.06 -33.06 -9.56
CA THR C 413 -5.19 -32.13 -10.66
C THR C 413 -4.67 -30.71 -10.30
N LEU C 414 -4.31 -29.99 -11.37
CA LEU C 414 -3.97 -28.56 -11.32
C LEU C 414 -5.00 -27.87 -12.21
N ALA C 415 -5.45 -26.69 -11.75
CA ALA C 415 -6.31 -25.81 -12.54
C ALA C 415 -7.64 -26.46 -13.05
N GLY C 416 -8.18 -27.42 -12.33
CA GLY C 416 -9.39 -28.12 -12.76
C GLY C 416 -9.12 -29.34 -13.64
N ASN C 417 -8.48 -29.10 -14.77
CA ASN C 417 -8.50 -30.10 -15.87
C ASN C 417 -7.18 -30.72 -16.23
N ILE C 418 -6.17 -30.51 -15.40
CA ILE C 418 -4.79 -30.89 -15.75
C ILE C 418 -4.34 -31.94 -14.75
N LEU C 419 -4.00 -33.13 -15.23
CA LEU C 419 -3.48 -34.21 -14.41
C LEU C 419 -2.05 -33.85 -14.10
N ARG C 420 -1.74 -33.82 -12.82
CA ARG C 420 -0.41 -33.54 -12.30
C ARG C 420 0.43 -34.83 -12.15
N PHE C 421 1.51 -34.94 -12.92
CA PHE C 421 2.39 -36.11 -12.89
C PHE C 421 3.71 -35.70 -12.26
N GLN C 422 3.88 -35.97 -10.97
CA GLN C 422 5.16 -35.68 -10.28
C GLN C 422 5.55 -36.75 -9.26
N PRO C 423 5.91 -37.96 -9.77
CA PRO C 423 6.34 -39.00 -8.82
C PRO C 423 7.70 -38.73 -8.20
N PRO C 424 8.00 -39.38 -7.06
CA PRO C 424 9.35 -39.37 -6.57
C PRO C 424 10.25 -39.79 -7.72
N LEU C 425 11.42 -39.18 -7.78
CA LEU C 425 12.33 -39.44 -8.86
C LEU C 425 12.89 -40.89 -8.81
N VAL C 426 12.89 -41.50 -7.63
CA VAL C 426 13.43 -42.84 -7.43
C VAL C 426 12.45 -43.96 -7.82
N ILE C 427 11.27 -43.59 -8.31
CA ILE C 427 10.27 -44.59 -8.65
C ILE C 427 10.82 -45.63 -9.63
N PRO C 428 10.62 -46.90 -9.27
CA PRO C 428 11.09 -48.04 -10.06
C PRO C 428 10.31 -48.18 -11.35
N ARG C 429 10.96 -48.61 -12.41
CA ARG C 429 10.27 -48.70 -13.72
C ARG C 429 8.99 -49.58 -13.70
N GLU C 430 9.05 -50.67 -12.98
CA GLU C 430 7.86 -51.52 -12.82
C GLU C 430 6.67 -50.71 -12.22
N GLN C 431 6.90 -49.98 -11.13
CA GLN C 431 5.82 -49.13 -10.55
C GLN C 431 5.34 -48.04 -11.52
N LEU C 432 6.29 -47.37 -12.18
CA LEU C 432 6.00 -46.36 -13.20
C LEU C 432 5.05 -46.90 -14.28
N ASP C 433 5.41 -48.02 -14.90
CA ASP C 433 4.54 -48.77 -15.85
C ASP C 433 3.21 -49.32 -15.24
N GLN C 434 3.22 -49.70 -13.98
CA GLN C 434 2.00 -50.10 -13.29
C GLN C 434 1.05 -48.88 -13.25
N ALA C 435 1.61 -47.72 -12.89
CA ALA C 435 0.79 -46.52 -12.72
C ALA C 435 0.35 -45.97 -14.07
N LEU C 436 1.26 -45.97 -15.05
CA LEU C 436 0.88 -45.61 -16.40
C LEU C 436 -0.24 -46.48 -17.00
N GLN C 437 -0.23 -47.80 -16.72
CA GLN C 437 -1.31 -48.68 -17.24
C GLN C 437 -2.66 -48.29 -16.61
N VAL C 438 -2.68 -48.10 -15.30
CA VAL C 438 -3.88 -47.63 -14.56
C VAL C 438 -4.48 -46.35 -15.17
N LEU C 439 -3.62 -45.41 -15.55
CA LEU C 439 -4.06 -44.16 -16.16
C LEU C 439 -4.64 -44.40 -17.55
N ASP C 440 -4.00 -45.29 -18.31
CA ASP C 440 -4.54 -45.72 -19.62
C ASP C 440 -5.93 -46.31 -19.47
N ASP C 441 -6.09 -47.20 -18.51
CA ASP C 441 -7.41 -47.77 -18.20
C ASP C 441 -8.41 -46.65 -17.75
N ALA C 442 -7.93 -45.72 -16.92
CA ALA C 442 -8.78 -44.64 -16.38
C ALA C 442 -9.48 -43.93 -17.48
N PHE C 443 -8.72 -43.52 -18.50
CA PHE C 443 -9.22 -42.77 -19.67
C PHE C 443 -10.40 -43.49 -20.37
N THR C 444 -10.19 -44.77 -20.66
CA THR C 444 -11.15 -45.65 -21.32
C THR C 444 -12.38 -45.81 -20.42
N ALA C 445 -12.16 -46.12 -19.16
CA ALA C 445 -13.24 -46.23 -18.16
C ALA C 445 -14.10 -44.96 -18.02
N VAL C 446 -13.45 -43.77 -18.04
CA VAL C 446 -14.15 -42.47 -18.01
C VAL C 446 -14.87 -42.26 -19.32
N GLU C 447 -14.25 -42.56 -20.46
CA GLU C 447 -14.99 -42.57 -21.78
C GLU C 447 -16.26 -43.38 -21.81
N ASN C 448 -16.31 -44.47 -21.04
CA ASN C 448 -17.52 -45.30 -20.95
C ASN C 448 -18.52 -44.86 -19.85
N GLY C 449 -18.20 -43.80 -19.10
CA GLY C 449 -19.07 -43.32 -18.03
C GLY C 449 -19.12 -44.25 -16.83
N GLU C 450 -18.00 -44.95 -16.56
CA GLU C 450 -17.92 -45.95 -15.48
C GLU C 450 -17.53 -45.36 -14.09
N VAL C 451 -17.31 -44.05 -14.04
CA VAL C 451 -16.74 -43.39 -12.87
C VAL C 451 -17.73 -42.31 -12.41
N THR C 452 -17.91 -42.23 -11.10
CA THR C 452 -18.78 -41.26 -10.41
C THR C 452 -18.01 -40.34 -9.41
N ILE C 453 -18.53 -39.11 -9.24
CA ILE C 453 -18.13 -38.12 -8.20
C ILE C 453 -19.38 -37.47 -7.61
N GLY C 458 -17.80 -31.19 -0.81
CA GLY C 458 -17.11 -29.92 -1.01
C GLY C 458 -16.35 -29.73 -2.34
N LYS C 459 -15.72 -28.58 -2.44
CA LYS C 459 -14.86 -28.21 -3.57
C LYS C 459 -13.67 -29.21 -3.70
N ILE C 460 -13.50 -29.78 -4.90
CA ILE C 460 -12.32 -30.58 -5.20
C ILE C 460 -11.32 -29.71 -5.98
N GLY C 461 -10.07 -29.72 -5.53
CA GLY C 461 -8.95 -29.14 -6.24
C GLY C 461 -8.88 -27.62 -6.29
N TRP C 462 -8.36 -27.10 -7.40
CA TRP C 462 -8.14 -25.67 -7.55
C TRP C 462 -9.37 -25.05 -8.27
N LYS D 15 40.73 -21.94 23.48
CA LYS D 15 39.42 -22.64 23.78
C LYS D 15 38.43 -22.68 22.58
N LEU D 16 38.63 -21.78 21.61
CA LEU D 16 37.69 -21.57 20.52
C LEU D 16 38.42 -21.59 19.17
N ASP D 17 39.47 -22.40 19.07
CA ASP D 17 40.22 -22.59 17.81
C ASP D 17 39.31 -23.07 16.68
N LYS D 18 38.64 -24.21 16.87
CA LYS D 18 37.81 -24.81 15.81
C LYS D 18 36.56 -23.96 15.45
N ALA D 19 35.85 -23.48 16.48
CA ALA D 19 34.70 -22.55 16.31
C ALA D 19 34.99 -21.43 15.29
N SER D 20 36.02 -20.62 15.57
CA SER D 20 36.48 -19.49 14.75
C SER D 20 36.84 -19.78 13.30
N LYS D 21 37.59 -20.85 13.04
CA LYS D 21 37.81 -21.30 11.65
C LYS D 21 36.48 -21.66 10.91
N LEU D 22 35.54 -22.29 11.64
CA LEU D 22 34.21 -22.64 11.08
C LEU D 22 33.37 -21.36 10.84
N ILE D 23 33.25 -20.52 11.87
CA ILE D 23 32.53 -19.24 11.78
C ILE D 23 33.09 -18.37 10.63
N ASP D 24 34.42 -18.26 10.56
CA ASP D 24 35.10 -17.59 9.44
C ASP D 24 34.74 -18.07 8.05
N GLU D 25 34.59 -19.39 7.91
CA GLU D 25 34.13 -19.95 6.62
C GLU D 25 32.65 -19.69 6.33
N GLU D 26 31.78 -19.94 7.32
CA GLU D 26 30.33 -19.70 7.22
C GLU D 26 30.09 -18.27 6.75
N ASN D 27 30.82 -17.33 7.36
CA ASN D 27 30.69 -15.90 7.00
C ASN D 27 30.83 -15.59 5.49
N LYS D 28 31.53 -16.42 4.74
CA LYS D 28 31.68 -16.27 3.30
C LYS D 28 30.43 -16.64 2.55
N TYR D 29 29.59 -17.50 3.14
CA TYR D 29 28.48 -18.15 2.44
C TYR D 29 27.08 -17.90 3.00
N TYR D 30 26.95 -17.46 4.25
CA TYR D 30 25.66 -17.32 4.93
C TYR D 30 25.50 -15.83 5.22
N ALA D 31 24.44 -15.20 4.65
CA ALA D 31 24.24 -13.74 4.67
C ALA D 31 24.27 -13.19 6.10
N ARG D 32 24.90 -12.04 6.34
CA ARG D 32 24.92 -11.48 7.71
C ARG D 32 23.60 -10.98 8.22
N SER D 33 22.66 -10.61 7.35
CA SER D 33 21.30 -10.30 7.83
C SER D 33 20.57 -11.46 8.56
N ALA D 34 21.00 -12.69 8.29
CA ALA D 34 20.41 -13.90 8.83
C ALA D 34 20.83 -14.28 10.27
N ARG D 35 21.67 -13.46 10.93
CA ARG D 35 22.09 -13.69 12.33
C ARG D 35 22.41 -12.42 13.13
N ILE D 36 21.80 -12.28 14.29
CA ILE D 36 22.23 -11.27 15.25
C ILE D 36 23.42 -11.92 16.00
N ASN D 37 24.61 -11.32 15.91
CA ASN D 37 25.82 -11.89 16.50
C ASN D 37 26.16 -11.49 17.93
N TYR D 38 26.58 -12.48 18.72
CA TYR D 38 27.01 -12.26 20.09
C TYR D 38 28.44 -12.73 20.37
N TYR D 39 28.69 -14.03 20.19
CA TYR D 39 30.01 -14.62 20.40
C TYR D 39 30.18 -15.90 19.58
N ASN D 40 31.42 -16.33 19.40
CA ASN D 40 31.73 -17.53 18.61
C ASN D 40 31.35 -18.85 19.31
N LEU D 41 30.06 -19.13 19.33
CA LEU D 41 29.52 -20.35 19.87
C LEU D 41 29.00 -21.23 18.73
N VAL D 42 29.71 -22.33 18.48
CA VAL D 42 29.31 -23.32 17.53
C VAL D 42 28.98 -24.57 18.31
N ILE D 43 27.70 -24.91 18.38
CA ILE D 43 27.19 -25.91 19.31
C ILE D 43 27.24 -27.24 18.62
N ASP D 44 27.88 -28.23 19.25
CA ASP D 44 28.03 -29.59 18.68
C ASP D 44 26.91 -30.57 19.19
N HIS D 45 26.65 -30.54 20.50
CA HIS D 45 25.54 -31.32 21.04
C HIS D 45 25.06 -30.72 22.31
N ALA D 46 23.90 -31.19 22.76
CA ALA D 46 23.35 -30.67 24.00
C ALA D 46 22.31 -31.60 24.65
N HIS D 47 22.07 -31.35 25.93
CA HIS D 47 21.03 -32.07 26.60
C HIS D 47 20.57 -31.28 27.79
N GLY D 48 19.27 -31.21 27.96
CA GLY D 48 18.70 -30.46 29.07
C GLY D 48 19.06 -29.01 28.87
N ALA D 49 19.81 -28.45 29.85
CA ALA D 49 20.34 -27.08 29.79
C ALA D 49 21.85 -27.02 29.55
N THR D 50 22.42 -28.13 29.11
CA THR D 50 23.84 -28.22 28.84
C THR D 50 24.18 -28.26 27.35
N LEU D 51 24.98 -27.28 26.92
CA LEU D 51 25.45 -27.19 25.56
C LEU D 51 26.94 -27.48 25.55
N VAL D 52 27.39 -28.19 24.52
CA VAL D 52 28.79 -28.47 24.31
C VAL D 52 29.21 -28.05 22.90
N ASP D 53 30.21 -27.19 22.80
CA ASP D 53 30.70 -26.77 21.46
C ASP D 53 31.64 -27.78 20.80
N VAL D 54 31.96 -27.53 19.54
CA VAL D 54 32.92 -28.33 18.76
C VAL D 54 34.37 -28.32 19.28
N ASP D 55 34.72 -27.39 20.18
CA ASP D 55 36.00 -27.40 20.90
C ASP D 55 35.88 -28.10 22.28
N GLY D 56 34.75 -28.75 22.51
CA GLY D 56 34.50 -29.47 23.75
C GLY D 56 34.25 -28.64 24.99
N ASN D 57 34.16 -27.31 24.89
CA ASN D 57 33.69 -26.54 26.05
C ASN D 57 32.18 -26.70 26.34
N LYS D 58 31.84 -26.46 27.60
CA LYS D 58 30.56 -26.80 28.17
C LYS D 58 29.95 -25.52 28.75
N TYR D 59 28.64 -25.35 28.58
CA TYR D 59 27.92 -24.14 29.05
C TYR D 59 26.55 -24.46 29.53
N ILE D 60 26.02 -23.49 30.27
CA ILE D 60 24.66 -23.54 30.76
C ILE D 60 23.85 -22.57 29.91
N ASP D 61 22.70 -23.05 29.47
CA ASP D 61 21.88 -22.37 28.51
C ASP D 61 20.86 -21.45 29.17
N LEU D 62 21.15 -20.16 29.19
CA LEU D 62 20.16 -19.18 29.70
C LEU D 62 19.29 -18.50 28.58
N LEU D 63 19.47 -18.95 27.34
CA LEU D 63 18.71 -18.44 26.19
C LEU D 63 17.63 -19.41 25.65
N ALA D 64 17.86 -20.73 25.75
CA ALA D 64 16.95 -21.78 25.27
C ALA D 64 16.50 -21.60 23.78
N SER D 65 17.43 -21.15 22.94
CA SER D 65 17.25 -20.90 21.52
C SER D 65 16.04 -19.97 21.27
N ALA D 66 16.01 -18.87 22.02
CA ALA D 66 14.96 -17.85 22.02
C ALA D 66 13.62 -18.41 22.52
N SER D 67 13.69 -19.14 23.65
CA SER D 67 12.58 -19.87 24.26
C SER D 67 11.93 -20.92 23.36
N ALA D 68 12.72 -21.47 22.46
CA ALA D 68 12.24 -22.54 21.58
C ALA D 68 12.51 -23.93 22.17
N ILE D 69 13.22 -23.99 23.29
CA ILE D 69 13.54 -25.29 23.89
C ILE D 69 13.16 -25.30 25.36
N ASN D 70 11.86 -25.21 25.61
CA ASN D 70 11.33 -25.21 26.96
C ASN D 70 11.55 -26.51 27.73
N VAL D 71 11.43 -27.64 27.03
CA VAL D 71 11.59 -28.96 27.66
C VAL D 71 13.07 -29.43 27.63
N GLY D 72 14.01 -28.50 27.41
CA GLY D 72 15.42 -28.84 27.35
C GLY D 72 15.83 -29.59 26.12
N HIS D 73 17.13 -29.57 25.89
CA HIS D 73 17.67 -30.09 24.66
C HIS D 73 17.59 -31.58 24.60
N THR D 74 17.35 -32.08 23.39
CA THR D 74 17.32 -33.51 23.09
C THR D 74 16.64 -34.33 24.19
N HIS D 75 15.50 -33.85 24.71
CA HIS D 75 14.75 -34.62 25.70
C HIS D 75 14.47 -36.01 25.10
N GLU D 76 14.70 -37.03 25.91
CA GLU D 76 14.76 -38.41 25.40
C GLU D 76 13.45 -38.80 24.69
N LYS D 77 12.34 -38.29 25.19
CA LYS D 77 11.02 -38.60 24.64
C LYS D 77 10.74 -37.94 23.25
N VAL D 78 11.29 -36.75 23.05
CA VAL D 78 11.09 -36.01 21.76
C VAL D 78 12.00 -36.63 20.71
N VAL D 79 13.22 -36.97 21.14
CA VAL D 79 14.18 -37.66 20.26
C VAL D 79 13.57 -38.95 19.67
N LYS D 80 13.02 -39.76 20.58
CA LYS D 80 12.29 -40.98 20.21
C LYS D 80 11.10 -40.75 19.26
N ALA D 81 10.30 -39.73 19.56
CA ALA D 81 9.17 -39.38 18.69
C ALA D 81 9.63 -39.09 17.29
N ILE D 82 10.70 -38.28 17.19
CA ILE D 82 11.28 -37.90 15.92
C ILE D 82 11.73 -39.13 15.15
N ALA D 83 12.66 -39.85 15.78
CA ALA D 83 13.22 -41.09 15.24
C ALA D 83 12.14 -42.06 14.76
N ASP D 84 11.19 -42.35 15.65
CA ASP D 84 10.13 -43.31 15.31
C ASP D 84 9.22 -42.85 14.18
N GLN D 85 8.84 -41.58 14.18
CA GLN D 85 8.02 -41.07 13.07
C GLN D 85 8.71 -41.05 11.71
N ALA D 86 9.99 -40.69 11.71
CA ALA D 86 10.79 -40.60 10.48
C ALA D 86 10.94 -41.96 9.76
N GLN D 87 10.89 -43.07 10.52
CA GLN D 87 10.88 -44.44 9.98
C GLN D 87 9.55 -44.77 9.27
N LYS D 88 8.46 -44.16 9.69
CA LYS D 88 7.15 -44.41 9.04
C LYS D 88 6.91 -43.47 7.86
N LEU D 89 7.03 -42.16 8.14
CA LEU D 89 6.74 -41.09 7.14
C LEU D 89 7.47 -39.81 7.51
N ILE D 90 8.44 -39.38 6.68
CA ILE D 90 9.14 -38.14 6.95
C ILE D 90 8.17 -36.98 6.63
N HIS D 91 7.54 -37.01 5.46
CA HIS D 91 6.58 -35.98 5.13
C HIS D 91 5.53 -36.28 4.05
N TYR D 92 4.28 -35.93 4.35
CA TYR D 92 3.22 -35.88 3.34
C TYR D 92 2.50 -34.58 3.68
N THR D 93 2.25 -33.74 2.69
CA THR D 93 1.74 -32.40 3.02
C THR D 93 0.27 -32.47 3.44
N PRO D 94 -0.05 -32.01 4.68
CA PRO D 94 -1.44 -31.88 5.03
C PRO D 94 -2.24 -30.83 4.23
N ALA D 95 -1.56 -29.99 3.43
CA ALA D 95 -2.22 -29.09 2.47
C ALA D 95 -2.99 -29.79 1.30
N TYR D 96 -2.73 -31.08 1.13
CA TYR D 96 -3.41 -31.88 0.12
C TYR D 96 -4.03 -33.14 0.73
N PHE D 97 -3.30 -33.75 1.66
CA PHE D 97 -3.69 -35.00 2.32
C PHE D 97 -3.47 -34.94 3.83
N HIS D 98 -3.74 -36.05 4.52
CA HIS D 98 -3.62 -36.10 5.98
C HIS D 98 -2.75 -37.22 6.59
N HIS D 99 -2.27 -36.99 7.81
CA HIS D 99 -1.51 -38.02 8.55
C HIS D 99 -1.90 -37.86 10.01
N VAL D 100 -1.71 -38.93 10.77
CA VAL D 100 -2.25 -39.05 12.11
C VAL D 100 -1.62 -38.09 13.13
N PRO D 101 -0.26 -37.99 13.15
CA PRO D 101 0.33 -37.04 14.14
C PRO D 101 -0.20 -35.57 14.01
N GLY D 102 -0.47 -35.16 12.79
CA GLY D 102 -1.04 -33.84 12.52
C GLY D 102 -2.48 -33.71 12.97
N MET D 103 -3.31 -34.68 12.57
CA MET D 103 -4.69 -34.80 13.07
C MET D 103 -4.77 -34.66 14.57
N GLU D 104 -3.97 -35.46 15.27
CA GLU D 104 -4.00 -35.52 16.73
C GLU D 104 -3.55 -34.19 17.30
N LEU D 105 -2.47 -33.63 16.76
CA LEU D 105 -1.95 -32.37 17.31
C LEU D 105 -2.91 -31.21 17.12
N SER D 106 -3.50 -31.08 15.93
CA SER D 106 -4.42 -29.96 15.66
C SER D 106 -5.59 -29.95 16.62
N GLU D 107 -6.18 -31.13 16.78
CA GLU D 107 -7.21 -31.29 17.78
C GLU D 107 -6.76 -30.94 19.22
N LYS D 108 -5.61 -31.45 19.65
CA LYS D 108 -5.15 -31.17 21.01
C LYS D 108 -4.89 -29.67 21.16
N LEU D 109 -4.30 -29.05 20.13
CA LEU D 109 -4.00 -27.62 20.20
C LEU D 109 -5.30 -26.82 20.34
N ALA D 110 -6.31 -27.15 19.51
CA ALA D 110 -7.64 -26.48 19.61
C ALA D 110 -8.17 -26.48 21.03
N LYS D 111 -7.88 -27.55 21.78
CA LYS D 111 -8.39 -27.76 23.15
C LYS D 111 -7.56 -27.15 24.27
N ILE D 112 -6.24 -27.16 24.14
CA ILE D 112 -5.39 -26.63 25.23
C ILE D 112 -5.23 -25.11 25.18
N ALA D 113 -5.67 -24.48 24.08
CA ALA D 113 -5.72 -23.01 23.97
C ALA D 113 -6.59 -22.42 25.10
N PRO D 114 -6.22 -21.22 25.58
CA PRO D 114 -6.91 -20.56 26.68
C PRO D 114 -8.37 -20.29 26.39
N GLY D 115 -9.16 -20.42 27.44
CA GLY D 115 -10.59 -20.22 27.38
C GLY D 115 -11.28 -21.43 26.78
N ASN D 116 -12.61 -21.33 26.76
CA ASN D 116 -13.49 -22.44 26.50
C ASN D 116 -14.38 -22.27 25.25
N SER D 117 -14.15 -21.22 24.45
CA SER D 117 -14.95 -21.08 23.23
C SER D 117 -14.39 -22.15 22.30
N PRO D 118 -15.26 -22.84 21.56
CA PRO D 118 -14.77 -23.71 20.49
C PRO D 118 -13.73 -23.00 19.61
N LYS D 119 -12.69 -23.75 19.22
CA LYS D 119 -11.54 -23.25 18.46
C LYS D 119 -11.15 -24.17 17.30
N MET D 120 -10.51 -23.60 16.29
CA MET D 120 -9.90 -24.36 15.19
C MET D 120 -8.46 -23.87 14.93
N VAL D 121 -7.72 -24.64 14.15
CA VAL D 121 -6.30 -24.47 14.07
C VAL D 121 -5.88 -24.58 12.62
N SER D 122 -4.82 -23.82 12.25
CA SER D 122 -4.05 -23.96 11.01
C SER D 122 -2.59 -24.05 11.36
N PHE D 123 -1.87 -24.93 10.70
CA PHE D 123 -0.44 -25.07 10.94
C PHE D 123 0.36 -24.15 10.01
N GLY D 124 1.46 -23.65 10.56
CA GLY D 124 2.53 -23.02 9.79
C GLY D 124 3.86 -23.66 10.15
N ASN D 125 4.96 -23.07 9.64
CA ASN D 125 6.32 -23.48 9.99
C ASN D 125 7.03 -22.61 11.03
N SER D 126 6.55 -21.37 11.24
CA SER D 126 7.22 -20.32 11.99
C SER D 126 6.21 -19.47 12.72
N GLY D 127 6.65 -18.84 13.79
CA GLY D 127 5.79 -17.85 14.44
C GLY D 127 5.36 -16.77 13.45
N SER D 128 6.32 -16.37 12.60
CA SER D 128 6.12 -15.35 11.57
C SER D 128 4.89 -15.60 10.74
N ASP D 129 4.75 -16.81 10.22
CA ASP D 129 3.64 -17.10 9.36
C ASP D 129 2.29 -17.25 10.10
N ALA D 130 2.33 -17.59 11.39
CA ALA D 130 1.13 -17.65 12.19
C ALA D 130 0.58 -16.24 12.43
N ASN D 131 1.50 -15.27 12.61
CA ASN D 131 1.17 -13.87 12.69
C ASN D 131 0.67 -13.31 11.34
N ASP D 132 1.22 -13.78 10.21
CA ASP D 132 0.60 -13.41 8.95
C ASP D 132 -0.83 -13.91 8.89
N ALA D 133 -1.04 -15.15 9.33
CA ALA D 133 -2.39 -15.71 9.43
C ALA D 133 -3.37 -14.93 10.31
N ILE D 134 -2.95 -14.49 11.47
CA ILE D 134 -3.76 -13.59 12.31
C ILE D 134 -4.33 -12.38 11.53
N ILE D 135 -3.47 -11.66 10.80
CA ILE D 135 -3.89 -10.59 9.90
C ILE D 135 -4.96 -11.09 8.93
N LYS D 136 -4.71 -12.20 8.23
CA LYS D 136 -5.64 -12.76 7.25
C LYS D 136 -7.02 -13.10 7.85
N PHE D 137 -6.99 -13.84 8.93
CA PHE D 137 -8.20 -14.30 9.56
C PHE D 137 -8.97 -13.12 10.16
N ALA D 138 -8.29 -12.17 10.81
CA ALA D 138 -8.94 -11.00 11.39
C ALA D 138 -9.65 -10.14 10.33
N ARG D 139 -8.92 -9.83 9.28
CA ARG D 139 -9.48 -9.13 8.18
C ARG D 139 -10.62 -9.91 7.56
N ALA D 140 -10.46 -11.21 7.35
CA ALA D 140 -11.48 -11.98 6.66
C ALA D 140 -12.79 -12.08 7.52
N TYR D 141 -12.65 -12.27 8.83
CA TYR D 141 -13.78 -12.45 9.67
C TYR D 141 -14.52 -11.12 9.85
N THR D 142 -13.78 -10.01 10.02
CA THR D 142 -14.39 -8.73 10.29
C THR D 142 -14.88 -7.96 9.08
N GLY D 143 -14.35 -8.25 7.89
CA GLY D 143 -14.51 -7.41 6.73
C GLY D 143 -13.89 -6.03 6.83
N ARG D 144 -12.91 -5.87 7.73
CA ARG D 144 -12.20 -4.61 7.99
C ARG D 144 -10.74 -4.79 7.65
N GLN D 145 -10.02 -3.71 7.41
CA GLN D 145 -8.63 -3.84 6.96
C GLN D 145 -7.49 -3.52 7.96
N TYR D 146 -7.76 -2.62 8.90
CA TYR D 146 -6.69 -2.04 9.70
C TYR D 146 -6.26 -3.00 10.83
N ILE D 147 -4.97 -3.04 11.09
CA ILE D 147 -4.37 -3.84 12.15
C ILE D 147 -3.59 -2.92 13.03
N VAL D 148 -3.81 -3.01 14.36
CA VAL D 148 -2.98 -2.30 15.32
C VAL D 148 -2.00 -3.26 15.98
N SER D 149 -0.74 -2.85 16.04
CA SER D 149 0.26 -3.59 16.74
C SER D 149 1.09 -2.58 17.52
N TYR D 150 2.09 -3.07 18.26
CA TYR D 150 2.80 -2.22 19.23
C TYR D 150 4.19 -1.93 18.80
N MET D 151 4.67 -0.74 19.18
CA MET D 151 6.08 -0.42 19.15
C MET D 151 6.82 -1.34 20.16
N GLY D 152 8.08 -1.67 19.87
CA GLY D 152 8.86 -2.67 20.66
C GLY D 152 8.47 -4.14 20.41
N SER D 153 7.44 -4.40 19.61
CA SER D 153 7.00 -5.73 19.35
C SER D 153 7.97 -6.41 18.40
N TYR D 154 7.96 -7.74 18.41
CA TYR D 154 8.59 -8.57 17.39
C TYR D 154 7.58 -9.67 17.11
N HIS D 155 7.11 -9.78 15.87
CA HIS D 155 6.10 -10.76 15.46
C HIS D 155 6.57 -11.70 14.35
N GLY D 156 7.61 -11.29 13.63
CA GLY D 156 8.24 -12.16 12.65
C GLY D 156 8.94 -11.40 11.53
N SER D 157 9.36 -12.19 10.53
CA SER D 157 10.17 -11.77 9.45
C SER D 157 9.55 -12.02 8.05
N THR D 158 8.24 -12.26 7.97
CA THR D 158 7.52 -12.36 6.69
C THR D 158 6.85 -11.02 6.55
N TYR D 159 6.46 -10.62 5.35
CA TYR D 159 6.06 -9.20 5.15
C TYR D 159 4.95 -8.71 6.06
N GLY D 160 3.99 -9.57 6.41
CA GLY D 160 2.89 -9.18 7.30
C GLY D 160 3.39 -9.00 8.75
N SER D 161 3.94 -10.07 9.32
CA SER D 161 4.44 -10.08 10.69
C SER D 161 5.53 -9.07 10.91
N GLN D 162 6.44 -8.94 9.94
CA GLN D 162 7.47 -7.94 9.98
C GLN D 162 6.96 -6.47 9.97
N THR D 163 5.87 -6.18 9.28
CA THR D 163 5.27 -4.85 9.33
C THR D 163 4.73 -4.52 10.72
N LEU D 164 4.13 -5.52 11.32
CA LEU D 164 3.59 -5.35 12.65
C LEU D 164 4.67 -5.11 13.71
N SER D 165 5.86 -5.59 13.46
CA SER D 165 6.89 -5.56 14.45
C SER D 165 7.34 -4.13 14.69
N GLY D 166 8.01 -3.94 15.81
CA GLY D 166 8.55 -2.65 16.15
C GLY D 166 9.80 -2.63 17.03
N SER D 167 10.74 -3.55 16.79
CA SER D 167 11.93 -3.66 17.66
C SER D 167 13.28 -3.51 16.95
N SER D 168 13.27 -3.24 15.65
CA SER D 168 14.52 -3.02 14.95
C SER D 168 14.26 -2.29 13.66
N LEU D 169 14.92 -1.13 13.52
CA LEU D 169 14.83 -0.35 12.32
C LEU D 169 15.30 -1.12 11.10
N ASN D 170 16.11 -2.17 11.31
CA ASN D 170 16.59 -2.99 10.19
C ASN D 170 15.57 -4.01 9.66
N MET D 171 14.42 -4.08 10.33
CA MET D 171 13.29 -4.82 9.83
C MET D 171 12.34 -3.94 8.98
N THR D 172 12.67 -2.66 8.85
CA THR D 172 11.98 -1.79 7.93
C THR D 172 12.92 -1.23 6.84
N ARG D 173 14.17 -0.93 7.18
CA ARG D 173 15.05 -0.29 6.20
C ARG D 173 15.26 -1.05 4.92
N LYS D 174 15.07 -0.34 3.82
CA LYS D 174 15.29 -0.78 2.43
C LYS D 174 14.38 -1.85 1.86
N ILE D 175 13.36 -2.28 2.59
CA ILE D 175 12.51 -3.35 2.11
C ILE D 175 11.08 -2.94 1.82
N GLY D 176 10.77 -1.69 2.10
CA GLY D 176 9.46 -1.11 1.89
C GLY D 176 9.08 -0.96 0.41
N PRO D 177 7.81 -0.69 0.14
CA PRO D 177 6.78 -0.48 1.18
C PRO D 177 6.33 -1.76 1.88
N MET D 178 5.89 -1.58 3.10
CA MET D 178 5.50 -2.67 4.01
C MET D 178 4.03 -2.94 3.78
N LEU D 179 3.44 -3.87 4.53
CA LEU D 179 2.00 -4.13 4.36
C LEU D 179 1.15 -2.90 4.78
N PRO D 180 0.20 -2.49 3.93
CA PRO D 180 -0.57 -1.27 4.32
C PRO D 180 -1.63 -1.54 5.35
N SER D 181 -2.16 -0.43 5.89
CA SER D 181 -3.23 -0.41 6.85
C SER D 181 -2.85 -1.03 8.20
N VAL D 182 -1.66 -0.72 8.66
CA VAL D 182 -1.11 -1.13 9.96
C VAL D 182 -0.75 0.11 10.73
N VAL D 183 -1.17 0.20 11.99
CA VAL D 183 -0.86 1.33 12.84
C VAL D 183 -0.16 0.79 14.10
N HIS D 184 0.96 1.41 14.47
CA HIS D 184 1.66 1.11 15.70
C HIS D 184 1.33 2.06 16.82
N VAL D 185 1.14 1.48 18.01
CA VAL D 185 0.83 2.20 19.25
C VAL D 185 1.96 1.90 20.27
N PRO D 186 2.13 2.78 21.27
CA PRO D 186 3.19 2.62 22.27
C PRO D 186 2.84 1.54 23.31
N TYR D 187 3.80 0.68 23.64
CA TYR D 187 3.58 -0.33 24.68
C TYR D 187 3.94 0.22 26.09
N PRO D 188 3.15 -0.16 27.10
CA PRO D 188 3.40 0.46 28.42
C PRO D 188 4.74 0.04 29.01
N ASP D 189 5.65 1.03 29.10
CA ASP D 189 6.94 0.98 29.76
C ASP D 189 6.72 1.29 31.28
N SER D 190 6.93 0.26 32.12
CA SER D 190 6.73 0.40 33.57
C SER D 190 7.98 0.77 34.37
N TYR D 191 9.05 1.13 33.68
CA TYR D 191 10.27 1.51 34.31
C TYR D 191 10.62 2.98 34.07
N ARG D 192 10.79 3.39 32.81
CA ARG D 192 11.04 4.82 32.53
C ARG D 192 9.70 5.58 32.49
N THR D 193 9.29 6.03 33.67
CA THR D 193 8.03 6.71 33.87
C THR D 193 8.27 8.17 34.23
N TYR D 194 7.18 8.92 34.35
CA TYR D 194 7.24 10.31 34.77
C TYR D 194 7.23 10.35 36.31
N PRO D 195 8.00 11.28 36.91
CA PRO D 195 8.12 11.31 38.39
C PRO D 195 6.74 11.35 39.07
N GLY D 196 6.41 10.30 39.83
CA GLY D 196 5.19 10.23 40.62
C GLY D 196 4.23 9.14 40.21
N GLU D 197 4.42 8.58 39.01
CA GLU D 197 3.40 7.70 38.41
C GLU D 197 3.24 6.36 39.14
N THR D 198 2.01 6.08 39.52
CA THR D 198 1.58 4.78 39.89
C THR D 198 1.46 3.88 38.65
N GLU D 199 1.18 2.61 38.89
CA GLU D 199 0.77 1.66 37.87
C GLU D 199 -0.57 2.09 37.22
N HIS D 200 -1.50 2.54 38.03
CA HIS D 200 -2.75 3.13 37.53
C HIS D 200 -2.55 4.30 36.52
N ASP D 201 -1.66 5.24 36.84
CA ASP D 201 -1.31 6.36 35.97
C ASP D 201 -0.70 5.84 34.64
N VAL D 202 0.26 4.92 34.77
CA VAL D 202 0.88 4.32 33.60
C VAL D 202 -0.16 3.64 32.71
N SER D 203 -1.04 2.84 33.29
CA SER D 203 -2.04 2.17 32.55
C SER D 203 -2.86 3.16 31.75
N LEU D 204 -3.32 4.21 32.40
CA LEU D 204 -4.20 5.18 31.77
C LEU D 204 -3.49 6.11 30.80
N ARG D 205 -2.26 6.52 31.09
CA ARG D 205 -1.51 7.32 30.16
C ARG D 205 -1.35 6.52 28.84
N TYR D 206 -0.83 5.32 28.94
CA TYR D 206 -0.65 4.49 27.74
C TYR D 206 -1.96 4.07 27.07
N PHE D 207 -3.08 3.91 27.80
CA PHE D 207 -4.40 3.73 27.16
C PHE D 207 -4.88 5.02 26.46
N ASN D 208 -4.53 6.18 27.00
CA ASN D 208 -4.84 7.46 26.34
C ASN D 208 -4.06 7.56 25.01
N GLU D 209 -2.79 7.14 24.99
CA GLU D 209 -2.02 7.03 23.73
C GLU D 209 -2.63 6.07 22.72
N PHE D 210 -3.02 4.88 23.20
CA PHE D 210 -3.77 3.91 22.41
C PHE D 210 -4.97 4.52 21.69
N LYS D 211 -5.72 5.37 22.38
CA LYS D 211 -6.96 5.96 21.82
C LYS D 211 -6.77 7.06 20.80
N LYS D 212 -5.69 7.80 20.92
CA LYS D 212 -5.43 8.93 20.05
C LYS D 212 -5.57 8.66 18.51
N PRO D 213 -4.94 7.60 17.97
CA PRO D 213 -5.20 7.31 16.55
C PRO D 213 -6.71 7.04 16.27
N PHE D 214 -7.39 6.37 17.19
CA PHE D 214 -8.82 6.11 16.98
C PHE D 214 -9.71 7.38 17.10
N GLU D 215 -9.13 8.41 17.68
CA GLU D 215 -9.78 9.71 17.86
C GLU D 215 -9.38 10.70 16.77
N SER D 216 -8.54 10.28 15.83
CA SER D 216 -8.09 11.15 14.76
C SER D 216 -8.29 10.61 13.35
N PHE D 217 -7.48 9.63 12.94
CA PHE D 217 -7.57 9.08 11.60
C PHE D 217 -7.95 7.62 11.45
N LEU D 218 -7.88 6.86 12.54
CA LEU D 218 -8.11 5.41 12.48
C LEU D 218 -9.49 5.00 12.94
N PRO D 219 -10.37 4.56 12.02
CA PRO D 219 -11.67 4.23 12.56
C PRO D 219 -11.65 2.92 13.29
N ALA D 220 -12.13 2.96 14.56
CA ALA D 220 -12.31 1.73 15.34
C ALA D 220 -13.19 0.71 14.62
N ASP D 221 -14.21 1.22 13.95
CA ASP D 221 -15.11 0.33 13.18
C ASP D 221 -14.50 -0.21 11.88
N GLU D 222 -13.31 0.23 11.50
CA GLU D 222 -12.57 -0.44 10.42
C GLU D 222 -11.28 -1.12 10.86
N THR D 223 -11.11 -1.31 12.16
CA THR D 223 -9.98 -2.02 12.69
C THR D 223 -10.35 -3.50 12.93
N ALA D 224 -9.70 -4.40 12.18
CA ALA D 224 -9.90 -5.83 12.29
C ALA D 224 -9.36 -6.44 13.57
N CYS D 225 -8.21 -6.00 14.03
CA CYS D 225 -7.69 -6.56 15.25
C CYS D 225 -6.58 -5.78 15.84
N VAL D 226 -6.33 -6.06 17.12
CA VAL D 226 -5.20 -5.50 17.85
C VAL D 226 -4.41 -6.75 18.16
N LEU D 227 -3.11 -6.71 17.87
CA LEU D 227 -2.24 -7.85 18.18
C LEU D 227 -1.24 -7.42 19.25
N ILE D 228 -1.23 -8.15 20.37
CA ILE D 228 -0.40 -7.80 21.50
C ILE D 228 0.36 -9.03 22.09
N GLU D 229 1.63 -8.80 22.40
CA GLU D 229 2.42 -9.73 23.19
C GLU D 229 2.05 -9.43 24.66
N PRO D 230 1.40 -10.37 25.37
CA PRO D 230 1.07 -10.15 26.79
C PRO D 230 2.25 -9.71 27.64
N ILE D 231 3.41 -10.29 27.34
CA ILE D 231 4.67 -9.76 27.77
C ILE D 231 5.50 -9.66 26.47
N GLN D 232 6.09 -8.50 26.26
CA GLN D 232 6.90 -8.29 25.12
C GLN D 232 8.27 -8.91 25.37
N GLY D 233 8.73 -9.76 24.48
CA GLY D 233 10.01 -10.34 24.62
C GLY D 233 11.14 -9.54 24.05
N ASP D 234 11.16 -9.35 22.76
CA ASP D 234 12.24 -8.59 22.15
C ASP D 234 12.28 -7.14 22.66
N GLY D 235 11.15 -6.63 23.10
CA GLY D 235 11.09 -5.33 23.75
C GLY D 235 11.92 -5.19 25.04
N GLY D 236 12.22 -6.31 25.69
CA GLY D 236 12.98 -6.33 26.92
C GLY D 236 12.22 -6.96 28.08
N ILE D 237 11.45 -8.01 27.80
CA ILE D 237 10.66 -8.69 28.82
C ILE D 237 9.77 -7.71 29.59
N ILE D 238 9.00 -6.92 28.85
CA ILE D 238 8.11 -5.94 29.44
C ILE D 238 6.68 -6.48 29.50
N LYS D 239 6.11 -6.51 30.70
CA LYS D 239 4.77 -7.00 30.85
C LYS D 239 3.85 -5.81 30.86
N ALA D 240 2.70 -5.92 30.19
CA ALA D 240 1.67 -4.90 30.24
C ALA D 240 1.01 -4.96 31.63
N PRO D 241 0.79 -3.80 32.28
CA PRO D 241 -0.02 -3.79 33.49
C PRO D 241 -1.39 -4.41 33.28
N GLU D 242 -1.94 -5.01 34.34
CA GLU D 242 -3.26 -5.63 34.32
C GLU D 242 -4.31 -4.69 33.83
N GLU D 243 -4.23 -3.45 34.29
CA GLU D 243 -5.31 -2.49 34.02
C GLU D 243 -5.37 -2.01 32.55
N TYR D 244 -4.19 -1.77 31.96
CA TYR D 244 -4.02 -1.33 30.57
C TYR D 244 -4.58 -2.40 29.65
N MET D 245 -4.21 -3.62 29.96
CA MET D 245 -4.70 -4.77 29.24
C MET D 245 -6.24 -4.94 29.34
N GLN D 246 -6.82 -4.77 30.54
CA GLN D 246 -8.30 -4.85 30.63
C GLN D 246 -8.96 -3.75 29.80
N LEU D 247 -8.36 -2.57 29.76
CA LEU D 247 -8.89 -1.44 28.96
C LEU D 247 -8.83 -1.73 27.43
N VAL D 248 -7.70 -2.26 26.92
CA VAL D 248 -7.58 -2.61 25.50
C VAL D 248 -8.56 -3.71 25.18
N TYR D 249 -8.61 -4.72 26.05
CA TYR D 249 -9.47 -5.87 25.88
C TYR D 249 -10.90 -5.42 25.76
N LYS D 250 -11.28 -4.45 26.59
CA LYS D 250 -12.65 -3.96 26.61
C LYS D 250 -12.98 -3.12 25.34
N PHE D 251 -12.07 -2.19 25.03
CA PHE D 251 -12.18 -1.38 23.84
C PHE D 251 -12.43 -2.22 22.58
N CYS D 252 -11.68 -3.32 22.40
CA CYS D 252 -11.88 -4.22 21.26
C CYS D 252 -13.27 -4.89 21.26
N HIS D 253 -13.74 -5.39 22.40
CA HIS D 253 -15.09 -6.03 22.43
C HIS D 253 -16.14 -4.97 22.11
N GLU D 254 -15.97 -3.75 22.59
CA GLU D 254 -16.97 -2.71 22.41
C GLU D 254 -17.08 -2.28 20.96
N HIS D 255 -15.97 -2.36 20.21
CA HIS D 255 -15.96 -1.92 18.82
C HIS D 255 -15.89 -3.02 17.80
N GLY D 256 -15.93 -4.27 18.23
CA GLY D 256 -15.92 -5.43 17.35
C GLY D 256 -14.53 -5.66 16.78
N ILE D 257 -13.51 -5.14 17.45
CA ILE D 257 -12.12 -5.35 17.00
C ILE D 257 -11.75 -6.68 17.60
N LEU D 258 -11.12 -7.58 16.85
CA LEU D 258 -10.67 -8.80 17.41
C LEU D 258 -9.45 -8.54 18.26
N PHE D 259 -9.39 -9.23 19.39
CA PHE D 259 -8.28 -9.19 20.32
C PHE D 259 -7.41 -10.42 20.06
N ALA D 260 -6.16 -10.19 19.70
CA ALA D 260 -5.24 -11.23 19.33
C ALA D 260 -4.01 -11.14 20.15
N ILE D 261 -3.45 -12.29 20.48
CA ILE D 261 -2.23 -12.41 21.26
C ILE D 261 -1.19 -13.24 20.53
N ASP D 262 0.07 -12.85 20.71
CA ASP D 262 1.20 -13.58 20.23
C ASP D 262 1.80 -14.31 21.46
N GLU D 263 1.65 -15.64 21.44
CA GLU D 263 2.17 -16.52 22.49
C GLU D 263 3.36 -17.34 22.02
N VAL D 264 4.03 -16.90 20.95
CA VAL D 264 5.15 -17.62 20.34
C VAL D 264 6.37 -17.69 21.27
N ASN D 265 6.74 -16.56 21.87
CA ASN D 265 7.87 -16.47 22.77
C ASN D 265 7.46 -16.81 24.23
N GLN D 266 6.27 -16.37 24.64
CA GLN D 266 5.87 -16.38 26.04
C GLN D 266 4.87 -17.46 26.41
N GLY D 267 4.41 -18.27 25.45
CA GLY D 267 3.54 -19.41 25.79
C GLY D 267 4.27 -20.68 26.26
N LEU D 268 3.51 -21.78 26.32
CA LEU D 268 4.03 -23.08 26.64
C LEU D 268 4.88 -23.04 27.94
N GLY D 269 4.35 -22.34 28.93
CA GLY D 269 4.87 -22.35 30.28
C GLY D 269 5.97 -21.38 30.62
N ARG D 270 6.48 -20.68 29.62
CA ARG D 270 7.59 -19.77 29.83
C ARG D 270 7.40 -18.82 31.05
N THR D 271 6.17 -18.35 31.25
CA THR D 271 5.84 -17.38 32.27
C THR D 271 5.31 -17.94 33.59
N GLY D 272 5.25 -19.26 33.73
CA GLY D 272 4.78 -19.81 34.99
C GLY D 272 3.31 -20.07 34.95
N LYS D 273 2.62 -19.65 33.90
CA LYS D 273 1.36 -20.28 33.49
C LYS D 273 1.51 -20.81 32.08
N MET D 274 0.59 -21.67 31.67
CA MET D 274 0.64 -22.31 30.38
C MET D 274 0.75 -21.25 29.23
N TRP D 275 -0.10 -20.24 29.28
CA TRP D 275 -0.12 -19.16 28.32
C TRP D 275 0.05 -17.82 29.04
N ALA D 276 0.89 -16.96 28.49
CA ALA D 276 1.18 -15.66 29.08
C ALA D 276 -0.04 -14.79 29.28
N ILE D 277 -1.06 -14.99 28.46
CA ILE D 277 -2.32 -14.27 28.65
C ILE D 277 -3.07 -14.67 29.92
N GLN D 278 -2.79 -15.86 30.45
CA GLN D 278 -3.34 -16.30 31.75
C GLN D 278 -2.72 -15.56 32.97
N GLN D 279 -1.71 -14.72 32.74
CA GLN D 279 -1.25 -13.78 33.77
C GLN D 279 -2.26 -12.68 34.00
N PHE D 280 -3.26 -12.60 33.11
CA PHE D 280 -4.32 -11.60 33.18
C PHE D 280 -5.63 -12.29 33.45
N LYS D 281 -6.55 -11.58 34.08
CA LYS D 281 -7.83 -12.14 34.51
C LYS D 281 -8.88 -12.26 33.38
N ASP D 282 -9.38 -13.46 33.12
CA ASP D 282 -10.54 -13.71 32.26
C ASP D 282 -10.50 -13.06 30.82
N ILE D 283 -9.35 -13.27 30.15
CA ILE D 283 -9.13 -12.82 28.77
C ILE D 283 -9.00 -14.06 27.88
N GLU D 284 -10.04 -14.32 27.08
CA GLU D 284 -9.97 -15.35 26.08
C GLU D 284 -9.74 -14.66 24.73
N PRO D 285 -8.61 -14.93 24.06
CA PRO D 285 -8.35 -14.26 22.79
C PRO D 285 -9.16 -14.80 21.64
N ASP D 286 -9.39 -13.94 20.65
CA ASP D 286 -10.02 -14.36 19.41
C ASP D 286 -9.06 -15.15 18.55
N LEU D 287 -7.79 -14.78 18.61
CA LEU D 287 -6.77 -15.34 17.73
C LEU D 287 -5.48 -15.39 18.47
N MET D 288 -4.72 -16.45 18.22
CA MET D 288 -3.41 -16.56 18.86
C MET D 288 -2.41 -17.30 18.00
N SER D 289 -1.18 -16.83 18.07
CA SER D 289 -0.10 -17.48 17.39
C SER D 289 0.77 -18.30 18.42
N VAL D 290 1.27 -19.44 17.97
CA VAL D 290 2.09 -20.35 18.75
C VAL D 290 3.25 -20.80 17.91
N GLY D 291 4.41 -21.02 18.49
CA GLY D 291 5.59 -21.52 17.78
C GLY D 291 6.74 -21.81 18.74
N LYS D 292 7.97 -21.71 18.24
CA LYS D 292 9.12 -21.84 19.11
C LYS D 292 9.15 -23.22 19.86
N SER D 293 8.71 -23.23 21.11
CA SER D 293 8.72 -24.41 21.97
C SER D 293 7.73 -25.51 21.64
N LEU D 294 6.81 -25.24 20.73
CA LEU D 294 5.77 -26.20 20.39
C LEU D 294 6.30 -27.55 19.92
N ALA D 295 7.36 -27.55 19.13
CA ALA D 295 7.96 -28.79 18.63
C ALA D 295 9.44 -28.93 19.02
N SER D 296 9.82 -28.39 20.17
CA SER D 296 11.23 -28.42 20.60
C SER D 296 12.29 -27.76 19.71
N GLY D 297 11.83 -26.78 18.93
CA GLY D 297 12.69 -26.06 17.96
C GLY D 297 12.65 -26.65 16.57
N MET D 298 11.88 -27.75 16.43
CA MET D 298 11.52 -28.26 15.12
C MET D 298 10.53 -27.25 14.49
N PRO D 299 10.62 -27.03 13.15
CA PRO D 299 9.78 -25.92 12.57
C PRO D 299 8.27 -26.22 12.55
N LEU D 300 7.57 -25.64 13.51
CA LEU D 300 6.14 -25.81 13.57
C LEU D 300 5.49 -24.68 14.30
N SER D 301 4.41 -24.19 13.71
CA SER D 301 3.63 -23.15 14.36
C SER D 301 2.16 -23.44 14.20
N ALA D 302 1.35 -22.70 14.93
CA ALA D 302 -0.07 -22.68 14.69
C ALA D 302 -0.63 -21.32 14.96
N VAL D 303 -1.61 -20.95 14.16
CA VAL D 303 -2.57 -19.94 14.57
C VAL D 303 -3.78 -20.71 15.13
N ILE D 304 -4.24 -20.30 16.30
CA ILE D 304 -5.42 -20.86 16.90
C ILE D 304 -6.44 -19.73 17.07
N GLY D 305 -7.65 -19.91 16.54
CA GLY D 305 -8.70 -18.89 16.67
C GLY D 305 -10.05 -19.45 17.08
N LYS D 306 -10.92 -18.61 17.65
CA LYS D 306 -12.33 -18.98 17.83
C LYS D 306 -12.91 -19.50 16.52
N LYS D 307 -13.73 -20.53 16.62
CA LYS D 307 -14.11 -21.34 15.47
C LYS D 307 -14.65 -20.47 14.33
N GLU D 308 -15.57 -19.59 14.65
CA GLU D 308 -16.22 -18.76 13.62
C GLU D 308 -15.21 -17.80 12.88
N VAL D 309 -14.13 -17.44 13.57
CA VAL D 309 -13.06 -16.69 12.94
C VAL D 309 -12.33 -17.53 11.89
N MET D 310 -12.02 -18.80 12.23
CA MET D 310 -11.20 -19.66 11.40
C MET D 310 -11.92 -20.19 10.18
N GLN D 311 -13.26 -20.19 10.22
CA GLN D 311 -14.11 -20.58 9.09
C GLN D 311 -14.33 -19.43 8.09
N SER D 312 -13.73 -18.27 8.31
CA SER D 312 -13.96 -17.12 7.42
C SER D 312 -13.22 -17.21 6.09
N LEU D 313 -12.30 -18.19 5.94
CA LEU D 313 -11.48 -18.33 4.73
C LEU D 313 -11.63 -19.71 4.05
N ASP D 314 -11.46 -19.69 2.74
CA ASP D 314 -11.49 -20.88 1.91
C ASP D 314 -10.07 -21.14 1.38
N ALA D 315 -9.76 -22.38 1.07
CA ALA D 315 -8.44 -22.75 0.58
C ALA D 315 -8.21 -22.23 -0.83
N PRO D 316 -6.95 -22.07 -1.23
CA PRO D 316 -5.80 -22.12 -0.32
C PRO D 316 -5.35 -20.77 0.23
N ALA D 317 -6.16 -20.13 1.05
CA ALA D 317 -5.81 -18.82 1.60
C ALA D 317 -4.56 -18.84 2.49
N HIS D 318 -4.43 -19.91 3.27
CA HIS D 318 -3.31 -20.05 4.23
C HIS D 318 -2.87 -21.51 4.40
N LEU D 319 -1.79 -21.84 3.72
CA LEU D 319 -1.19 -23.18 3.84
C LEU D 319 0.26 -23.18 3.37
N PHE D 320 1.03 -24.20 3.80
CA PHE D 320 2.42 -24.41 3.43
C PHE D 320 2.64 -25.91 3.20
N THR D 321 3.42 -26.22 2.18
CA THR D 321 3.82 -27.60 1.86
C THR D 321 4.26 -28.41 3.10
N THR D 322 5.14 -27.82 3.91
CA THR D 322 5.85 -28.55 4.96
C THR D 322 5.33 -28.20 6.33
N ALA D 323 4.28 -27.39 6.42
CA ALA D 323 3.61 -27.12 7.72
C ALA D 323 2.79 -28.33 8.18
N GLY D 324 2.86 -28.57 9.47
CA GLY D 324 2.33 -29.80 10.08
C GLY D 324 3.04 -31.04 9.57
N ASN D 325 4.35 -30.95 9.33
CA ASN D 325 5.16 -32.09 8.94
C ASN D 325 4.97 -33.12 10.09
N PRO D 326 4.80 -34.43 9.76
CA PRO D 326 4.49 -35.49 10.74
C PRO D 326 5.61 -35.76 11.73
N VAL D 327 6.86 -35.63 11.32
CA VAL D 327 7.99 -35.67 12.27
C VAL D 327 7.88 -34.53 13.25
N CYS D 328 7.65 -33.31 12.71
CA CYS D 328 7.43 -32.13 13.57
C CYS D 328 6.21 -32.29 14.46
N SER D 329 5.12 -32.82 13.92
CA SER D 329 3.92 -33.07 14.74
C SER D 329 4.18 -34.13 15.87
N ALA D 330 4.85 -35.23 15.55
CA ALA D 330 5.25 -36.23 16.57
C ALA D 330 6.06 -35.57 17.68
N ALA D 331 7.05 -34.75 17.31
CA ALA D 331 7.90 -34.06 18.25
C ALA D 331 7.12 -33.15 19.17
N SER D 332 6.11 -32.50 18.60
CA SER D 332 5.27 -31.57 19.36
C SER D 332 4.41 -32.35 20.34
N LEU D 333 3.70 -33.36 19.88
CA LEU D 333 2.89 -34.18 20.80
C LEU D 333 3.70 -34.63 22.04
N ALA D 334 4.92 -35.09 21.79
CA ALA D 334 5.82 -35.50 22.88
C ALA D 334 6.24 -34.31 23.73
N THR D 335 6.44 -33.17 23.07
CA THR D 335 6.89 -31.99 23.75
C THR D 335 5.82 -31.53 24.76
N LEU D 336 4.57 -31.48 24.30
CA LEU D 336 3.42 -31.15 25.15
C LEU D 336 3.22 -32.11 26.33
N ASP D 337 3.46 -33.40 26.09
CA ASP D 337 3.35 -34.41 27.16
C ASP D 337 4.39 -34.22 28.24
N VAL D 338 5.60 -33.87 27.86
CA VAL D 338 6.63 -33.54 28.87
C VAL D 338 6.23 -32.33 29.72
N ILE D 339 5.71 -31.29 29.09
CA ILE D 339 5.25 -30.12 29.82
C ILE D 339 4.26 -30.50 30.90
N GLU D 340 3.26 -31.30 30.54
CA GLU D 340 2.30 -31.82 31.51
C GLU D 340 3.01 -32.72 32.56
N TYR D 341 3.62 -33.83 32.13
CA TYR D 341 4.13 -34.87 33.07
C TYR D 341 5.35 -34.47 33.91
N GLU D 342 6.22 -33.58 33.43
CA GLU D 342 7.28 -32.99 34.28
C GLU D 342 6.83 -31.75 35.06
N GLY D 343 5.55 -31.38 34.93
CA GLY D 343 4.97 -30.14 35.48
C GLY D 343 5.80 -28.87 35.31
N LEU D 344 6.22 -28.58 34.08
CA LEU D 344 7.14 -27.47 33.85
C LEU D 344 6.46 -26.13 34.07
N VAL D 345 5.13 -26.08 33.95
CA VAL D 345 4.42 -24.83 34.10
C VAL D 345 4.61 -24.38 35.53
N GLU D 346 4.28 -25.27 36.48
CA GLU D 346 4.52 -25.03 37.92
C GLU D 346 6.01 -24.75 38.22
N LYS D 347 6.89 -25.50 37.58
CA LYS D 347 8.33 -25.40 37.85
C LYS D 347 8.90 -24.05 37.37
N SER D 348 8.38 -23.57 36.24
CA SER D 348 8.76 -22.25 35.76
C SER D 348 8.36 -21.17 36.80
N ALA D 349 7.13 -21.24 37.28
CA ALA D 349 6.64 -20.31 38.32
C ALA D 349 7.45 -20.30 39.63
N THR D 350 7.74 -21.50 40.13
CA THR D 350 8.59 -21.68 41.33
C THR D 350 10.04 -21.21 41.10
N ASP D 351 10.69 -21.72 40.05
CA ASP D 351 12.08 -21.35 39.75
C ASP D 351 12.26 -19.86 39.41
N GLY D 352 11.19 -19.26 38.86
CA GLY D 352 11.13 -17.83 38.54
C GLY D 352 10.98 -16.90 39.75
N ALA D 353 10.03 -17.18 40.63
CA ALA D 353 9.96 -16.49 41.96
C ALA D 353 11.32 -16.59 42.69
N TYR D 354 11.90 -17.81 42.66
CA TYR D 354 13.24 -18.01 43.18
C TYR D 354 14.28 -17.13 42.46
N ALA D 355 14.41 -17.28 41.12
CA ALA D 355 15.40 -16.49 40.36
C ALA D 355 15.22 -14.97 40.51
N LYS D 356 13.96 -14.55 40.64
CA LYS D 356 13.63 -13.14 40.87
C LYS D 356 14.30 -12.61 42.17
N GLN D 357 14.08 -13.31 43.30
CA GLN D 357 14.74 -12.95 44.59
C GLN D 357 16.26 -12.99 44.48
N ARG D 358 16.80 -13.98 43.78
CA ARG D 358 18.24 -13.95 43.54
C ARG D 358 18.70 -12.71 42.75
N PHE D 359 17.88 -12.25 41.78
CA PHE D 359 18.23 -11.03 41.06
C PHE D 359 18.02 -9.74 41.88
N LEU D 360 16.95 -9.66 42.68
CA LEU D 360 16.71 -8.49 43.57
C LEU D 360 17.85 -8.29 44.58
N GLU D 361 18.34 -9.44 45.08
CA GLU D 361 19.53 -9.55 45.93
C GLU D 361 20.78 -8.96 45.26
N MET D 362 21.02 -9.39 44.02
CA MET D 362 22.18 -8.88 43.29
C MET D 362 22.11 -7.37 43.02
N GLN D 363 20.89 -6.85 42.86
CA GLN D 363 20.65 -5.41 42.64
C GLN D 363 21.05 -4.57 43.86
N GLN D 364 20.90 -5.14 45.06
CA GLN D 364 21.33 -4.49 46.32
C GLN D 364 22.81 -4.11 46.26
N ARG D 365 23.62 -5.08 45.81
CA ARG D 365 25.09 -5.00 45.75
C ARG D 365 25.68 -4.42 44.46
N HIS D 366 24.86 -4.31 43.41
CA HIS D 366 25.33 -3.85 42.09
C HIS D 366 24.32 -2.81 41.50
N PRO D 367 24.52 -1.50 41.81
CA PRO D 367 23.49 -0.51 41.44
C PRO D 367 23.29 -0.31 39.91
N MET D 368 24.23 -0.81 39.12
CA MET D 368 24.09 -0.91 37.66
C MET D 368 22.84 -1.69 37.24
N ILE D 369 22.34 -2.57 38.09
CA ILE D 369 21.08 -3.22 37.87
C ILE D 369 19.99 -2.20 38.20
N GLY D 370 19.42 -1.57 37.18
CA GLY D 370 18.27 -0.63 37.35
C GLY D 370 16.91 -1.28 37.51
N ASP D 371 16.67 -2.38 36.82
CA ASP D 371 15.33 -3.01 36.86
C ASP D 371 15.40 -4.53 36.70
N VAL D 372 14.60 -5.22 37.51
CA VAL D 372 14.55 -6.66 37.52
C VAL D 372 13.13 -7.01 37.16
N ARG D 373 12.96 -7.64 36.00
CA ARG D 373 11.64 -8.00 35.51
C ARG D 373 11.66 -9.51 35.33
N MET D 374 10.71 -10.20 35.97
CA MET D 374 10.68 -11.66 35.93
C MET D 374 9.26 -12.15 36.09
N TRP D 375 8.85 -13.06 35.22
CA TRP D 375 7.52 -13.68 35.30
C TRP D 375 7.68 -15.12 34.83
N GLY D 376 7.82 -16.06 35.79
CA GLY D 376 8.33 -17.40 35.51
C GLY D 376 9.81 -17.35 35.24
N LEU D 377 10.37 -18.42 34.69
CA LEU D 377 11.79 -18.45 34.41
C LEU D 377 11.96 -17.71 33.11
N ASN D 378 11.46 -16.49 33.13
CA ASN D 378 11.51 -15.60 31.99
C ASN D 378 11.82 -14.22 32.54
N GLY D 379 12.95 -13.64 32.17
CA GLY D 379 13.30 -12.34 32.71
C GLY D 379 14.26 -11.45 31.96
N GLY D 380 14.22 -10.17 32.30
CA GLY D 380 15.09 -9.16 31.73
C GLY D 380 15.66 -8.40 32.90
N ILE D 381 16.96 -8.20 32.83
CA ILE D 381 17.68 -7.59 33.94
C ILE D 381 18.28 -6.36 33.37
N GLU D 382 17.62 -5.23 33.59
CA GLU D 382 18.03 -4.03 32.84
C GLU D 382 19.19 -3.25 33.48
N LEU D 383 20.21 -2.95 32.68
CA LEU D 383 21.42 -2.29 33.14
C LEU D 383 21.54 -0.84 32.72
N VAL D 384 21.82 -0.01 33.73
CA VAL D 384 21.87 1.42 33.59
C VAL D 384 23.18 1.98 34.09
N LYS D 385 23.44 3.24 33.75
CA LYS D 385 24.59 4.00 34.24
C LYS D 385 24.28 4.68 35.57
N ASP D 386 23.01 4.88 35.88
CA ASP D 386 22.60 5.51 37.13
C ASP D 386 21.17 5.14 37.45
N PRO D 387 20.85 4.82 38.73
CA PRO D 387 19.45 4.44 39.03
C PRO D 387 18.41 5.54 38.93
N LYS D 388 18.84 6.81 38.83
CA LYS D 388 17.88 7.88 38.65
C LYS D 388 17.77 8.35 37.20
N THR D 389 18.88 8.51 36.48
CA THR D 389 18.83 8.90 35.05
C THR D 389 18.34 7.73 34.19
N LYS D 390 18.72 6.53 34.58
CA LYS D 390 18.38 5.31 33.88
C LYS D 390 18.95 5.27 32.46
N GLU D 391 19.97 6.08 32.18
CA GLU D 391 20.68 6.02 30.90
C GLU D 391 21.16 4.56 30.64
N PRO D 392 20.76 3.97 29.52
CA PRO D 392 21.14 2.58 29.26
C PRO D 392 22.65 2.39 29.17
N ASP D 393 23.14 1.26 29.66
CA ASP D 393 24.58 1.00 29.62
C ASP D 393 24.78 -0.26 28.82
N SER D 394 24.78 -0.09 27.51
CA SER D 394 24.96 -1.20 26.59
C SER D 394 26.34 -1.79 26.75
N ASP D 395 27.33 -0.93 26.93
CA ASP D 395 28.69 -1.39 27.11
C ASP D 395 28.79 -2.37 28.35
N ALA D 396 28.13 -2.03 29.45
CA ALA D 396 28.07 -2.93 30.58
C ALA D 396 27.50 -4.31 30.27
N ALA D 397 26.35 -4.34 29.61
CA ALA D 397 25.66 -5.59 29.36
C ALA D 397 26.43 -6.49 28.39
N THR D 398 27.10 -5.88 27.42
CA THR D 398 27.94 -6.60 26.50
C THR D 398 29.10 -7.25 27.32
N LYS D 399 29.69 -6.48 28.24
CA LYS D 399 30.73 -6.97 29.16
C LYS D 399 30.23 -8.12 30.04
N VAL D 400 29.09 -7.92 30.71
CA VAL D 400 28.52 -8.99 31.51
C VAL D 400 28.38 -10.28 30.68
N ILE D 401 27.79 -10.23 29.48
CA ILE D 401 27.54 -11.49 28.72
C ILE D 401 28.81 -12.13 28.15
N TYR D 402 29.84 -11.30 27.93
CA TYR D 402 31.14 -11.78 27.45
C TYR D 402 31.94 -12.52 28.53
N TYR D 403 31.80 -12.04 29.77
CA TYR D 403 32.29 -12.71 30.98
C TYR D 403 31.60 -14.07 31.08
N ALA D 404 30.27 -14.02 31.21
CA ALA D 404 29.42 -15.20 31.36
C ALA D 404 29.79 -16.32 30.41
N PHE D 405 30.01 -15.95 29.15
CA PHE D 405 30.43 -16.87 28.09
C PHE D 405 31.81 -17.52 28.36
N ALA D 406 32.78 -16.68 28.72
CA ALA D 406 34.12 -17.13 29.09
C ALA D 406 34.16 -18.01 30.38
N HIS D 407 33.07 -18.02 31.15
CA HIS D 407 32.85 -18.87 32.33
C HIS D 407 31.60 -19.77 32.22
N GLY D 408 31.42 -20.34 31.03
CA GLY D 408 30.43 -21.42 30.81
C GLY D 408 28.97 -21.11 31.00
N VAL D 409 28.55 -19.90 30.65
CA VAL D 409 27.12 -19.48 30.73
C VAL D 409 26.77 -18.76 29.44
N VAL D 410 25.74 -19.26 28.77
CA VAL D 410 25.29 -18.69 27.50
C VAL D 410 24.11 -17.81 27.79
N ILE D 411 24.34 -16.50 27.70
CA ILE D 411 23.30 -15.47 27.90
C ILE D 411 23.43 -14.39 26.83
N ILE D 412 22.32 -13.79 26.42
CA ILE D 412 22.38 -12.65 25.46
C ILE D 412 21.60 -11.42 25.94
N THR D 413 21.83 -10.29 25.23
CA THR D 413 21.17 -9.03 25.50
C THR D 413 19.99 -8.78 24.53
N LEU D 414 18.98 -8.11 25.10
CA LEU D 414 17.90 -7.49 24.38
C LEU D 414 18.14 -5.97 24.42
N ALA D 415 17.84 -5.30 23.32
CA ALA D 415 17.80 -3.84 23.20
C ALA D 415 19.09 -3.18 23.66
N GLY D 416 20.22 -3.81 23.41
CA GLY D 416 21.50 -3.32 23.90
C GLY D 416 21.78 -3.57 25.40
N ASN D 417 20.94 -3.04 26.30
CA ASN D 417 21.27 -2.97 27.74
C ASN D 417 20.57 -3.96 28.66
N ILE D 418 19.76 -4.88 28.14
CA ILE D 418 18.90 -5.71 28.99
C ILE D 418 19.38 -7.15 28.87
N LEU D 419 19.71 -7.78 30.01
CA LEU D 419 20.19 -9.17 30.00
C LEU D 419 18.97 -10.07 29.90
N ARG D 420 19.02 -11.02 28.96
CA ARG D 420 17.92 -11.92 28.67
C ARG D 420 18.06 -13.28 29.40
N PHE D 421 17.14 -13.55 30.32
CA PHE D 421 17.17 -14.76 31.10
C PHE D 421 16.05 -15.70 30.71
N GLN D 422 16.34 -16.66 29.85
CA GLN D 422 15.35 -17.63 29.40
C GLN D 422 15.91 -19.05 29.23
N PRO D 423 16.32 -19.68 30.33
CA PRO D 423 16.86 -21.05 30.26
C PRO D 423 15.79 -22.12 30.10
N PRO D 424 16.13 -23.27 29.52
CA PRO D 424 15.12 -24.35 29.45
C PRO D 424 14.43 -24.54 30.79
N LEU D 425 13.13 -24.87 30.76
CA LEU D 425 12.33 -24.92 31.98
C LEU D 425 12.70 -26.10 32.91
N VAL D 426 13.36 -27.08 32.31
CA VAL D 426 13.79 -28.28 32.99
C VAL D 426 15.17 -28.13 33.63
N ILE D 427 15.73 -26.93 33.57
CA ILE D 427 17.05 -26.70 34.12
C ILE D 427 17.07 -27.08 35.60
N PRO D 428 18.05 -27.90 35.96
CA PRO D 428 18.20 -28.41 37.32
C PRO D 428 18.54 -27.29 38.28
N ARG D 429 18.03 -27.35 39.49
CA ARG D 429 18.35 -26.28 40.44
C ARG D 429 19.85 -26.05 40.66
N GLU D 430 20.60 -27.14 40.64
CA GLU D 430 22.05 -27.07 40.83
C GLU D 430 22.64 -26.12 39.76
N GLN D 431 22.36 -26.42 38.50
CA GLN D 431 22.83 -25.63 37.33
C GLN D 431 22.38 -24.17 37.35
N LEU D 432 21.13 -23.94 37.74
CA LEU D 432 20.57 -22.59 37.84
C LEU D 432 21.42 -21.74 38.78
N ASP D 433 21.75 -22.32 39.94
CA ASP D 433 22.57 -21.64 40.97
C ASP D 433 23.98 -21.40 40.45
N GLN D 434 24.51 -22.40 39.76
CA GLN D 434 25.79 -22.29 39.09
C GLN D 434 25.79 -21.07 38.14
N ALA D 435 24.68 -20.90 37.39
CA ALA D 435 24.58 -19.84 36.37
C ALA D 435 24.46 -18.48 37.03
N LEU D 436 23.57 -18.40 38.04
CA LEU D 436 23.33 -17.19 38.83
C LEU D 436 24.58 -16.62 39.51
N GLN D 437 25.47 -17.53 39.92
CA GLN D 437 26.71 -17.17 40.62
C GLN D 437 27.72 -16.63 39.63
N VAL D 438 27.78 -17.26 38.45
CA VAL D 438 28.57 -16.69 37.36
C VAL D 438 28.08 -15.26 37.06
N LEU D 439 26.77 -15.06 37.03
CA LEU D 439 26.25 -13.73 36.74
C LEU D 439 26.63 -12.74 37.85
N ASP D 440 26.50 -13.16 39.10
CA ASP D 440 27.03 -12.37 40.22
C ASP D 440 28.50 -11.98 40.08
N ASP D 441 29.31 -12.95 39.68
CA ASP D 441 30.73 -12.69 39.47
C ASP D 441 30.88 -11.70 38.34
N ALA D 442 30.08 -11.90 37.28
CA ALA D 442 30.10 -11.01 36.14
C ALA D 442 29.93 -9.55 36.52
N PHE D 443 28.94 -9.23 37.36
CA PHE D 443 28.73 -7.80 37.76
C PHE D 443 29.94 -7.17 38.45
N THR D 444 30.38 -7.80 39.54
CA THR D 444 31.59 -7.39 40.29
C THR D 444 32.79 -7.21 39.31
N ALA D 445 33.03 -8.20 38.47
CA ALA D 445 34.15 -8.10 37.51
C ALA D 445 34.09 -6.85 36.58
N VAL D 446 32.87 -6.53 36.12
CA VAL D 446 32.63 -5.39 35.23
C VAL D 446 32.80 -4.07 36.03
N GLU D 447 32.13 -3.95 37.17
CA GLU D 447 32.38 -2.81 38.11
C GLU D 447 33.87 -2.53 38.40
N ASN D 448 34.71 -3.57 38.38
CA ASN D 448 36.17 -3.46 38.58
C ASN D 448 36.98 -3.42 37.29
N GLY D 449 36.35 -3.07 36.18
CA GLY D 449 37.04 -2.91 34.93
C GLY D 449 37.84 -4.11 34.49
N GLU D 450 37.42 -5.32 34.85
CA GLU D 450 38.20 -6.54 34.55
C GLU D 450 37.76 -7.27 33.28
N VAL D 451 36.89 -6.62 32.48
CA VAL D 451 36.35 -7.15 31.22
C VAL D 451 36.62 -6.16 30.09
N THR D 452 37.26 -6.63 29.00
CA THR D 452 37.49 -5.83 27.75
C THR D 452 36.95 -6.62 26.52
N ILE D 453 36.67 -5.91 25.42
CA ILE D 453 35.75 -6.36 24.36
C ILE D 453 36.29 -6.03 22.97
N GLY D 458 32.28 -7.00 14.60
CA GLY D 458 31.82 -5.70 15.09
C GLY D 458 30.49 -5.68 15.84
N LYS D 459 29.39 -5.47 15.09
CA LYS D 459 28.03 -5.29 15.66
C LYS D 459 27.59 -6.44 16.56
N ILE D 460 27.23 -6.11 17.79
CA ILE D 460 26.74 -7.08 18.76
C ILE D 460 25.27 -6.76 19.09
N GLY D 461 24.43 -7.79 19.00
CA GLY D 461 23.07 -7.73 19.43
C GLY D 461 22.20 -6.82 18.60
N TRP D 462 21.15 -6.35 19.28
CA TRP D 462 20.12 -5.50 18.74
C TRP D 462 20.57 -4.04 18.72
P ILP E . -7.01 18.11 -14.50
O1P ILP E . -6.77 17.42 -13.18
O2P ILP E . -8.11 19.12 -14.56
O3P ILP E . -5.79 18.32 -15.31
O4P ILP E . -7.65 16.86 -15.40
C5A ILP E . -6.97 15.64 -15.51
C5 ILP E . -7.47 14.82 -16.61
N1 ILP E . -8.94 12.96 -17.27
C6 ILP E . -8.42 13.83 -16.33
C2 ILP E . -8.55 13.07 -18.54
C2A ILP E . -9.12 12.17 -19.52
C3 ILP E . -7.56 14.05 -18.84
O3 ILP E . -7.17 14.13 -20.12
C4 ILP E . -7.03 14.96 -17.93
C4A ILP E . -6.03 15.95 -18.21
N ILP E . -5.63 16.06 -19.66
CA ILP E . -4.18 16.26 -20.02
CB ILP E . -3.37 17.35 -19.25
CG2 ILP E . -1.86 16.96 -19.22
CG1 ILP E . -3.47 18.75 -19.89
CD1 ILP E . -2.77 19.80 -19.07
C ILP E . -4.15 16.51 -21.55
O ILP E . -3.07 16.38 -22.17
OXT ILP E . -5.27 16.74 -22.10
CD CD F . 15.61 39.66 -32.19
CD CD G . -6.56 41.58 -30.60
CD CD H . -17.06 37.82 -30.55
CD CD I . -21.71 40.71 -28.65
CD CD J . -18.47 -9.94 -32.44
CD CD K . -17.28 -14.55 -13.32
CD CD L . 3.20 14.13 -49.85
CD CD M . 11.32 10.58 -39.98
CD CD N . 6.83 29.39 -45.14
CD CD O . -35.22 22.20 -9.52
P ILP P . -8.53 22.75 0.04
O1P ILP P . -8.00 21.49 -0.61
O2P ILP P . -8.27 24.00 -0.67
O3P ILP P . -9.79 22.65 0.78
O4P ILP P . -7.52 22.92 1.33
C5A ILP P . -7.22 21.83 2.19
C5 ILP P . -6.62 22.27 3.45
N1 ILP P . -4.59 22.57 4.77
C6 ILP P . -5.24 22.14 3.58
C2 ILP P . -5.26 23.09 5.83
C2A ILP P . -4.47 23.48 7.00
C3 ILP P . -6.66 23.23 5.72
O3 ILP P . -7.35 23.74 6.81
C4 ILP P . -7.37 22.87 4.54
C4A ILP P . -8.79 22.94 4.41
N ILP P . -9.55 23.67 5.46
CA ILP P . -10.76 23.05 6.06
CB ILP P . -11.88 22.76 5.05
CG2 ILP P . -12.83 21.63 5.59
CG1 ILP P . -12.74 24.00 4.72
CD1 ILP P . -13.68 23.74 3.53
C ILP P . -11.29 24.05 7.15
O ILP P . -10.70 25.15 7.18
OXT ILP P . -12.31 23.72 7.85
CD CD Q . 11.86 39.11 -12.86
CD CD R . -26.03 44.96 -0.80
CD CD S . -15.55 48.68 -0.28
CD CD T . 13.21 23.98 27.86
CD CD U . 19.35 9.89 15.46
CD CD V . -22.59 34.35 32.68
CD CD W . -23.99 21.71 28.21
CD CD X . -22.23 52.69 11.36
P ILP Y . 5.80 -23.56 0.70
O1P ILP Y . 6.89 -24.40 1.21
O2P ILP Y . 5.76 -22.16 1.15
O3P ILP Y . 4.45 -24.23 0.48
O4P ILP Y . 6.26 -23.43 -0.87
C5A ILP Y . 5.59 -22.46 -1.59
C5 ILP Y . 5.80 -22.60 -3.00
N1 ILP Y . 6.94 -21.78 -4.96
C6 ILP Y . 6.72 -21.72 -3.60
C2 ILP Y . 6.33 -22.67 -5.78
C2A ILP Y . 6.62 -22.67 -7.18
C3 ILP Y . 5.40 -23.56 -5.20
O3 ILP Y . 4.80 -24.45 -6.07
C4 ILP Y . 5.12 -23.55 -3.80
C4A ILP Y . 4.17 -24.41 -3.16
N ILP Y . 3.51 -25.26 -4.14
CA ILP Y . 2.08 -25.66 -4.12
CB ILP Y . 1.44 -25.93 -2.72
CG2 ILP Y . -0.05 -25.52 -2.78
CG1 ILP Y . 1.55 -27.39 -2.27
CD1 ILP Y . 1.26 -27.48 -0.75
C ILP Y . 1.94 -26.86 -5.11
O ILP Y . 3.00 -27.33 -5.60
OXT ILP Y . 0.79 -27.31 -5.33
CD CD Z . 4.30 -51.58 4.98
CD CD AA . 14.48 -49.04 0.42
CD CD BA . 12.76 -15.79 -32.95
CD CD CA . 22.05 -10.24 -12.92
CD CD DA . 14.17 0.70 -22.03
CD CD EA . -10.03 -43.94 -25.68
CD CD FA . -16.56 -34.20 -19.95
CD CD GA . -11.83 -51.73 -11.52
CD CD HA . 34.88 -24.82 2.84
CD CD IA . 30.19 -35.14 -4.00
P ILP JA . 9.82 -17.18 14.10
O1P ILP JA . 9.60 -18.57 14.50
O2P ILP JA . 9.03 -16.71 12.89
O3P ILP JA . 11.14 -16.54 14.35
O4P ILP JA . 8.97 -16.43 15.31
C5A ILP JA . 8.83 -15.04 15.30
C5 ILP JA . 8.46 -14.49 16.59
N1 ILP JA . 6.63 -13.68 18.03
C6 ILP JA . 7.12 -14.21 16.83
C2 ILP JA . 7.46 -13.36 19.02
C2A ILP JA . 6.89 -12.83 20.19
C3 ILP JA . 8.84 -13.61 18.82
O3 ILP JA . 9.69 -13.34 19.87
C4 ILP JA . 9.38 -14.16 17.63
C4A ILP JA . 10.76 -14.44 17.42
N ILP JA . 11.58 -14.07 18.55
CA ILP JA . 12.95 -13.53 18.40
CB ILP JA . 13.86 -14.04 17.29
CG2 ILP JA . 14.83 -12.93 16.86
CG1 ILP JA . 14.67 -15.26 17.69
CD1 ILP JA . 15.45 -15.79 16.48
C ILP JA . 13.55 -13.59 19.81
O ILP JA . 14.59 -12.91 19.96
OXT ILP JA . 12.89 -14.20 20.72
CD CD KA . 28.71 -34.87 25.94
CD CD LA . 18.38 -36.82 30.64
CD CD MA . -7.50 2.03 38.37
CD CD NA . -16.13 4.37 20.54
CD CD OA . 28.74 -4.75 43.29
CD CD PA . 29.30 1.80 31.46
CD CD QA . 37.96 -15.82 35.19
CD CD RA . -11.30 -36.67 19.26
#